data_1LRT
#
_entry.id   1LRT
#
_cell.length_a   96.144
_cell.length_b   112.369
_cell.length_c   161.997
_cell.angle_alpha   90.00
_cell.angle_beta   90.00
_cell.angle_gamma   90.00
#
_symmetry.space_group_name_H-M   'P 21 21 21'
#
loop_
_entity.id
_entity.type
_entity.pdbx_description
1 polymer "INOSINE-5'-MONOPHOSPHATE DEHYDROGENASE"
2 non-polymer 'octyl beta-D-glucopyranoside'
3 non-polymer 'POTASSIUM ION'
4 non-polymer 'INOSINIC ACID'
5 non-polymer 'BETA-METHYLENE-THIAZOLE-4-CARBOXYAMIDE-ADENINE DINUCLEOTIDE'
6 non-polymer 2-AMINO-2-HYDROXYMETHYL-PROPANE-1,3-DIOL
7 water water
#
_entity_poly.entity_id   1
_entity_poly.type   'polypeptide(L)'
_entity_poly.pdbx_seq_one_letter_code
;AKYYNEPCHTFNEYLLIPGLSTVDCIPSNVNLSTPLVKFQKGQQSEINLKIPLVSAIMQSVSGEKMAIALAREGGISFIF
GSQSIESQAAMVHAVKNFKDSQKRYLVGAGINTRDFRERVPALVEAGADVLCIDSSDGFSEWQKITIGWIRDKYGDKVKV
GAGNIVDGEGFRYLADAGADFIKIGIGGGSICITREQKGIGRGQATAVIDVVAERNKYFEETGIYIPVCSDGGIVYDYHM
TLALAMGADFIMLGRYFARFEESPTRKVTINGSVMKEYWGEGSSRARNWQRYDLGGKQKLSFEEGVDSYVPYAGKLKDNV
EASLNKVKSTMCNCGALTIPQLQSKAKITLVSSVSIVEGGAHDVIVKDRINDYHPK
;
_entity_poly.pdbx_strand_id   A,B,C,D
#
# COMPACT_ATOMS: atom_id res chain seq x y z
N ALA A 1 20.78 -13.16 9.78
CA ALA A 1 20.72 -12.05 8.83
C ALA A 1 20.38 -10.74 9.53
N LYS A 2 20.58 -9.61 8.84
CA LYS A 2 20.27 -8.29 9.38
C LYS A 2 19.06 -7.71 8.66
N TYR A 3 18.08 -7.21 9.42
CA TYR A 3 16.87 -6.64 8.84
C TYR A 3 16.72 -5.15 9.14
N TYR A 4 15.92 -4.46 8.33
CA TYR A 4 15.71 -3.03 8.51
C TYR A 4 14.32 -2.69 9.05
N ASN A 5 14.26 -1.70 9.93
CA ASN A 5 13.01 -1.27 10.54
C ASN A 5 12.00 -0.61 9.61
N GLU A 6 12.39 -0.41 8.35
CA GLU A 6 11.48 0.27 7.43
C GLU A 6 11.74 -0.08 5.97
N PRO A 7 10.67 -0.12 5.15
CA PRO A 7 10.83 -0.44 3.72
C PRO A 7 11.49 0.71 2.96
N CYS A 8 12.28 0.37 1.94
CA CYS A 8 12.96 1.39 1.15
C CYS A 8 11.96 2.03 0.18
N HIS A 9 12.21 3.28 -0.20
CA HIS A 9 11.30 4.00 -1.11
C HIS A 9 11.98 4.56 -2.35
N THR A 10 11.18 4.84 -3.38
CA THR A 10 11.67 5.42 -4.62
C THR A 10 11.30 6.90 -4.67
N PHE A 11 11.84 7.62 -5.66
CA PHE A 11 11.56 9.06 -5.82
C PHE A 11 10.08 9.39 -5.98
N ASN A 12 9.32 8.52 -6.63
CA ASN A 12 7.88 8.75 -6.85
C ASN A 12 7.06 8.78 -5.56
N GLU A 13 7.70 8.50 -4.43
CA GLU A 13 7.01 8.49 -3.15
C GLU A 13 7.22 9.75 -2.33
N TYR A 14 7.88 10.75 -2.92
CA TYR A 14 8.12 11.97 -2.18
C TYR A 14 7.66 13.26 -2.87
N LEU A 15 7.42 14.28 -2.04
CA LEU A 15 7.04 15.59 -2.52
C LEU A 15 7.75 16.60 -1.64
N LEU A 16 7.98 17.78 -2.19
CA LEU A 16 8.64 18.86 -1.47
C LEU A 16 7.59 19.83 -0.95
N ILE A 17 7.73 20.21 0.31
CA ILE A 17 6.82 21.17 0.92
C ILE A 17 7.52 22.54 0.84
N PRO A 18 6.86 23.55 0.29
CA PRO A 18 7.48 24.88 0.16
C PRO A 18 7.97 25.52 1.46
N GLY A 19 9.02 26.32 1.33
CA GLY A 19 9.57 27.04 2.47
C GLY A 19 9.41 28.52 2.13
N LEU A 20 10.01 29.41 2.92
CA LEU A 20 9.91 30.84 2.66
C LEU A 20 10.67 31.25 1.39
N SER A 21 9.95 31.85 0.43
CA SER A 21 10.58 32.31 -0.79
C SER A 21 10.84 33.80 -0.66
N THR A 22 12.08 34.22 -0.89
CA THR A 22 12.44 35.63 -0.76
C THR A 22 12.26 36.34 -2.09
N VAL A 23 12.11 37.66 -2.03
CA VAL A 23 11.92 38.46 -3.22
C VAL A 23 13.04 38.26 -4.25
N ASP A 24 14.24 37.97 -3.79
CA ASP A 24 15.35 37.79 -4.73
C ASP A 24 15.53 36.36 -5.22
N CYS A 25 14.74 35.41 -4.72
CA CYS A 25 14.89 34.05 -5.21
C CYS A 25 14.07 33.86 -6.47
N ILE A 26 14.71 34.08 -7.60
CA ILE A 26 14.09 33.91 -8.89
C ILE A 26 15.02 32.97 -9.64
N PRO A 27 14.47 32.10 -10.50
CA PRO A 27 15.28 31.16 -11.27
C PRO A 27 16.59 31.72 -11.81
N SER A 28 16.54 32.93 -12.35
CA SER A 28 17.72 33.56 -12.93
C SER A 28 18.87 33.80 -11.95
N ASN A 29 18.58 33.80 -10.66
CA ASN A 29 19.62 34.01 -9.65
C ASN A 29 20.08 32.70 -9.01
N VAL A 30 19.36 31.62 -9.29
CA VAL A 30 19.71 30.32 -8.73
C VAL A 30 21.04 29.79 -9.27
N ASN A 31 21.95 29.46 -8.36
CA ASN A 31 23.25 28.93 -8.75
C ASN A 31 23.18 27.39 -8.66
N LEU A 32 23.44 26.73 -9.78
CA LEU A 32 23.37 25.27 -9.83
C LEU A 32 24.73 24.56 -9.84
N SER A 33 25.82 25.30 -9.59
CA SER A 33 27.14 24.67 -9.58
C SER A 33 27.23 23.72 -8.38
N THR A 34 28.01 22.66 -8.52
CA THR A 34 28.13 21.69 -7.45
C THR A 34 29.53 21.04 -7.49
N PRO A 35 30.01 20.53 -6.33
CA PRO A 35 31.33 19.89 -6.25
C PRO A 35 31.36 18.47 -6.82
N LEU A 36 32.44 18.15 -7.52
CA LEU A 36 32.59 16.82 -8.13
C LEU A 36 33.49 15.90 -7.33
N VAL A 37 34.53 16.46 -6.72
CA VAL A 37 35.48 15.67 -5.95
C VAL A 37 35.72 16.19 -4.53
N LYS A 38 36.00 15.26 -3.63
CA LYS A 38 36.19 15.56 -2.21
C LYS A 38 37.19 16.69 -1.95
N PHE A 39 36.91 17.44 -0.90
CA PHE A 39 37.73 18.58 -0.49
C PHE A 39 37.58 18.68 1.03
N GLN A 40 38.32 19.58 1.66
CA GLN A 40 38.23 19.70 3.12
C GLN A 40 37.32 20.82 3.59
N LYS A 41 36.92 20.72 4.86
CA LYS A 41 36.05 21.70 5.48
C LYS A 41 36.50 23.13 5.21
N GLY A 42 35.55 23.97 4.81
CA GLY A 42 35.83 25.36 4.55
C GLY A 42 36.37 25.63 3.16
N GLN A 43 36.83 24.58 2.47
CA GLN A 43 37.39 24.76 1.15
C GLN A 43 36.44 24.51 0.00
N GLN A 44 37.00 24.52 -1.21
CA GLN A 44 36.23 24.34 -2.43
C GLN A 44 36.80 23.14 -3.18
N SER A 45 35.94 22.39 -3.87
CA SER A 45 36.38 21.22 -4.63
C SER A 45 37.23 21.71 -5.78
N GLU A 46 38.19 20.89 -6.21
CA GLU A 46 39.07 21.26 -7.32
C GLU A 46 38.30 21.21 -8.64
N ILE A 47 37.17 20.52 -8.64
CA ILE A 47 36.36 20.42 -9.84
C ILE A 47 34.90 20.68 -9.50
N ASN A 48 34.39 21.81 -10.00
CA ASN A 48 33.02 22.20 -9.77
C ASN A 48 32.29 22.28 -11.09
N LEU A 49 31.13 21.61 -11.17
CA LEU A 49 30.33 21.66 -12.39
C LEU A 49 29.42 22.88 -12.32
N LYS A 50 28.92 23.34 -13.45
CA LYS A 50 28.01 24.48 -13.45
C LYS A 50 26.57 23.96 -13.29
N ILE A 51 26.37 22.68 -13.62
CA ILE A 51 25.08 22.02 -13.46
C ILE A 51 25.37 20.63 -12.90
N PRO A 52 24.50 20.11 -12.02
CA PRO A 52 24.64 18.80 -11.38
C PRO A 52 24.24 17.56 -12.18
N LEU A 53 24.45 17.59 -13.50
CA LEU A 53 24.08 16.44 -14.33
C LEU A 53 25.29 15.82 -15.01
N VAL A 54 25.40 14.50 -14.96
CA VAL A 54 26.49 13.78 -15.62
C VAL A 54 25.88 12.58 -16.33
N SER A 55 26.44 12.23 -17.49
CA SER A 55 25.91 11.11 -18.26
C SER A 55 26.51 9.79 -17.84
N ALA A 56 25.68 8.75 -17.91
CA ALA A 56 26.06 7.40 -17.50
C ALA A 56 27.21 6.78 -18.28
N ILE A 57 27.90 5.87 -17.60
CA ILE A 57 29.03 5.17 -18.18
C ILE A 57 28.44 4.01 -19.00
N MET A 58 27.87 4.37 -20.15
CA MET A 58 27.21 3.41 -21.02
C MET A 58 27.50 3.62 -22.51
N GLN A 59 27.68 2.52 -23.24
CA GLN A 59 27.94 2.57 -24.68
C GLN A 59 26.84 3.35 -25.39
N SER A 60 25.61 3.20 -24.91
CA SER A 60 24.46 3.87 -25.52
C SER A 60 24.22 5.32 -25.12
N VAL A 61 25.11 5.91 -24.34
CA VAL A 61 24.89 7.30 -23.99
C VAL A 61 26.09 8.23 -23.93
N SER A 62 27.19 7.80 -23.31
CA SER A 62 28.36 8.67 -23.19
C SER A 62 29.48 8.50 -24.21
N GLY A 63 29.23 8.99 -25.43
CA GLY A 63 30.22 8.95 -26.48
C GLY A 63 30.84 10.33 -26.60
N GLU A 64 31.61 10.57 -27.66
CA GLU A 64 32.26 11.85 -27.88
C GLU A 64 31.32 13.03 -27.99
N LYS A 65 30.29 12.90 -28.81
CA LYS A 65 29.32 13.98 -29.00
C LYS A 65 28.58 14.35 -27.74
N MET A 66 28.22 13.36 -26.94
CA MET A 66 27.51 13.59 -25.69
C MET A 66 28.42 14.40 -24.77
N ALA A 67 29.65 13.91 -24.63
CA ALA A 67 30.66 14.54 -23.78
C ALA A 67 30.83 16.02 -24.10
N ILE A 68 30.92 16.35 -25.38
CA ILE A 68 31.08 17.74 -25.80
C ILE A 68 29.81 18.55 -25.50
N ALA A 69 28.66 18.02 -25.91
CA ALA A 69 27.39 18.73 -25.69
C ALA A 69 27.07 18.96 -24.21
N LEU A 70 27.31 17.96 -23.37
CA LEU A 70 27.02 18.11 -21.95
C LEU A 70 28.02 19.03 -21.25
N ALA A 71 29.30 18.93 -21.61
CA ALA A 71 30.32 19.79 -21.00
C ALA A 71 30.00 21.24 -21.33
N ARG A 72 29.49 21.47 -22.53
CA ARG A 72 29.11 22.81 -22.96
C ARG A 72 28.02 23.41 -22.07
N GLU A 73 27.12 22.57 -21.57
CA GLU A 73 26.05 23.07 -20.72
C GLU A 73 26.47 23.19 -19.26
N GLY A 74 27.70 22.77 -18.95
CA GLY A 74 28.18 22.87 -17.59
C GLY A 74 28.30 21.53 -16.86
N GLY A 75 27.90 20.46 -17.53
CA GLY A 75 27.98 19.15 -16.92
C GLY A 75 29.23 18.39 -17.34
N ILE A 76 29.20 17.07 -17.20
CA ILE A 76 30.34 16.27 -17.59
C ILE A 76 29.88 14.85 -17.89
N SER A 77 30.56 14.20 -18.83
CA SER A 77 30.23 12.83 -19.21
C SER A 77 31.36 11.89 -18.80
N PHE A 78 31.01 10.62 -18.61
CA PHE A 78 32.01 9.64 -18.25
C PHE A 78 32.07 8.62 -19.39
N ILE A 79 33.00 8.83 -20.33
CA ILE A 79 33.13 7.96 -21.48
C ILE A 79 33.13 6.51 -21.00
N PHE A 80 32.25 5.71 -21.61
CA PHE A 80 32.10 4.31 -21.23
C PHE A 80 33.40 3.53 -21.36
N GLY A 81 33.56 2.54 -20.50
CA GLY A 81 34.78 1.73 -20.49
C GLY A 81 34.63 0.38 -21.15
N SER A 82 33.43 0.07 -21.62
CA SER A 82 33.16 -1.20 -22.29
C SER A 82 33.63 -1.11 -23.74
N GLN A 83 34.92 -0.87 -23.90
CA GLN A 83 35.59 -0.76 -25.20
C GLN A 83 37.08 -0.89 -24.89
N SER A 84 37.91 -0.99 -25.92
CA SER A 84 39.34 -1.12 -25.71
C SER A 84 39.92 0.14 -25.09
N ILE A 85 41.06 -0.01 -24.43
CA ILE A 85 41.74 1.10 -23.80
C ILE A 85 42.14 2.15 -24.84
N GLU A 86 42.50 1.70 -26.03
CA GLU A 86 42.90 2.61 -27.09
C GLU A 86 41.71 3.44 -27.56
N SER A 87 40.57 2.79 -27.78
CA SER A 87 39.38 3.50 -28.23
C SER A 87 38.93 4.53 -27.21
N GLN A 88 38.78 4.11 -25.96
CA GLN A 88 38.34 5.02 -24.91
C GLN A 88 39.30 6.20 -24.75
N ALA A 89 40.60 5.93 -24.80
CA ALA A 89 41.59 6.99 -24.68
C ALA A 89 41.46 7.94 -25.88
N ALA A 90 41.19 7.36 -27.04
CA ALA A 90 41.04 8.14 -28.26
C ALA A 90 39.85 9.09 -28.09
N MET A 91 38.74 8.57 -27.56
CA MET A 91 37.54 9.39 -27.34
C MET A 91 37.82 10.57 -26.40
N VAL A 92 38.46 10.26 -25.28
CA VAL A 92 38.79 11.27 -24.30
C VAL A 92 39.67 12.35 -24.91
N HIS A 93 40.64 11.92 -25.71
CA HIS A 93 41.55 12.85 -26.34
C HIS A 93 40.81 13.80 -27.27
N ALA A 94 39.93 13.23 -28.09
CA ALA A 94 39.15 14.02 -29.04
C ALA A 94 38.26 15.04 -28.35
N VAL A 95 37.74 14.69 -27.18
CA VAL A 95 36.88 15.61 -26.45
C VAL A 95 37.73 16.73 -25.86
N LYS A 96 38.86 16.37 -25.28
CA LYS A 96 39.75 17.37 -24.67
C LYS A 96 40.34 18.31 -25.73
N ASN A 97 40.49 17.81 -26.95
CA ASN A 97 41.06 18.63 -28.03
C ASN A 97 40.04 19.12 -29.03
N PHE A 98 38.82 19.34 -28.60
CA PHE A 98 37.78 19.81 -29.50
C PHE A 98 37.87 21.33 -29.66
N LYS A 99 37.98 22.03 -28.53
CA LYS A 99 38.06 23.50 -28.43
C LYS A 99 37.01 24.03 -27.47
N ARG A 104 39.01 24.56 -22.37
CA ARG A 104 38.92 23.15 -22.76
C ARG A 104 37.73 22.50 -22.05
N TYR A 105 37.12 21.52 -22.71
CA TYR A 105 35.98 20.83 -22.13
C TYR A 105 36.39 19.77 -21.13
N LEU A 106 35.68 19.71 -20.01
CA LEU A 106 35.92 18.72 -18.97
C LEU A 106 35.35 17.39 -19.46
N VAL A 107 36.01 16.29 -19.10
CA VAL A 107 35.50 14.99 -19.50
C VAL A 107 35.99 13.94 -18.51
N GLY A 108 35.14 12.93 -18.28
CA GLY A 108 35.52 11.88 -17.35
C GLY A 108 35.62 10.58 -18.08
N ALA A 109 36.00 9.52 -17.37
CA ALA A 109 36.11 8.22 -18.00
C ALA A 109 35.87 7.08 -17.02
N GLY A 110 35.15 6.06 -17.48
CA GLY A 110 34.88 4.91 -16.65
C GLY A 110 36.02 3.89 -16.74
N ILE A 111 36.34 3.28 -15.61
CA ILE A 111 37.38 2.27 -15.58
C ILE A 111 36.82 1.05 -14.85
N ASN A 112 37.49 -0.07 -14.96
CA ASN A 112 37.04 -1.28 -14.29
C ASN A 112 38.09 -1.72 -13.28
N THR A 113 37.76 -2.69 -12.43
CA THR A 113 38.71 -3.16 -11.42
C THR A 113 39.59 -4.29 -11.93
N ARG A 114 39.68 -4.45 -13.24
CA ARG A 114 40.50 -5.50 -13.85
C ARG A 114 41.77 -5.00 -14.54
N ASP A 115 41.60 -4.19 -15.59
CA ASP A 115 42.74 -3.67 -16.36
C ASP A 115 43.15 -2.24 -16.04
N PHE A 116 42.85 -1.78 -14.84
CA PHE A 116 43.19 -0.43 -14.44
C PHE A 116 44.68 -0.13 -14.54
N ARG A 117 45.51 -1.16 -14.35
CA ARG A 117 46.95 -0.97 -14.41
C ARG A 117 47.42 -0.25 -15.67
N GLU A 118 46.84 -0.56 -16.83
CA GLU A 118 47.24 0.15 -18.03
C GLU A 118 46.14 1.08 -18.55
N ARG A 119 44.91 0.85 -18.11
CA ARG A 119 43.80 1.67 -18.54
C ARG A 119 43.86 3.08 -17.93
N VAL A 120 44.21 3.16 -16.66
CA VAL A 120 44.30 4.44 -15.98
C VAL A 120 45.37 5.37 -16.58
N PRO A 121 46.59 4.86 -16.79
CA PRO A 121 47.65 5.72 -17.36
C PRO A 121 47.28 6.27 -18.73
N ALA A 122 46.65 5.45 -19.55
CA ALA A 122 46.25 5.86 -20.89
C ALA A 122 45.20 6.97 -20.81
N LEU A 123 44.18 6.77 -19.98
CA LEU A 123 43.12 7.75 -19.82
C LEU A 123 43.67 9.05 -19.26
N VAL A 124 44.59 8.94 -18.30
CA VAL A 124 45.21 10.11 -17.70
C VAL A 124 46.01 10.83 -18.78
N GLU A 125 46.79 10.07 -19.54
CA GLU A 125 47.59 10.63 -20.62
C GLU A 125 46.70 11.30 -21.67
N ALA A 126 45.58 10.66 -21.98
CA ALA A 126 44.65 11.19 -22.97
C ALA A 126 44.04 12.53 -22.54
N GLY A 127 44.19 12.86 -21.27
CA GLY A 127 43.64 14.11 -20.78
C GLY A 127 42.34 14.05 -19.99
N ALA A 128 41.98 12.88 -19.49
CA ALA A 128 40.75 12.74 -18.69
C ALA A 128 40.89 13.55 -17.39
N ASP A 129 39.84 14.29 -17.02
CA ASP A 129 39.89 15.09 -15.81
C ASP A 129 39.53 14.32 -14.54
N VAL A 130 38.74 13.26 -14.70
CA VAL A 130 38.32 12.45 -13.58
C VAL A 130 37.94 11.07 -14.09
N LEU A 131 38.12 10.07 -13.23
CA LEU A 131 37.80 8.69 -13.58
C LEU A 131 36.75 8.18 -12.62
N CYS A 132 36.12 7.07 -12.96
CA CYS A 132 35.13 6.49 -12.08
C CYS A 132 35.07 4.98 -12.24
N ILE A 133 35.30 4.25 -11.15
CA ILE A 133 35.25 2.80 -11.18
C ILE A 133 33.79 2.43 -11.41
N ASP A 134 33.55 1.72 -12.50
CA ASP A 134 32.23 1.31 -12.95
C ASP A 134 31.83 -0.09 -12.46
N SER A 135 30.80 -0.18 -11.62
CA SER A 135 30.36 -1.47 -11.09
C SER A 135 28.95 -1.43 -10.50
N SER A 136 28.27 -2.56 -10.53
CA SER A 136 26.92 -2.67 -9.98
C SER A 136 27.00 -2.92 -8.48
N ASP A 137 28.21 -3.24 -8.01
CA ASP A 137 28.42 -3.46 -6.59
C ASP A 137 29.84 -3.05 -6.23
N GLY A 138 29.96 -1.79 -5.80
CA GLY A 138 31.27 -1.24 -5.45
C GLY A 138 31.77 -1.59 -4.06
N PHE A 139 30.95 -2.28 -3.28
CA PHE A 139 31.36 -2.67 -1.94
C PHE A 139 32.26 -3.92 -2.07
N SER A 140 33.48 -3.73 -2.55
CA SER A 140 34.41 -4.84 -2.71
C SER A 140 35.86 -4.43 -2.55
N GLU A 141 36.70 -5.39 -2.18
CA GLU A 141 38.12 -5.16 -1.99
C GLU A 141 38.78 -4.71 -3.29
N TRP A 142 38.19 -5.12 -4.41
CA TRP A 142 38.72 -4.74 -5.72
C TRP A 142 38.70 -3.24 -5.94
N GLN A 143 37.69 -2.55 -5.39
CA GLN A 143 37.60 -1.10 -5.54
C GLN A 143 38.65 -0.48 -4.64
N LYS A 144 38.82 -1.04 -3.45
CA LYS A 144 39.82 -0.52 -2.52
C LYS A 144 41.20 -0.71 -3.14
N ILE A 145 41.40 -1.86 -3.75
CA ILE A 145 42.68 -2.19 -4.40
C ILE A 145 42.97 -1.24 -5.57
N THR A 146 41.96 -1.02 -6.41
CA THR A 146 42.11 -0.13 -7.56
C THR A 146 42.45 1.28 -7.13
N ILE A 147 41.73 1.82 -6.17
CA ILE A 147 42.00 3.18 -5.71
C ILE A 147 43.38 3.20 -5.07
N GLY A 148 43.69 2.15 -4.31
CA GLY A 148 44.99 2.07 -3.66
C GLY A 148 46.11 2.17 -4.68
N TRP A 149 46.02 1.40 -5.75
CA TRP A 149 47.04 1.45 -6.79
C TRP A 149 47.19 2.87 -7.33
N ILE A 150 46.06 3.50 -7.64
CA ILE A 150 46.07 4.85 -8.18
C ILE A 150 46.74 5.84 -7.23
N ARG A 151 46.40 5.77 -5.95
CA ARG A 151 46.98 6.68 -4.96
C ARG A 151 48.47 6.43 -4.85
N ASP A 152 48.84 5.16 -4.96
CA ASP A 152 50.23 4.75 -4.87
C ASP A 152 51.05 5.37 -6.00
N LYS A 153 50.47 5.40 -7.19
CA LYS A 153 51.16 5.94 -8.36
C LYS A 153 51.03 7.44 -8.61
N TYR A 154 49.84 8.02 -8.37
CA TYR A 154 49.66 9.45 -8.62
C TYR A 154 49.25 10.26 -7.41
N GLY A 155 49.16 9.62 -6.24
CA GLY A 155 48.75 10.35 -5.07
C GLY A 155 47.37 10.96 -5.29
N ASP A 156 47.20 12.22 -4.89
CA ASP A 156 45.93 12.92 -5.05
C ASP A 156 45.78 13.64 -6.38
N LYS A 157 46.75 13.45 -7.28
CA LYS A 157 46.72 14.11 -8.58
C LYS A 157 45.66 13.54 -9.53
N VAL A 158 45.28 12.29 -9.32
CA VAL A 158 44.27 11.68 -10.16
C VAL A 158 42.99 11.46 -9.36
N LYS A 159 41.90 12.07 -9.83
CA LYS A 159 40.61 11.98 -9.17
C LYS A 159 39.82 10.76 -9.66
N VAL A 160 39.41 9.91 -8.73
CA VAL A 160 38.67 8.71 -9.10
C VAL A 160 37.40 8.51 -8.28
N GLY A 161 36.27 8.41 -8.98
CA GLY A 161 34.99 8.20 -8.31
C GLY A 161 34.88 6.72 -8.10
N ALA A 162 33.98 6.27 -7.23
CA ALA A 162 33.90 4.84 -7.01
C ALA A 162 32.59 4.25 -6.55
N GLY A 163 32.53 2.93 -6.69
CA GLY A 163 31.43 2.13 -6.23
C GLY A 163 30.12 1.83 -6.90
N ASN A 164 29.13 2.31 -6.15
CA ASN A 164 27.71 2.18 -6.37
C ASN A 164 27.34 1.29 -5.20
N ILE A 165 27.03 1.98 -4.13
CA ILE A 165 26.63 1.35 -2.90
C ILE A 165 25.26 1.93 -2.66
N VAL A 166 24.57 1.43 -1.64
CA VAL A 166 23.24 1.93 -1.35
C VAL A 166 23.03 2.14 0.14
N ASP A 167 24.10 2.02 0.93
CA ASP A 167 23.97 2.22 2.37
C ASP A 167 25.23 2.84 2.99
N GLY A 168 25.10 3.27 4.25
CA GLY A 168 26.23 3.88 4.94
C GLY A 168 27.48 3.03 5.05
N GLU A 169 27.30 1.73 5.25
CA GLU A 169 28.41 0.80 5.38
C GLU A 169 29.23 0.77 4.08
N GLY A 170 28.54 0.73 2.95
CA GLY A 170 29.23 0.71 1.67
C GLY A 170 29.98 2.02 1.46
N PHE A 171 29.34 3.13 1.80
CA PHE A 171 29.94 4.46 1.66
C PHE A 171 31.20 4.58 2.50
N ARG A 172 31.06 4.23 3.78
CA ARG A 172 32.16 4.29 4.75
C ARG A 172 33.39 3.54 4.21
N TYR A 173 33.16 2.37 3.64
CA TYR A 173 34.25 1.57 3.09
C TYR A 173 34.97 2.31 1.96
N LEU A 174 34.19 2.75 0.97
CA LEU A 174 34.78 3.46 -0.17
C LEU A 174 35.41 4.78 0.27
N ALA A 175 34.82 5.44 1.26
CA ALA A 175 35.38 6.70 1.75
C ALA A 175 36.77 6.44 2.34
N ASP A 176 36.88 5.45 3.23
CA ASP A 176 38.19 5.14 3.83
C ASP A 176 39.20 4.67 2.80
N ALA A 177 38.71 4.06 1.72
CA ALA A 177 39.58 3.57 0.64
C ALA A 177 40.18 4.71 -0.18
N GLY A 178 39.61 5.91 -0.07
CA GLY A 178 40.16 7.05 -0.80
C GLY A 178 39.37 7.65 -1.95
N ALA A 179 38.20 7.10 -2.25
CA ALA A 179 37.36 7.59 -3.35
C ALA A 179 37.14 9.10 -3.32
N ASP A 180 37.19 9.73 -4.49
CA ASP A 180 37.00 11.17 -4.58
C ASP A 180 35.52 11.54 -4.55
N PHE A 181 34.68 10.59 -4.93
CA PHE A 181 33.23 10.74 -4.87
C PHE A 181 32.69 9.33 -4.89
N ILE A 182 31.49 9.16 -4.34
CA ILE A 182 30.88 7.85 -4.26
C ILE A 182 29.53 7.86 -4.94
N LYS A 183 29.32 6.86 -5.80
CA LYS A 183 28.10 6.74 -6.58
C LYS A 183 27.10 5.81 -5.91
N ILE A 184 25.86 6.25 -5.86
CA ILE A 184 24.76 5.53 -5.23
C ILE A 184 23.76 4.99 -6.23
N GLY A 185 23.36 3.73 -6.07
CA GLY A 185 22.36 3.19 -6.96
C GLY A 185 22.50 1.75 -7.43
N ILE A 186 21.62 0.89 -6.95
CA ILE A 186 21.64 -0.49 -7.38
C ILE A 186 20.20 -0.96 -7.55
N GLY A 187 19.82 -1.21 -8.81
CA GLY A 187 18.49 -1.68 -9.11
C GLY A 187 17.47 -0.60 -9.45
N GLY A 188 17.85 0.66 -9.30
CA GLY A 188 16.94 1.75 -9.59
C GLY A 188 16.95 2.17 -11.05
N GLY A 189 17.96 1.73 -11.80
CA GLY A 189 18.05 2.08 -13.20
C GLY A 189 16.79 1.73 -13.96
N SER A 190 16.53 2.47 -15.04
CA SER A 190 15.34 2.23 -15.86
C SER A 190 15.41 0.92 -16.64
N ILE A 191 16.61 0.52 -17.04
CA ILE A 191 16.79 -0.72 -17.79
C ILE A 191 17.14 -1.92 -16.92
N CYS A 192 16.80 -1.83 -15.63
CA CYS A 192 17.08 -2.90 -14.69
C CYS A 192 15.90 -3.88 -14.63
N GLU A 196 14.75 -8.48 -9.51
CA GLU A 196 14.40 -9.11 -10.77
C GLU A 196 15.31 -10.30 -11.06
N GLN A 197 16.61 -10.02 -11.20
CA GLN A 197 17.60 -11.04 -11.48
C GLN A 197 18.27 -11.55 -10.22
N LYS A 198 19.22 -10.77 -9.70
CA LYS A 198 19.94 -11.18 -8.50
C LYS A 198 19.22 -10.75 -7.21
N GLY A 199 18.28 -9.82 -7.34
CA GLY A 199 17.52 -9.37 -6.19
C GLY A 199 18.30 -8.54 -5.18
N ILE A 200 19.29 -7.80 -5.67
CA ILE A 200 20.07 -6.93 -4.82
C ILE A 200 19.72 -5.50 -5.21
N GLY A 201 19.76 -4.59 -4.25
CA GLY A 201 19.44 -3.21 -4.53
C GLY A 201 18.69 -2.53 -3.41
N ARG A 202 18.14 -1.36 -3.72
CA ARG A 202 17.42 -0.60 -2.72
C ARG A 202 16.73 0.57 -3.40
N GLY A 203 15.58 0.97 -2.89
CA GLY A 203 14.89 2.12 -3.47
C GLY A 203 15.88 3.26 -3.51
N GLN A 204 15.92 3.97 -4.63
CA GLN A 204 16.87 5.06 -4.83
C GLN A 204 16.81 6.19 -3.80
N ALA A 205 15.60 6.59 -3.41
CA ALA A 205 15.44 7.66 -2.43
C ALA A 205 16.08 7.26 -1.10
N THR A 206 15.66 6.11 -0.58
CA THR A 206 16.20 5.62 0.68
C THR A 206 17.72 5.44 0.59
N ALA A 207 18.20 4.92 -0.54
CA ALA A 207 19.64 4.72 -0.69
C ALA A 207 20.36 6.07 -0.59
N VAL A 208 19.87 7.08 -1.29
CA VAL A 208 20.50 8.40 -1.23
C VAL A 208 20.44 8.99 0.17
N ILE A 209 19.25 8.95 0.78
CA ILE A 209 19.06 9.48 2.12
C ILE A 209 19.98 8.85 3.15
N ASP A 210 20.12 7.54 3.11
CA ASP A 210 20.97 6.81 4.05
C ASP A 210 22.47 7.05 3.82
N VAL A 211 22.88 7.07 2.57
CA VAL A 211 24.29 7.30 2.25
C VAL A 211 24.65 8.73 2.66
N VAL A 212 23.78 9.67 2.33
CA VAL A 212 24.00 11.07 2.67
C VAL A 212 24.18 11.25 4.19
N ALA A 213 23.34 10.60 4.98
CA ALA A 213 23.45 10.70 6.43
C ALA A 213 24.83 10.21 6.85
N GLU A 214 25.31 9.14 6.23
CA GLU A 214 26.62 8.61 6.57
C GLU A 214 27.73 9.58 6.12
N ARG A 215 27.52 10.20 4.96
CA ARG A 215 28.49 11.14 4.39
C ARG A 215 28.65 12.34 5.30
N ASN A 216 27.55 12.81 5.90
CA ASN A 216 27.61 13.95 6.80
C ASN A 216 28.27 13.60 8.13
N LYS A 217 28.11 12.35 8.56
CA LYS A 217 28.75 11.89 9.79
C LYS A 217 30.25 11.84 9.53
N TYR A 218 30.62 11.27 8.39
CA TYR A 218 32.02 11.13 7.98
C TYR A 218 32.67 12.51 7.94
N PHE A 219 31.94 13.49 7.41
CA PHE A 219 32.44 14.85 7.31
C PHE A 219 32.72 15.43 8.71
N GLU A 220 31.79 15.20 9.64
CA GLU A 220 31.98 15.71 11.00
C GLU A 220 33.22 15.08 11.63
N GLU A 221 33.41 13.80 11.35
CA GLU A 221 34.53 13.04 11.89
C GLU A 221 35.90 13.37 11.30
N THR A 222 35.95 13.54 9.98
CA THR A 222 37.21 13.78 9.30
C THR A 222 37.48 15.17 8.74
N GLY A 223 36.43 15.98 8.60
CA GLY A 223 36.63 17.30 8.02
C GLY A 223 36.72 17.18 6.51
N ILE A 224 36.42 15.99 6.00
CA ILE A 224 36.47 15.75 4.56
C ILE A 224 35.08 15.56 3.96
N TYR A 225 34.73 16.42 3.01
CA TYR A 225 33.43 16.32 2.36
C TYR A 225 33.51 15.49 1.08
N ILE A 226 32.79 14.38 1.05
CA ILE A 226 32.81 13.53 -0.13
C ILE A 226 31.51 13.64 -0.92
N PRO A 227 31.58 14.26 -2.10
CA PRO A 227 30.39 14.41 -2.93
C PRO A 227 29.83 13.03 -3.25
N VAL A 228 28.50 12.93 -3.32
CA VAL A 228 27.88 11.67 -3.68
C VAL A 228 27.00 11.88 -4.90
N CYS A 229 26.92 10.86 -5.73
CA CYS A 229 26.15 10.90 -6.95
C CYS A 229 24.96 9.95 -6.92
N SER A 230 23.76 10.47 -7.21
CA SER A 230 22.57 9.64 -7.25
C SER A 230 22.52 9.12 -8.70
N ASP A 231 22.77 7.83 -8.86
CA ASP A 231 22.81 7.24 -10.19
C ASP A 231 21.61 6.38 -10.55
N GLY A 232 20.85 6.83 -11.55
CA GLY A 232 19.69 6.08 -11.99
C GLY A 232 18.38 6.38 -11.27
N GLY A 233 17.29 5.91 -11.87
CA GLY A 233 15.99 6.10 -11.27
C GLY A 233 15.30 7.42 -11.55
N ILE A 234 15.94 8.30 -12.30
CA ILE A 234 15.33 9.60 -12.64
C ILE A 234 14.34 9.44 -13.80
N VAL A 235 13.06 9.60 -13.50
CA VAL A 235 11.99 9.48 -14.49
C VAL A 235 11.48 10.86 -14.92
N TYR A 236 11.23 11.74 -13.95
CA TYR A 236 10.72 13.08 -14.23
C TYR A 236 11.70 14.13 -13.75
N ASP A 237 11.57 15.34 -14.28
CA ASP A 237 12.43 16.44 -13.90
C ASP A 237 12.44 16.70 -12.38
N TYR A 238 11.28 16.64 -11.74
CA TYR A 238 11.22 16.90 -10.31
C TYR A 238 12.02 15.88 -9.48
N HIS A 239 12.32 14.73 -10.07
CA HIS A 239 13.12 13.72 -9.37
C HIS A 239 14.53 14.28 -9.16
N MET A 240 14.93 15.18 -10.06
CA MET A 240 16.26 15.80 -9.97
C MET A 240 16.34 16.65 -8.71
N THR A 241 15.33 17.51 -8.54
CA THR A 241 15.25 18.40 -7.40
C THR A 241 15.22 17.59 -6.11
N LEU A 242 14.39 16.53 -6.08
CA LEU A 242 14.30 15.67 -4.91
C LEU A 242 15.65 15.05 -4.55
N ALA A 243 16.32 14.48 -5.56
CA ALA A 243 17.63 13.85 -5.37
C ALA A 243 18.61 14.86 -4.80
N LEU A 244 18.61 16.06 -5.36
CA LEU A 244 19.50 17.10 -4.88
C LEU A 244 19.08 17.46 -3.45
N ALA A 245 17.78 17.65 -3.25
CA ALA A 245 17.26 17.98 -1.93
C ALA A 245 17.65 16.94 -0.87
N MET A 246 17.68 15.67 -1.25
CA MET A 246 18.04 14.62 -0.30
C MET A 246 19.53 14.53 0.06
N GLY A 247 20.35 15.33 -0.60
CA GLY A 247 21.77 15.31 -0.27
C GLY A 247 22.73 15.02 -1.41
N ALA A 248 22.22 14.54 -2.54
CA ALA A 248 23.09 14.25 -3.68
C ALA A 248 23.68 15.55 -4.23
N ASP A 249 24.97 15.52 -4.53
CA ASP A 249 25.66 16.69 -5.05
C ASP A 249 25.47 16.76 -6.55
N PHE A 250 25.46 15.60 -7.21
CA PHE A 250 25.20 15.56 -8.64
C PHE A 250 24.44 14.29 -9.01
N ILE A 251 23.91 14.27 -10.22
CA ILE A 251 23.06 13.17 -10.67
C ILE A 251 23.52 12.48 -11.95
N MET A 252 23.59 11.14 -11.91
CA MET A 252 24.00 10.43 -13.10
C MET A 252 22.74 9.89 -13.78
N LEU A 253 22.67 10.08 -15.09
CA LEU A 253 21.51 9.62 -15.84
C LEU A 253 21.94 8.91 -17.11
N GLY A 254 21.13 7.93 -17.52
CA GLY A 254 21.41 7.20 -18.74
C GLY A 254 20.27 7.44 -19.73
N ARG A 255 19.08 6.95 -19.38
CA ARG A 255 17.89 7.09 -20.21
C ARG A 255 17.67 8.54 -20.67
N TYR A 256 17.70 9.46 -19.72
CA TYR A 256 17.50 10.89 -19.98
C TYR A 256 18.31 11.41 -21.17
N PHE A 257 19.60 11.10 -21.20
CA PHE A 257 20.51 11.54 -22.26
C PHE A 257 20.46 10.68 -23.53
N ALA A 258 20.17 9.40 -23.39
CA ALA A 258 20.10 8.49 -24.52
C ALA A 258 19.09 8.96 -25.56
N ARG A 259 18.06 9.64 -25.10
CA ARG A 259 16.99 10.17 -25.95
C ARG A 259 17.45 11.34 -26.84
N PHE A 260 18.62 11.90 -26.52
CA PHE A 260 19.12 13.05 -27.27
C PHE A 260 19.87 12.75 -28.56
N GLU A 261 19.85 13.73 -29.45
CA GLU A 261 20.51 13.67 -30.74
C GLU A 261 21.98 13.32 -30.59
N GLU A 262 22.59 13.81 -29.52
CA GLU A 262 24.01 13.58 -29.29
C GLU A 262 24.38 12.19 -28.78
N SER A 263 23.39 11.39 -28.37
CA SER A 263 23.73 10.04 -27.89
C SER A 263 24.22 9.28 -29.11
N PRO A 264 25.19 8.36 -28.93
CA PRO A 264 25.76 7.58 -30.03
C PRO A 264 24.89 6.50 -30.66
N THR A 265 23.66 6.35 -30.18
CA THR A 265 22.78 5.32 -30.74
C THR A 265 22.02 5.80 -31.96
N ARG A 266 21.56 4.85 -32.77
CA ARG A 266 20.80 5.15 -33.98
C ARG A 266 19.35 5.41 -33.63
N LYS A 267 18.65 6.06 -34.55
CA LYS A 267 17.24 6.35 -34.36
C LYS A 267 16.41 5.39 -35.20
N VAL A 268 15.32 4.91 -34.63
CA VAL A 268 14.42 3.99 -35.33
C VAL A 268 13.00 4.50 -35.16
N THR A 269 12.09 4.00 -35.99
CA THR A 269 10.70 4.42 -35.90
C THR A 269 9.84 3.27 -35.41
N ILE A 270 9.19 3.45 -34.28
CA ILE A 270 8.33 2.42 -33.72
C ILE A 270 6.90 2.92 -33.70
N ASN A 271 6.15 2.52 -34.72
CA ASN A 271 4.75 2.91 -34.85
C ASN A 271 4.58 4.43 -34.88
N GLY A 272 5.14 5.05 -35.91
CA GLY A 272 5.00 6.49 -36.06
C GLY A 272 5.94 7.35 -35.20
N SER A 273 6.33 6.85 -34.04
CA SER A 273 7.22 7.60 -33.16
C SER A 273 8.70 7.32 -33.39
N VAL A 274 9.49 8.38 -33.39
CA VAL A 274 10.93 8.27 -33.58
C VAL A 274 11.57 7.93 -32.25
N MET A 275 12.24 6.78 -32.20
CA MET A 275 12.90 6.30 -31.00
C MET A 275 14.42 6.22 -31.16
N LYS A 276 15.10 6.00 -30.04
CA LYS A 276 16.55 5.83 -30.03
C LYS A 276 16.84 4.55 -29.26
N GLU A 277 17.90 3.84 -29.67
CA GLU A 277 18.25 2.60 -29.00
C GLU A 277 18.91 2.90 -27.66
N TYR A 278 18.64 2.04 -26.68
CA TYR A 278 19.19 2.19 -25.35
C TYR A 278 19.26 0.83 -24.69
N TRP A 279 20.47 0.35 -24.44
CA TRP A 279 20.68 -0.94 -23.82
C TRP A 279 21.60 -0.79 -22.61
N GLY A 280 21.43 -1.66 -21.62
CA GLY A 280 22.26 -1.59 -20.43
C GLY A 280 23.64 -2.18 -20.62
N GLU A 281 24.57 -1.75 -19.77
CA GLU A 281 25.95 -2.23 -19.81
C GLU A 281 26.05 -3.65 -19.25
N GLY A 282 24.99 -4.08 -18.57
CA GLY A 282 24.99 -5.43 -18.01
C GLY A 282 24.42 -6.42 -18.98
N SER A 283 24.03 -5.94 -20.16
CA SER A 283 23.46 -6.80 -21.19
C SER A 283 24.54 -7.50 -21.99
N SER A 284 24.16 -8.54 -22.71
CA SER A 284 25.11 -9.28 -23.52
C SER A 284 25.28 -8.51 -24.83
N ARG A 285 26.47 -7.97 -25.03
CA ARG A 285 26.83 -7.20 -26.21
C ARG A 285 27.84 -6.15 -25.74
N ALA A 286 27.56 -5.58 -24.57
CA ALA A 286 28.44 -4.58 -24.00
C ALA A 286 29.52 -5.28 -23.18
N ARG A 287 29.11 -6.31 -22.44
CA ARG A 287 30.04 -7.07 -21.60
C ARG A 287 31.00 -7.86 -22.49
N ASN A 288 30.60 -8.11 -23.72
CA ASN A 288 31.43 -8.87 -24.66
C ASN A 288 32.18 -8.01 -25.67
N TRP A 289 32.50 -6.77 -25.30
CA TRP A 289 33.20 -5.88 -26.20
C TRP A 289 34.55 -6.45 -26.66
N GLU A 303 23.07 -11.48 -17.50
CA GLU A 303 22.63 -10.28 -18.20
C GLU A 303 21.85 -9.35 -17.28
N GLU A 304 22.56 -8.43 -16.63
CA GLU A 304 21.97 -7.47 -15.70
C GLU A 304 21.06 -6.44 -16.37
N GLY A 305 21.05 -6.39 -17.70
CA GLY A 305 20.23 -5.40 -18.37
C GLY A 305 19.40 -5.85 -19.56
N VAL A 306 18.75 -4.88 -20.20
CA VAL A 306 17.91 -5.13 -21.35
C VAL A 306 18.24 -4.23 -22.56
N ASP A 307 17.50 -4.43 -23.63
CA ASP A 307 17.65 -3.65 -24.87
C ASP A 307 16.29 -3.04 -25.13
N SER A 308 16.19 -1.72 -25.08
CA SER A 308 14.92 -1.06 -25.31
C SER A 308 15.04 0.12 -26.25
N TYR A 309 14.00 0.94 -26.26
CA TYR A 309 13.96 2.13 -27.08
C TYR A 309 13.38 3.25 -26.25
N VAL A 310 14.01 4.41 -26.33
CA VAL A 310 13.53 5.57 -25.60
C VAL A 310 13.10 6.58 -26.66
N PRO A 311 12.03 7.32 -26.39
CA PRO A 311 11.55 8.32 -27.35
C PRO A 311 12.60 9.39 -27.62
N TYR A 312 12.78 9.72 -28.91
CA TYR A 312 13.74 10.73 -29.31
C TYR A 312 13.23 12.08 -28.79
N ALA A 313 14.10 12.82 -28.10
CA ALA A 313 13.70 14.09 -27.50
C ALA A 313 14.32 15.33 -28.13
N GLY A 314 15.24 15.15 -29.06
CA GLY A 314 15.86 16.29 -29.69
C GLY A 314 17.25 16.59 -29.17
N LYS A 315 17.60 17.87 -29.15
CA LYS A 315 18.92 18.30 -28.69
C LYS A 315 19.08 18.37 -27.17
N LEU A 316 20.26 18.00 -26.70
CA LEU A 316 20.57 18.01 -25.27
C LEU A 316 20.32 19.37 -24.64
N LYS A 317 20.89 20.41 -25.24
CA LYS A 317 20.77 21.79 -24.77
C LYS A 317 19.35 22.23 -24.40
N ASP A 318 18.44 22.13 -25.36
CA ASP A 318 17.05 22.52 -25.13
C ASP A 318 16.41 21.77 -23.95
N ASN A 319 16.55 20.45 -23.96
CA ASN A 319 15.98 19.61 -22.91
C ASN A 319 16.57 19.91 -21.54
N VAL A 320 17.89 19.91 -21.45
CA VAL A 320 18.55 20.20 -20.18
C VAL A 320 18.10 21.56 -19.68
N GLU A 321 18.04 22.55 -20.57
CA GLU A 321 17.64 23.89 -20.19
C GLU A 321 16.22 23.86 -19.59
N ALA A 322 15.32 23.13 -20.23
CA ALA A 322 13.95 23.01 -19.75
C ALA A 322 13.87 22.33 -18.38
N SER A 323 14.58 21.23 -18.23
CA SER A 323 14.59 20.50 -16.96
C SER A 323 15.14 21.35 -15.81
N LEU A 324 16.29 21.98 -16.05
CA LEU A 324 16.92 22.80 -15.02
C LEU A 324 16.14 24.05 -14.63
N ASN A 325 15.42 24.65 -15.57
CA ASN A 325 14.63 25.83 -15.24
C ASN A 325 13.56 25.37 -14.27
N LYS A 326 13.07 24.16 -14.48
CA LYS A 326 12.05 23.58 -13.62
C LYS A 326 12.66 23.38 -12.23
N VAL A 327 13.90 22.90 -12.19
CA VAL A 327 14.62 22.66 -10.94
C VAL A 327 14.85 23.99 -10.20
N LYS A 328 15.37 24.98 -10.92
CA LYS A 328 15.63 26.30 -10.34
C LYS A 328 14.37 26.90 -9.74
N SER A 329 13.28 26.81 -10.49
CA SER A 329 12.01 27.35 -10.03
C SER A 329 11.55 26.70 -8.73
N THR A 330 11.67 25.38 -8.67
CA THR A 330 11.26 24.63 -7.49
C THR A 330 12.17 24.98 -6.31
N MET A 331 13.45 25.13 -6.59
CA MET A 331 14.40 25.48 -5.54
C MET A 331 13.97 26.79 -4.88
N CYS A 332 13.50 27.73 -5.67
CA CYS A 332 13.04 28.99 -5.10
C CYS A 332 11.76 28.80 -4.28
N ASN A 333 10.89 27.85 -4.65
CA ASN A 333 9.69 27.61 -3.85
C ASN A 333 10.17 27.13 -2.48
N CYS A 334 11.32 26.46 -2.47
CA CYS A 334 11.90 25.93 -1.25
C CYS A 334 12.76 26.93 -0.51
N GLY A 335 12.93 28.11 -1.11
CA GLY A 335 13.74 29.15 -0.48
C GLY A 335 15.24 28.98 -0.65
N ALA A 336 15.67 28.38 -1.76
CA ALA A 336 17.11 28.18 -1.98
C ALA A 336 17.64 28.77 -3.28
N LEU A 337 18.75 29.50 -3.17
CA LEU A 337 19.41 30.12 -4.32
C LEU A 337 20.56 29.22 -4.80
N THR A 338 20.91 28.24 -3.98
CA THR A 338 22.00 27.31 -4.29
C THR A 338 21.65 25.88 -3.87
N ILE A 339 22.34 24.90 -4.44
CA ILE A 339 22.08 23.51 -4.11
C ILE A 339 22.30 23.22 -2.63
N PRO A 340 23.41 23.72 -2.03
CA PRO A 340 23.69 23.49 -0.61
C PRO A 340 22.57 24.05 0.28
N GLN A 341 22.00 25.18 -0.14
CA GLN A 341 20.90 25.79 0.60
C GLN A 341 19.68 24.87 0.54
N LEU A 342 19.47 24.29 -0.63
CA LEU A 342 18.35 23.36 -0.84
C LEU A 342 18.49 22.15 0.06
N GLN A 343 19.69 21.57 0.08
CA GLN A 343 19.94 20.39 0.89
C GLN A 343 19.74 20.69 2.37
N SER A 344 19.89 21.96 2.73
CA SER A 344 19.73 22.37 4.11
C SER A 344 18.29 22.76 4.45
N LYS A 345 17.64 23.52 3.58
CA LYS A 345 16.28 23.99 3.82
C LYS A 345 15.10 23.12 3.35
N ALA A 346 15.37 22.16 2.47
CA ALA A 346 14.31 21.31 1.93
C ALA A 346 13.47 20.57 2.96
N LYS A 347 12.16 20.63 2.76
CA LYS A 347 11.18 19.96 3.61
C LYS A 347 10.61 18.87 2.71
N ILE A 348 10.94 17.63 3.04
CA ILE A 348 10.54 16.48 2.24
C ILE A 348 9.58 15.55 2.97
N THR A 349 8.49 15.21 2.29
CA THR A 349 7.53 14.31 2.90
C THR A 349 7.28 13.07 2.06
N LEU A 350 6.93 11.98 2.74
CA LEU A 350 6.59 10.73 2.08
C LEU A 350 5.11 10.90 1.73
N VAL A 351 4.67 10.23 0.67
CA VAL A 351 3.29 10.29 0.24
C VAL A 351 2.69 8.88 0.33
N SER A 352 1.42 8.78 0.70
CA SER A 352 0.76 7.49 0.83
C SER A 352 0.69 6.77 -0.52
N SER A 353 0.73 5.44 -0.48
CA SER A 353 0.68 4.64 -1.69
C SER A 353 -0.62 4.90 -2.42
N VAL A 354 -1.68 5.21 -1.67
CA VAL A 354 -2.97 5.51 -2.27
C VAL A 354 -2.86 6.81 -3.05
N SER A 355 -2.28 7.84 -2.43
CA SER A 355 -2.11 9.12 -3.11
C SER A 355 -1.51 8.90 -4.48
N ILE A 356 -0.44 8.11 -4.53
CA ILE A 356 0.26 7.80 -5.76
C ILE A 356 -0.65 7.01 -6.70
N VAL A 357 -1.17 5.88 -6.20
CA VAL A 357 -2.06 5.05 -7.00
C VAL A 357 -3.28 5.90 -7.38
N GLU A 358 -3.26 7.15 -6.93
CA GLU A 358 -4.31 8.13 -7.18
C GLU A 358 -5.74 7.58 -7.12
N ALA B 1 -8.64 -14.29 20.82
CA ALA B 1 -7.74 -14.71 19.76
C ALA B 1 -6.41 -13.96 19.83
N LYS B 2 -5.41 -14.40 19.08
CA LYS B 2 -4.10 -13.76 19.07
C LYS B 2 -3.80 -13.05 17.75
N TYR B 3 -3.23 -11.85 17.84
CA TYR B 3 -2.89 -11.07 16.65
C TYR B 3 -1.40 -10.77 16.58
N TYR B 4 -0.94 -10.31 15.42
CA TYR B 4 0.47 -9.99 15.26
C TYR B 4 0.73 -8.49 15.08
N ASN B 5 1.87 -8.03 15.59
CA ASN B 5 2.25 -6.63 15.52
C ASN B 5 2.69 -6.17 14.14
N GLU B 6 2.48 -7.00 13.12
CA GLU B 6 2.91 -6.64 11.77
C GLU B 6 2.40 -7.61 10.73
N PRO B 7 2.10 -7.11 9.52
CA PRO B 7 1.59 -7.98 8.44
C PRO B 7 2.66 -8.92 7.91
N CYS B 8 2.24 -10.07 7.38
CA CYS B 8 3.17 -11.04 6.83
C CYS B 8 3.58 -10.58 5.43
N HIS B 9 4.73 -11.07 4.94
CA HIS B 9 5.23 -10.69 3.63
C HIS B 9 5.66 -11.85 2.75
N THR B 10 5.64 -11.62 1.44
CA THR B 10 6.06 -12.62 0.45
C THR B 10 7.48 -12.28 -0.01
N PHE B 11 8.15 -13.22 -0.67
CA PHE B 11 9.51 -12.98 -1.16
C PHE B 11 9.65 -11.73 -2.03
N ASN B 12 8.63 -11.42 -2.84
CA ASN B 12 8.67 -10.25 -3.73
C ASN B 12 8.75 -8.90 -3.02
N GLU B 13 8.66 -8.91 -1.68
CA GLU B 13 8.73 -7.65 -0.94
C GLU B 13 10.10 -7.39 -0.34
N TYR B 14 11.10 -8.20 -0.71
CA TYR B 14 12.44 -8.00 -0.16
C TYR B 14 13.55 -7.92 -1.20
N LEU B 15 14.63 -7.24 -0.81
CA LEU B 15 15.81 -7.11 -1.62
C LEU B 15 17.01 -7.27 -0.69
N LEU B 16 18.13 -7.72 -1.25
CA LEU B 16 19.35 -7.90 -0.47
C LEU B 16 20.26 -6.70 -0.71
N ILE B 17 20.86 -6.20 0.37
CA ILE B 17 21.78 -5.08 0.26
C ILE B 17 23.18 -5.65 0.35
N PRO B 18 24.04 -5.34 -0.65
CA PRO B 18 25.41 -5.84 -0.69
C PRO B 18 26.24 -5.60 0.55
N GLY B 19 27.13 -6.55 0.82
CA GLY B 19 28.05 -6.45 1.94
C GLY B 19 29.44 -6.40 1.30
N LEU B 20 30.51 -6.51 2.09
CA LEU B 20 31.85 -6.47 1.50
C LEU B 20 32.21 -7.73 0.72
N SER B 21 32.56 -7.56 -0.54
CA SER B 21 32.94 -8.70 -1.36
C SER B 21 34.46 -8.77 -1.42
N THR B 22 35.03 -9.82 -0.85
CA THR B 22 36.47 -10.02 -0.84
C THR B 22 36.95 -10.64 -2.14
N VAL B 23 38.23 -10.46 -2.44
CA VAL B 23 38.80 -11.00 -3.67
C VAL B 23 38.64 -12.52 -3.82
N ASP B 24 38.62 -13.24 -2.69
CA ASP B 24 38.47 -14.69 -2.77
C ASP B 24 37.03 -15.16 -2.99
N CYS B 25 36.06 -14.25 -2.98
CA CYS B 25 34.67 -14.68 -3.19
C CYS B 25 34.26 -14.65 -4.64
N ILE B 26 34.51 -15.75 -5.34
CA ILE B 26 34.14 -15.86 -6.73
C ILE B 26 33.13 -17.01 -6.79
N PRO B 27 32.11 -16.87 -7.65
CA PRO B 27 31.08 -17.90 -7.82
C PRO B 27 31.63 -19.32 -7.83
N SER B 28 32.79 -19.52 -8.43
CA SER B 28 33.39 -20.86 -8.52
C SER B 28 33.82 -21.41 -7.17
N ASN B 29 34.02 -20.55 -6.18
CA ASN B 29 34.43 -21.01 -4.86
C ASN B 29 33.26 -21.13 -3.90
N VAL B 30 32.07 -20.81 -4.37
CA VAL B 30 30.89 -20.90 -3.52
C VAL B 30 30.45 -22.34 -3.28
N ASN B 31 30.27 -22.69 -2.02
CA ASN B 31 29.83 -24.02 -1.61
C ASN B 31 28.34 -23.97 -1.29
N LEU B 32 27.55 -24.71 -2.06
CA LEU B 32 26.09 -24.75 -1.87
C LEU B 32 25.59 -25.98 -1.11
N SER B 33 26.49 -26.72 -0.48
CA SER B 33 26.06 -27.90 0.26
C SER B 33 25.22 -27.50 1.47
N THR B 34 24.33 -28.39 1.89
CA THR B 34 23.48 -28.05 3.02
C THR B 34 22.94 -29.32 3.68
N PRO B 35 22.72 -29.27 5.00
CA PRO B 35 22.19 -30.43 5.74
C PRO B 35 20.72 -30.71 5.45
N LEU B 36 20.38 -31.99 5.29
CA LEU B 36 18.99 -32.35 5.01
C LEU B 36 18.29 -32.80 6.28
N VAL B 37 19.01 -33.48 7.17
CA VAL B 37 18.42 -33.97 8.41
C VAL B 37 19.12 -33.51 9.67
N LYS B 38 18.36 -33.50 10.76
CA LYS B 38 18.87 -33.02 12.04
C LYS B 38 20.11 -33.74 12.55
N PHE B 39 20.94 -32.99 13.28
CA PHE B 39 22.17 -33.52 13.84
C PHE B 39 22.47 -32.74 15.12
N GLN B 40 23.32 -33.32 15.96
CA GLN B 40 23.70 -32.69 17.23
C GLN B 40 24.85 -31.73 17.03
N LYS B 41 24.92 -30.71 17.89
CA LYS B 41 25.96 -29.70 17.81
C LYS B 41 27.37 -30.30 17.78
N GLY B 42 28.19 -29.76 16.87
CA GLY B 42 29.56 -30.23 16.75
C GLY B 42 29.69 -31.40 15.80
N GLN B 43 28.56 -31.95 15.36
CA GLN B 43 28.58 -33.09 14.46
C GLN B 43 28.08 -32.70 13.09
N GLN B 44 28.17 -33.62 12.14
CA GLN B 44 27.73 -33.36 10.78
C GLN B 44 26.46 -34.16 10.49
N SER B 45 25.62 -33.65 9.60
CA SER B 45 24.39 -34.33 9.24
C SER B 45 24.68 -35.63 8.50
N GLU B 46 23.81 -36.62 8.71
CA GLU B 46 23.99 -37.91 8.05
C GLU B 46 23.67 -37.81 6.57
N ILE B 47 22.97 -36.75 6.18
CA ILE B 47 22.63 -36.54 4.78
C ILE B 47 22.83 -35.08 4.41
N ASN B 48 23.74 -34.84 3.47
CA ASN B 48 24.05 -33.50 3.01
C ASN B 48 23.87 -33.40 1.50
N LEU B 49 23.14 -32.39 1.05
CA LEU B 49 22.93 -32.19 -0.37
C LEU B 49 24.07 -31.30 -0.85
N LYS B 50 24.39 -31.39 -2.14
CA LYS B 50 25.45 -30.56 -2.71
C LYS B 50 24.84 -29.23 -3.12
N ILE B 51 23.53 -29.26 -3.40
CA ILE B 51 22.78 -28.06 -3.76
C ILE B 51 21.53 -28.07 -2.91
N PRO B 52 21.02 -26.87 -2.52
CA PRO B 52 19.83 -26.73 -1.69
C PRO B 52 18.46 -26.79 -2.37
N LEU B 53 18.31 -27.59 -3.41
CA LEU B 53 17.03 -27.68 -4.09
C LEU B 53 16.45 -29.10 -4.01
N VAL B 54 15.16 -29.19 -3.66
CA VAL B 54 14.46 -30.46 -3.60
C VAL B 54 13.16 -30.28 -4.37
N SER B 55 12.68 -31.33 -5.03
CA SER B 55 11.44 -31.22 -5.80
C SER B 55 10.22 -31.62 -4.99
N ALA B 56 9.11 -30.93 -5.26
CA ALA B 56 7.83 -31.13 -4.55
C ALA B 56 7.24 -32.53 -4.58
N ILE B 57 6.52 -32.86 -3.51
CA ILE B 57 5.85 -34.16 -3.38
C ILE B 57 4.55 -34.09 -4.19
N MET B 58 4.69 -34.09 -5.52
CA MET B 58 3.55 -33.97 -6.42
C MET B 58 3.62 -34.89 -7.63
N GLN B 59 2.48 -35.46 -8.01
CA GLN B 59 2.42 -36.37 -9.17
C GLN B 59 2.95 -35.66 -10.40
N SER B 60 2.69 -34.36 -10.48
CA SER B 60 3.12 -33.56 -11.63
C SER B 60 4.58 -33.11 -11.60
N VAL B 61 5.38 -33.60 -10.64
CA VAL B 61 6.77 -33.18 -10.63
C VAL B 61 7.81 -34.19 -10.16
N SER B 62 7.58 -34.88 -9.05
CA SER B 62 8.59 -35.82 -8.56
C SER B 62 8.40 -37.28 -8.95
N GLY B 63 8.81 -37.61 -10.18
CA GLY B 63 8.72 -38.97 -10.68
C GLY B 63 10.14 -39.51 -10.81
N GLU B 64 10.26 -40.71 -11.35
CA GLU B 64 11.58 -41.34 -11.51
C GLU B 64 12.63 -40.49 -12.22
N LYS B 65 12.30 -40.01 -13.41
CA LYS B 65 13.23 -39.19 -14.19
C LYS B 65 13.73 -37.98 -13.42
N MET B 66 12.80 -37.29 -12.77
CA MET B 66 13.13 -36.11 -11.98
C MET B 66 14.09 -36.46 -10.85
N ALA B 67 13.76 -37.51 -10.12
CA ALA B 67 14.57 -37.98 -8.99
C ALA B 67 16.01 -38.24 -9.40
N ILE B 68 16.19 -38.89 -10.54
CA ILE B 68 17.52 -39.20 -11.04
C ILE B 68 18.22 -37.92 -11.50
N ALA B 69 17.50 -37.13 -12.30
CA ALA B 69 18.06 -35.88 -12.82
C ALA B 69 18.50 -34.94 -11.71
N LEU B 70 17.60 -34.70 -10.75
CA LEU B 70 17.91 -33.80 -9.65
C LEU B 70 19.03 -34.37 -8.77
N ALA B 71 19.02 -35.68 -8.55
CA ALA B 71 20.05 -36.32 -7.74
C ALA B 71 21.42 -36.09 -8.36
N ARG B 72 21.48 -36.16 -9.68
CA ARG B 72 22.72 -35.95 -10.40
C ARG B 72 23.31 -34.56 -10.15
N GLU B 73 22.46 -33.56 -9.97
CA GLU B 73 22.95 -32.20 -9.73
C GLU B 73 23.29 -31.91 -8.28
N GLY B 74 23.00 -32.87 -7.39
CA GLY B 74 23.30 -32.66 -5.99
C GLY B 74 22.08 -32.44 -5.11
N GLY B 75 20.89 -32.52 -5.69
CA GLY B 75 19.68 -32.30 -4.91
C GLY B 75 18.97 -33.62 -4.65
N ILE B 76 17.71 -33.56 -4.28
CA ILE B 76 16.97 -34.78 -4.02
C ILE B 76 15.50 -34.56 -4.28
N SER B 77 14.82 -35.58 -4.75
CA SER B 77 13.38 -35.48 -5.03
C SER B 77 12.60 -36.31 -4.03
N PHE B 78 11.37 -35.90 -3.77
CA PHE B 78 10.51 -36.65 -2.87
C PHE B 78 9.37 -37.22 -3.71
N ILE B 79 9.52 -38.49 -4.10
CA ILE B 79 8.52 -39.17 -4.92
C ILE B 79 7.14 -38.99 -4.32
N PHE B 80 6.21 -38.48 -5.11
CA PHE B 80 4.83 -38.23 -4.65
C PHE B 80 4.21 -39.47 -4.05
N GLY B 81 3.44 -39.29 -2.98
CA GLY B 81 2.80 -40.40 -2.33
C GLY B 81 1.32 -40.54 -2.65
N SER B 82 0.85 -39.77 -3.63
CA SER B 82 -0.56 -39.84 -4.01
C SER B 82 -0.73 -40.91 -5.08
N GLN B 83 -0.28 -42.12 -4.74
CA GLN B 83 -0.33 -43.30 -5.60
C GLN B 83 -0.27 -44.48 -4.65
N SER B 84 -0.38 -45.70 -5.16
CA SER B 84 -0.36 -46.86 -4.28
C SER B 84 1.02 -47.09 -3.68
N ILE B 85 1.04 -47.78 -2.54
CA ILE B 85 2.28 -48.09 -1.85
C ILE B 85 3.26 -48.84 -2.75
N GLU B 86 2.73 -49.73 -3.58
CA GLU B 86 3.56 -50.51 -4.49
C GLU B 86 4.19 -49.65 -5.58
N SER B 87 3.38 -48.79 -6.19
CA SER B 87 3.88 -47.90 -7.25
C SER B 87 5.03 -47.05 -6.72
N GLN B 88 4.77 -46.32 -5.63
CA GLN B 88 5.78 -45.47 -5.03
C GLN B 88 7.02 -46.28 -4.70
N ALA B 89 6.81 -47.39 -3.99
CA ALA B 89 7.91 -48.27 -3.62
C ALA B 89 8.76 -48.60 -4.85
N ALA B 90 8.10 -48.94 -5.94
CA ALA B 90 8.79 -49.27 -7.18
C ALA B 90 9.62 -48.11 -7.69
N MET B 91 8.99 -46.93 -7.80
CA MET B 91 9.69 -45.74 -8.26
C MET B 91 10.95 -45.52 -7.43
N VAL B 92 10.81 -45.66 -6.12
CA VAL B 92 11.94 -45.49 -5.21
C VAL B 92 13.03 -46.50 -5.56
N HIS B 93 12.62 -47.75 -5.76
CA HIS B 93 13.57 -48.81 -6.11
C HIS B 93 14.27 -48.49 -7.42
N ALA B 94 13.49 -48.04 -8.40
CA ALA B 94 14.04 -47.70 -9.70
C ALA B 94 15.17 -46.66 -9.59
N VAL B 95 14.92 -45.61 -8.82
CA VAL B 95 15.93 -44.57 -8.66
C VAL B 95 17.18 -45.12 -7.97
N LYS B 96 16.98 -45.90 -6.91
CA LYS B 96 18.11 -46.48 -6.19
C LYS B 96 18.93 -47.42 -7.07
N ASN B 97 18.25 -48.24 -7.86
CA ASN B 97 18.94 -49.20 -8.74
C ASN B 97 19.08 -48.71 -10.18
N PHE B 98 19.69 -47.54 -10.36
CA PHE B 98 19.89 -47.00 -11.70
C PHE B 98 21.38 -47.07 -12.05
N LYS B 99 22.20 -46.73 -11.06
CA LYS B 99 23.66 -46.70 -11.11
C LYS B 99 24.18 -45.32 -10.71
N ARG B 104 25.42 -44.33 -4.77
CA ARG B 104 24.19 -44.35 -5.57
C ARG B 104 23.37 -43.08 -5.35
N TYR B 105 22.37 -42.88 -6.20
CA TYR B 105 21.51 -41.70 -6.14
C TYR B 105 20.59 -41.68 -4.91
N LEU B 106 20.56 -40.54 -4.23
CA LEU B 106 19.71 -40.36 -3.05
C LEU B 106 18.28 -40.11 -3.53
N VAL B 107 17.30 -40.63 -2.80
CA VAL B 107 15.92 -40.41 -3.19
C VAL B 107 15.03 -40.33 -1.95
N GLY B 108 14.04 -39.46 -2.00
CA GLY B 108 13.13 -39.30 -0.88
C GLY B 108 11.74 -39.77 -1.23
N ALA B 109 10.86 -39.85 -0.24
CA ALA B 109 9.50 -40.30 -0.47
C ALA B 109 8.52 -39.63 0.47
N GLY B 110 7.36 -39.24 -0.07
CA GLY B 110 6.35 -38.62 0.76
C GLY B 110 5.47 -39.69 1.36
N ILE B 111 4.93 -39.42 2.55
CA ILE B 111 4.05 -40.36 3.20
C ILE B 111 2.88 -39.58 3.78
N ASN B 112 1.81 -40.28 4.14
CA ASN B 112 0.65 -39.62 4.71
C ASN B 112 0.44 -40.13 6.13
N THR B 113 -0.41 -39.47 6.89
CA THR B 113 -0.66 -39.86 8.26
C THR B 113 -1.72 -40.95 8.39
N ARG B 114 -2.06 -41.59 7.27
CA ARG B 114 -3.08 -42.65 7.27
C ARG B 114 -2.52 -44.07 7.13
N ASP B 115 -1.93 -44.37 5.98
CA ASP B 115 -1.39 -45.72 5.73
C ASP B 115 0.11 -45.89 5.98
N PHE B 116 0.66 -45.08 6.88
CA PHE B 116 2.09 -45.15 7.18
C PHE B 116 2.53 -46.50 7.76
N ARG B 117 1.66 -47.14 8.55
CA ARG B 117 2.01 -48.43 9.14
C ARG B 117 2.46 -49.44 8.09
N GLU B 118 1.82 -49.41 6.93
CA GLU B 118 2.22 -50.33 5.87
C GLU B 118 2.97 -49.62 4.75
N ARG B 119 2.86 -48.30 4.71
CA ARG B 119 3.54 -47.55 3.66
C ARG B 119 5.04 -47.36 3.93
N VAL B 120 5.38 -47.05 5.18
CA VAL B 120 6.78 -46.84 5.57
C VAL B 120 7.69 -48.05 5.34
N PRO B 121 7.27 -49.25 5.78
CA PRO B 121 8.11 -50.43 5.58
C PRO B 121 8.48 -50.63 4.10
N ALA B 122 7.47 -50.52 3.23
CA ALA B 122 7.67 -50.70 1.81
C ALA B 122 8.73 -49.73 1.28
N LEU B 123 8.57 -48.43 1.59
CA LEU B 123 9.52 -47.42 1.15
C LEU B 123 10.92 -47.71 1.68
N VAL B 124 11.00 -48.11 2.94
CA VAL B 124 12.27 -48.43 3.56
C VAL B 124 12.89 -49.63 2.84
N GLU B 125 12.12 -50.69 2.70
CA GLU B 125 12.61 -51.88 2.02
C GLU B 125 13.00 -51.49 0.60
N ALA B 126 12.28 -50.55 0.02
CA ALA B 126 12.55 -50.09 -1.33
C ALA B 126 13.85 -49.32 -1.43
N GLY B 127 14.38 -48.87 -0.30
CA GLY B 127 15.63 -48.12 -0.32
C GLY B 127 15.55 -46.61 -0.23
N ALA B 128 14.40 -46.07 0.15
CA ALA B 128 14.27 -44.62 0.28
C ALA B 128 15.28 -44.11 1.31
N ASP B 129 15.97 -43.02 1.00
CA ASP B 129 16.95 -42.48 1.95
C ASP B 129 16.32 -41.58 3.00
N VAL B 130 15.14 -41.05 2.70
CA VAL B 130 14.45 -40.16 3.61
C VAL B 130 12.97 -40.02 3.26
N LEU B 131 12.14 -39.86 4.28
CA LEU B 131 10.71 -39.71 4.08
C LEU B 131 10.27 -38.32 4.52
N CYS B 132 9.04 -37.95 4.15
CA CYS B 132 8.50 -36.66 4.55
C CYS B 132 6.98 -36.68 4.58
N ILE B 133 6.40 -36.46 5.75
CA ILE B 133 4.96 -36.45 5.89
C ILE B 133 4.43 -35.29 5.03
N ASP B 134 3.46 -35.61 4.19
CA ASP B 134 2.87 -34.65 3.25
C ASP B 134 1.52 -34.08 3.71
N SER B 135 1.51 -32.80 4.04
CA SER B 135 0.27 -32.17 4.51
C SER B 135 0.27 -30.64 4.38
N SER B 136 -0.92 -30.09 4.26
CA SER B 136 -1.09 -28.64 4.14
C SER B 136 -1.10 -28.01 5.53
N ASP B 137 -1.33 -28.85 6.54
CA ASP B 137 -1.33 -28.40 7.92
C ASP B 137 -0.68 -29.48 8.77
N GLY B 138 0.63 -29.35 8.97
CA GLY B 138 1.36 -30.34 9.76
C GLY B 138 1.33 -30.13 11.26
N PHE B 139 0.61 -29.09 11.70
CA PHE B 139 0.51 -28.81 13.12
C PHE B 139 -0.61 -29.67 13.70
N SER B 140 -0.37 -30.98 13.82
CA SER B 140 -1.41 -31.86 14.33
C SER B 140 -0.91 -33.16 14.94
N GLU B 141 -1.73 -33.72 15.83
CA GLU B 141 -1.42 -34.97 16.51
C GLU B 141 -1.08 -36.09 15.55
N TRP B 142 -1.72 -36.10 14.37
CA TRP B 142 -1.46 -37.14 13.40
C TRP B 142 0.00 -37.21 12.97
N GLN B 143 0.65 -36.07 12.83
CA GLN B 143 2.06 -36.06 12.46
C GLN B 143 2.88 -36.56 13.66
N LYS B 144 2.48 -36.15 14.85
CA LYS B 144 3.18 -36.56 16.07
C LYS B 144 3.09 -38.09 16.19
N ILE B 145 1.89 -38.61 15.98
CA ILE B 145 1.67 -40.05 16.04
C ILE B 145 2.48 -40.77 14.96
N THR B 146 2.40 -40.27 13.72
CA THR B 146 3.13 -40.88 12.62
C THR B 146 4.63 -40.91 12.89
N ILE B 147 5.17 -39.76 13.30
CA ILE B 147 6.60 -39.68 13.59
C ILE B 147 6.96 -40.57 14.79
N GLY B 148 6.08 -40.61 15.78
CA GLY B 148 6.33 -41.43 16.95
C GLY B 148 6.31 -42.91 16.62
N TRP B 149 5.46 -43.31 15.68
CA TRP B 149 5.38 -44.71 15.29
C TRP B 149 6.71 -45.10 14.66
N ILE B 150 7.21 -44.22 13.79
CA ILE B 150 8.46 -44.45 13.08
C ILE B 150 9.65 -44.59 14.02
N ARG B 151 9.74 -43.73 15.03
CA ARG B 151 10.83 -43.80 16.00
C ARG B 151 10.71 -45.12 16.74
N ASP B 152 9.48 -45.47 17.07
CA ASP B 152 9.16 -46.70 17.79
C ASP B 152 9.68 -47.93 17.02
N LYS B 153 9.49 -47.92 15.71
CA LYS B 153 9.90 -49.05 14.87
C LYS B 153 11.28 -48.99 14.25
N TYR B 154 11.79 -47.79 13.97
CA TYR B 154 13.10 -47.68 13.34
C TYR B 154 14.11 -46.83 14.10
N GLY B 155 13.68 -46.23 15.19
CA GLY B 155 14.57 -45.37 15.94
C GLY B 155 15.01 -44.22 15.05
N ASP B 156 16.30 -43.91 15.08
CA ASP B 156 16.85 -42.83 14.28
C ASP B 156 17.33 -43.31 12.91
N LYS B 157 17.16 -44.60 12.65
CA LYS B 157 17.58 -45.19 11.38
C LYS B 157 16.77 -44.68 10.19
N VAL B 158 15.54 -44.26 10.44
CA VAL B 158 14.70 -43.74 9.37
C VAL B 158 14.49 -42.24 9.54
N LYS B 159 14.86 -41.48 8.51
CA LYS B 159 14.74 -40.04 8.54
C LYS B 159 13.38 -39.65 7.98
N VAL B 160 12.64 -38.84 8.74
CA VAL B 160 11.33 -38.39 8.30
C VAL B 160 11.11 -36.89 8.47
N GLY B 161 10.96 -36.20 7.34
CA GLY B 161 10.70 -34.77 7.35
C GLY B 161 9.27 -34.60 7.81
N ALA B 162 8.88 -33.40 8.24
CA ALA B 162 7.51 -33.25 8.71
C ALA B 162 6.81 -31.92 8.56
N GLY B 163 5.51 -32.03 8.76
CA GLY B 163 4.59 -30.91 8.77
C GLY B 163 4.11 -30.10 7.60
N ASN B 164 4.54 -28.85 7.72
CA ASN B 164 4.26 -27.71 6.88
C ASN B 164 3.52 -26.84 7.84
N ILE B 165 4.33 -26.02 8.48
CA ILE B 165 3.89 -25.08 9.47
C ILE B 165 4.38 -23.73 9.00
N VAL B 166 3.91 -22.68 9.65
CA VAL B 166 4.31 -21.33 9.28
C VAL B 166 4.71 -20.46 10.46
N ASP B 167 4.81 -21.03 11.65
CA ASP B 167 5.19 -20.24 12.82
C ASP B 167 5.99 -21.03 13.84
N GLY B 168 6.61 -20.33 14.78
CA GLY B 168 7.41 -20.97 15.79
C GLY B 168 6.69 -22.08 16.53
N GLU B 169 5.44 -21.85 16.88
CA GLU B 169 4.65 -22.83 17.61
C GLU B 169 4.53 -24.15 16.83
N GLY B 170 4.24 -24.04 15.53
CA GLY B 170 4.12 -25.23 14.72
C GLY B 170 5.46 -25.94 14.62
N PHE B 171 6.52 -25.16 14.48
CA PHE B 171 7.87 -25.72 14.40
C PHE B 171 8.18 -26.49 15.68
N ARG B 172 8.00 -25.81 16.81
CA ARG B 172 8.28 -26.39 18.12
C ARG B 172 7.59 -27.74 18.35
N TYR B 173 6.32 -27.82 17.99
CA TYR B 173 5.56 -29.05 18.15
C TYR B 173 6.19 -30.19 17.35
N LEU B 174 6.49 -29.96 16.09
CA LEU B 174 7.09 -30.99 15.26
C LEU B 174 8.51 -31.31 15.68
N ALA B 175 9.23 -30.30 16.18
CA ALA B 175 10.60 -30.54 16.64
C ALA B 175 10.56 -31.53 17.80
N ASP B 176 9.71 -31.25 18.79
CA ASP B 176 9.60 -32.13 19.95
C ASP B 176 9.05 -33.50 19.57
N ALA B 177 8.27 -33.55 18.49
CA ALA B 177 7.69 -34.81 18.03
C ALA B 177 8.76 -35.75 17.46
N GLY B 178 9.89 -35.20 17.02
CA GLY B 178 10.95 -36.04 16.48
C GLY B 178 11.38 -35.81 15.03
N ALA B 179 10.67 -34.96 14.30
CA ALA B 179 10.99 -34.67 12.90
C ALA B 179 12.47 -34.41 12.62
N ASP B 180 12.96 -34.95 11.51
CA ASP B 180 14.37 -34.75 11.14
C ASP B 180 14.59 -33.43 10.42
N PHE B 181 13.53 -32.92 9.79
CA PHE B 181 13.57 -31.62 9.15
C PHE B 181 12.13 -31.14 9.10
N ILE B 182 11.92 -29.83 9.11
CA ILE B 182 10.58 -29.28 9.13
C ILE B 182 10.32 -28.39 7.92
N LYS B 183 9.18 -28.62 7.26
CA LYS B 183 8.82 -27.89 6.05
C LYS B 183 7.89 -26.71 6.30
N ILE B 184 8.28 -25.56 5.75
CA ILE B 184 7.56 -24.31 5.91
C ILE B 184 6.78 -23.88 4.68
N GLY B 185 5.52 -23.52 4.86
CA GLY B 185 4.75 -23.03 3.73
C GLY B 185 3.30 -23.43 3.64
N ILE B 186 2.42 -22.44 3.78
CA ILE B 186 0.98 -22.68 3.65
C ILE B 186 0.38 -21.49 2.92
N GLY B 187 -0.14 -21.74 1.73
CA GLY B 187 -0.76 -20.69 0.94
C GLY B 187 0.14 -19.98 -0.06
N GLY B 188 1.45 -20.14 0.09
CA GLY B 188 2.38 -19.48 -0.81
C GLY B 188 2.57 -20.19 -2.14
N GLY B 189 2.07 -21.41 -2.24
CA GLY B 189 2.21 -22.16 -3.48
C GLY B 189 1.63 -21.43 -4.68
N SER B 190 2.30 -21.56 -5.83
CA SER B 190 1.85 -20.91 -7.06
C SER B 190 0.46 -21.37 -7.49
N ILE B 191 0.13 -22.62 -7.21
CA ILE B 191 -1.18 -23.17 -7.57
C ILE B 191 -2.13 -23.23 -6.37
N CYS B 192 -2.05 -22.22 -5.51
CA CYS B 192 -2.91 -22.16 -4.33
C CYS B 192 -4.11 -21.25 -4.56
N GLU B 196 -7.90 -17.93 0.09
CA GLU B 196 -8.84 -18.06 -1.02
C GLU B 196 -9.95 -19.04 -0.66
N GLN B 197 -9.56 -20.24 -0.26
CA GLN B 197 -10.50 -21.29 0.09
C GLN B 197 -10.78 -21.36 1.59
N LYS B 198 -9.79 -21.73 2.38
CA LYS B 198 -10.01 -21.83 3.82
C LYS B 198 -9.58 -20.60 4.60
N GLY B 199 -8.82 -19.71 3.95
CA GLY B 199 -8.37 -18.51 4.62
C GLY B 199 -7.23 -18.76 5.59
N ILE B 200 -6.42 -19.77 5.27
CA ILE B 200 -5.29 -20.11 6.12
C ILE B 200 -3.99 -19.91 5.37
N GLY B 201 -2.99 -19.39 6.06
CA GLY B 201 -1.72 -19.19 5.41
C GLY B 201 -0.89 -18.08 6.04
N ARG B 202 0.19 -17.73 5.36
CA ARG B 202 1.07 -16.69 5.85
C ARG B 202 2.07 -16.40 4.74
N GLY B 203 2.49 -15.15 4.63
CA GLY B 203 3.48 -14.79 3.62
C GLY B 203 4.68 -15.71 3.79
N GLN B 204 5.15 -16.28 2.70
CA GLN B 204 6.26 -17.21 2.75
C GLN B 204 7.50 -16.65 3.44
N ALA B 205 7.83 -15.39 3.17
CA ALA B 205 9.02 -14.78 3.78
C ALA B 205 8.86 -14.70 5.29
N THR B 206 7.74 -14.14 5.74
CA THR B 206 7.47 -14.02 7.16
C THR B 206 7.45 -15.39 7.87
N ALA B 207 6.90 -16.39 7.20
CA ALA B 207 6.82 -17.72 7.78
C ALA B 207 8.23 -18.29 7.99
N VAL B 208 9.10 -18.09 6.99
CA VAL B 208 10.46 -18.59 7.08
C VAL B 208 11.24 -17.85 8.16
N ILE B 209 11.11 -16.52 8.20
CA ILE B 209 11.81 -15.72 9.19
C ILE B 209 11.42 -16.12 10.60
N ASP B 210 10.12 -16.25 10.82
CA ASP B 210 9.60 -16.62 12.14
C ASP B 210 10.01 -18.04 12.53
N VAL B 211 9.88 -18.98 11.62
CA VAL B 211 10.26 -20.35 11.93
C VAL B 211 11.78 -20.50 12.18
N VAL B 212 12.59 -19.78 11.41
CA VAL B 212 14.04 -19.84 11.58
C VAL B 212 14.46 -19.32 12.94
N ALA B 213 13.79 -18.27 13.42
CA ALA B 213 14.11 -17.70 14.71
C ALA B 213 13.83 -18.74 15.80
N GLU B 214 12.73 -19.46 15.65
CA GLU B 214 12.36 -20.47 16.61
C GLU B 214 13.32 -21.65 16.55
N ARG B 215 13.69 -22.05 15.33
CA ARG B 215 14.62 -23.14 15.12
C ARG B 215 15.96 -22.81 15.79
N ASN B 216 16.41 -21.58 15.65
CA ASN B 216 17.68 -21.16 16.22
C ASN B 216 17.63 -21.19 17.75
N LYS B 217 16.50 -20.79 18.32
CA LYS B 217 16.34 -20.81 19.77
C LYS B 217 16.43 -22.25 20.22
N TYR B 218 15.62 -23.09 19.57
CA TYR B 218 15.56 -24.52 19.86
C TYR B 218 16.95 -25.14 19.86
N PHE B 219 17.75 -24.79 18.87
CA PHE B 219 19.11 -25.31 18.77
C PHE B 219 19.89 -24.98 20.03
N GLU B 220 19.83 -23.70 20.44
CA GLU B 220 20.53 -23.26 21.64
C GLU B 220 20.03 -24.01 22.88
N GLU B 221 18.72 -24.23 22.94
CA GLU B 221 18.08 -24.92 24.06
C GLU B 221 18.35 -26.41 24.18
N THR B 222 18.47 -27.09 23.04
CA THR B 222 18.67 -28.54 23.04
C THR B 222 19.97 -29.04 22.42
N GLY B 223 20.66 -28.18 21.68
CA GLY B 223 21.89 -28.61 21.04
C GLY B 223 21.58 -29.37 19.75
N ILE B 224 20.31 -29.38 19.37
CA ILE B 224 19.90 -30.07 18.15
C ILE B 224 19.55 -29.09 17.05
N TYR B 225 20.24 -29.20 15.91
CA TYR B 225 19.98 -28.34 14.77
C TYR B 225 19.01 -29.05 13.83
N ILE B 226 17.82 -28.48 13.66
CA ILE B 226 16.83 -29.08 12.79
C ILE B 226 16.74 -28.26 11.51
N PRO B 227 17.16 -28.86 10.39
CA PRO B 227 17.10 -28.14 9.11
C PRO B 227 15.66 -27.81 8.75
N VAL B 228 15.42 -26.64 8.15
CA VAL B 228 14.06 -26.29 7.75
C VAL B 228 14.05 -26.03 6.26
N CYS B 229 12.94 -26.36 5.64
CA CYS B 229 12.76 -26.23 4.20
C CYS B 229 11.69 -25.20 3.84
N SER B 230 12.05 -24.24 2.99
CA SER B 230 11.08 -23.26 2.55
C SER B 230 10.39 -23.92 1.37
N ASP B 231 9.11 -24.22 1.53
CA ASP B 231 8.35 -24.89 0.49
C ASP B 231 7.31 -24.01 -0.18
N GLY B 232 7.50 -23.77 -1.49
CA GLY B 232 6.56 -22.96 -2.25
C GLY B 232 6.85 -21.48 -2.30
N GLY B 233 6.22 -20.79 -3.26
CA GLY B 233 6.39 -19.36 -3.38
C GLY B 233 7.55 -18.86 -4.23
N ILE B 234 8.40 -19.77 -4.69
CA ILE B 234 9.54 -19.35 -5.52
C ILE B 234 9.07 -19.06 -6.94
N VAL B 235 9.17 -17.80 -7.33
CA VAL B 235 8.78 -17.36 -8.67
C VAL B 235 10.02 -16.98 -9.47
N TYR B 236 10.94 -16.27 -8.83
CA TYR B 236 12.17 -15.85 -9.49
C TYR B 236 13.38 -16.54 -8.87
N ASP B 237 14.47 -16.61 -9.62
CA ASP B 237 15.69 -17.23 -9.13
C ASP B 237 16.15 -16.56 -7.84
N TYR B 238 16.09 -15.23 -7.80
CA TYR B 238 16.53 -14.50 -6.63
C TYR B 238 15.74 -14.83 -5.36
N HIS B 239 14.55 -15.39 -5.53
CA HIS B 239 13.74 -15.78 -4.37
C HIS B 239 14.47 -16.89 -3.63
N MET B 240 15.20 -17.72 -4.38
CA MET B 240 15.96 -18.81 -3.81
C MET B 240 17.01 -18.23 -2.86
N THR B 241 17.69 -17.19 -3.32
CA THR B 241 18.73 -16.56 -2.53
C THR B 241 18.15 -15.96 -1.27
N LEU B 242 16.97 -15.34 -1.39
CA LEU B 242 16.31 -14.73 -0.23
C LEU B 242 15.90 -15.77 0.80
N ALA B 243 15.30 -16.88 0.33
CA ALA B 243 14.87 -17.95 1.21
C ALA B 243 16.05 -18.51 2.00
N LEU B 244 17.17 -18.74 1.31
CA LEU B 244 18.35 -19.25 1.98
C LEU B 244 18.86 -18.20 2.96
N ALA B 245 18.95 -16.94 2.50
CA ALA B 245 19.45 -15.87 3.34
C ALA B 245 18.61 -15.71 4.62
N MET B 246 17.31 -15.96 4.52
CA MET B 246 16.42 -15.85 5.66
C MET B 246 16.55 -16.99 6.66
N GLY B 247 17.36 -17.99 6.32
CA GLY B 247 17.57 -19.10 7.25
C GLY B 247 17.22 -20.49 6.75
N ALA B 248 16.46 -20.58 5.66
CA ALA B 248 16.08 -21.88 5.13
C ALA B 248 17.36 -22.63 4.72
N ASP B 249 17.41 -23.92 5.05
CA ASP B 249 18.56 -24.76 4.72
C ASP B 249 18.42 -25.24 3.29
N PHE B 250 17.20 -25.61 2.90
CA PHE B 250 16.96 -26.01 1.52
C PHE B 250 15.58 -25.57 1.07
N ILE B 251 15.37 -25.59 -0.24
CA ILE B 251 14.12 -25.12 -0.84
C ILE B 251 13.36 -26.18 -1.62
N MET B 252 12.05 -26.28 -1.39
CA MET B 252 11.23 -27.23 -2.13
C MET B 252 10.44 -26.46 -3.19
N LEU B 253 10.53 -26.92 -4.43
CA LEU B 253 9.82 -26.26 -5.52
C LEU B 253 9.03 -27.25 -6.35
N GLY B 254 7.90 -26.80 -6.87
CA GLY B 254 7.06 -27.63 -7.71
C GLY B 254 7.06 -27.07 -9.13
N ARG B 255 6.41 -25.93 -9.31
CA ARG B 255 6.32 -25.27 -10.62
C ARG B 255 7.67 -25.19 -11.31
N TYR B 256 8.67 -24.67 -10.60
CA TYR B 256 10.02 -24.53 -11.14
C TYR B 256 10.48 -25.79 -11.88
N PHE B 257 10.29 -26.95 -11.25
CA PHE B 257 10.70 -28.23 -11.84
C PHE B 257 9.71 -28.77 -12.86
N ALA B 258 8.42 -28.53 -12.64
CA ALA B 258 7.38 -29.02 -13.54
C ALA B 258 7.66 -28.64 -15.00
N ARG B 259 8.26 -27.48 -15.19
CA ARG B 259 8.57 -26.98 -16.52
C ARG B 259 9.69 -27.72 -17.23
N PHE B 260 10.37 -28.63 -16.53
CA PHE B 260 11.48 -29.35 -17.14
C PHE B 260 11.15 -30.63 -17.90
N GLU B 261 12.05 -31.01 -18.79
CA GLU B 261 11.86 -32.21 -19.59
C GLU B 261 11.71 -33.44 -18.74
N GLU B 262 12.38 -33.47 -17.60
CA GLU B 262 12.34 -34.61 -16.70
C GLU B 262 11.07 -34.79 -15.87
N SER B 263 10.20 -33.79 -15.84
CA SER B 263 8.97 -33.93 -15.07
C SER B 263 8.04 -34.95 -15.75
N PRO B 264 7.22 -35.65 -14.96
CA PRO B 264 6.29 -36.65 -15.50
C PRO B 264 5.03 -36.15 -16.21
N THR B 265 4.92 -34.84 -16.43
CA THR B 265 3.73 -34.34 -17.11
C THR B 265 3.94 -34.33 -18.62
N ARG B 266 2.86 -34.28 -19.37
CA ARG B 266 2.94 -34.29 -20.83
C ARG B 266 3.26 -32.91 -21.40
N LYS B 267 4.04 -32.87 -22.47
CA LYS B 267 4.37 -31.61 -23.13
C LYS B 267 3.27 -31.29 -24.11
N VAL B 268 2.69 -30.10 -23.99
CA VAL B 268 1.63 -29.69 -24.90
C VAL B 268 1.98 -28.34 -25.51
N THR B 269 1.27 -27.96 -26.57
CA THR B 269 1.52 -26.68 -27.22
C THR B 269 0.24 -25.84 -27.17
N ILE B 270 0.39 -24.59 -26.77
CA ILE B 270 -0.74 -23.68 -26.66
C ILE B 270 -0.36 -22.34 -27.25
N ASN B 271 -1.08 -21.92 -28.27
CA ASN B 271 -0.83 -20.64 -28.93
C ASN B 271 0.61 -20.51 -29.40
N GLY B 272 1.13 -21.56 -30.02
CA GLY B 272 2.50 -21.54 -30.52
C GLY B 272 3.58 -21.71 -29.47
N SER B 273 3.18 -21.82 -28.21
CA SER B 273 4.14 -21.99 -27.12
C SER B 273 4.14 -23.41 -26.59
N VAL B 274 5.33 -23.95 -26.33
CA VAL B 274 5.44 -25.29 -25.79
C VAL B 274 5.25 -25.20 -24.27
N MET B 275 4.17 -25.81 -23.79
CA MET B 275 3.86 -25.79 -22.36
C MET B 275 4.10 -27.15 -21.72
N LYS B 276 3.63 -27.28 -20.48
CA LYS B 276 3.75 -28.51 -19.70
C LYS B 276 2.67 -28.47 -18.63
N GLU B 277 1.94 -29.57 -18.50
CA GLU B 277 0.87 -29.64 -17.51
C GLU B 277 1.45 -29.57 -16.11
N TYR B 278 0.64 -29.07 -15.18
CA TYR B 278 1.03 -28.94 -13.79
C TYR B 278 -0.23 -28.72 -12.97
N TRP B 279 -0.50 -29.63 -12.04
CA TRP B 279 -1.68 -29.51 -11.19
C TRP B 279 -1.28 -29.67 -9.73
N GLY B 280 -2.14 -29.18 -8.84
CA GLY B 280 -1.86 -29.29 -7.43
C GLY B 280 -2.30 -30.60 -6.82
N GLU B 281 -1.63 -31.01 -5.76
CA GLU B 281 -1.95 -32.25 -5.07
C GLU B 281 -3.29 -32.13 -4.35
N GLY B 282 -3.77 -30.90 -4.20
CA GLY B 282 -5.04 -30.69 -3.53
C GLY B 282 -6.18 -30.56 -4.53
N SER B 283 -5.89 -30.84 -5.80
CA SER B 283 -6.90 -30.76 -6.84
C SER B 283 -7.64 -32.09 -6.96
N SER B 284 -8.83 -32.04 -7.55
CA SER B 284 -9.64 -33.24 -7.72
C SER B 284 -9.14 -34.07 -8.90
N ARG B 285 -8.22 -34.98 -8.60
CA ARG B 285 -7.63 -35.87 -9.60
C ARG B 285 -6.45 -36.58 -8.96
N ALA B 286 -5.74 -35.85 -8.10
CA ALA B 286 -4.59 -36.39 -7.40
C ALA B 286 -5.07 -36.98 -6.08
N ARG B 287 -6.03 -36.31 -5.45
CA ARG B 287 -6.58 -36.77 -4.18
C ARG B 287 -7.35 -38.06 -4.36
N ASN B 288 -7.77 -38.32 -5.60
CA ASN B 288 -8.54 -39.51 -5.92
C ASN B 288 -7.72 -40.59 -6.63
N TRP B 289 -6.41 -40.58 -6.41
CA TRP B 289 -5.54 -41.57 -7.03
C TRP B 289 -6.07 -42.98 -6.81
N ASP B 307 -5.15 -27.25 -11.46
CA ASP B 307 -4.70 -27.72 -12.77
C ASP B 307 -4.37 -26.53 -13.66
N SER B 308 -3.24 -26.60 -14.35
CA SER B 308 -2.82 -25.50 -15.23
C SER B 308 -1.67 -25.86 -16.16
N TYR B 309 -1.03 -24.83 -16.71
CA TYR B 309 0.10 -25.04 -17.61
C TYR B 309 1.30 -24.19 -17.21
N VAL B 310 2.49 -24.65 -17.57
CA VAL B 310 3.71 -23.91 -17.26
C VAL B 310 4.60 -23.96 -18.49
N PRO B 311 5.34 -22.88 -18.77
CA PRO B 311 6.21 -22.88 -19.94
C PRO B 311 7.33 -23.92 -19.88
N TYR B 312 7.53 -24.61 -21.00
CA TYR B 312 8.57 -25.62 -21.09
C TYR B 312 9.90 -24.90 -20.96
N ALA B 313 10.71 -25.27 -19.98
CA ALA B 313 11.99 -24.60 -19.76
C ALA B 313 13.20 -25.42 -20.23
N GLY B 314 12.95 -26.65 -20.66
CA GLY B 314 14.05 -27.48 -21.13
C GLY B 314 14.55 -28.50 -20.12
N LYS B 315 15.85 -28.78 -20.17
CA LYS B 315 16.47 -29.75 -19.29
C LYS B 315 16.81 -29.18 -17.92
N LEU B 316 16.64 -30.02 -16.90
CA LEU B 316 16.90 -29.64 -15.52
C LEU B 316 18.34 -29.19 -15.28
N LYS B 317 19.29 -29.94 -15.82
CA LYS B 317 20.70 -29.61 -15.65
C LYS B 317 21.03 -28.19 -16.09
N ASP B 318 20.54 -27.81 -17.26
CA ASP B 318 20.80 -26.48 -17.81
C ASP B 318 20.22 -25.38 -16.94
N ASN B 319 18.94 -25.51 -16.59
CA ASN B 319 18.26 -24.53 -15.77
C ASN B 319 18.85 -24.44 -14.38
N VAL B 320 18.93 -25.57 -13.68
CA VAL B 320 19.47 -25.57 -12.34
C VAL B 320 20.83 -24.88 -12.30
N GLU B 321 21.66 -25.14 -13.31
CA GLU B 321 22.98 -24.56 -13.40
C GLU B 321 22.91 -23.04 -13.46
N ALA B 322 22.00 -22.53 -14.28
CA ALA B 322 21.83 -21.08 -14.43
C ALA B 322 21.37 -20.43 -13.12
N SER B 323 20.26 -20.93 -12.57
CA SER B 323 19.73 -20.39 -11.33
C SER B 323 20.76 -20.34 -10.22
N LEU B 324 21.50 -21.42 -10.03
CA LEU B 324 22.49 -21.48 -8.97
C LEU B 324 23.71 -20.61 -9.23
N ASN B 325 24.05 -20.38 -10.49
CA ASN B 325 25.20 -19.50 -10.77
C ASN B 325 24.80 -18.11 -10.29
N LYS B 326 23.54 -17.76 -10.57
CA LYS B 326 23.00 -16.47 -10.18
C LYS B 326 23.02 -16.40 -8.65
N VAL B 327 22.61 -17.48 -7.98
CA VAL B 327 22.61 -17.54 -6.52
C VAL B 327 24.03 -17.34 -6.00
N LYS B 328 24.97 -18.12 -6.53
CA LYS B 328 26.37 -18.02 -6.11
C LYS B 328 26.90 -16.60 -6.30
N SER B 329 26.60 -16.00 -7.44
CA SER B 329 27.05 -14.64 -7.72
C SER B 329 26.56 -13.68 -6.64
N THR B 330 25.26 -13.75 -6.36
CA THR B 330 24.64 -12.89 -5.35
C THR B 330 25.25 -13.13 -3.97
N MET B 331 25.48 -14.39 -3.62
CA MET B 331 26.07 -14.68 -2.32
C MET B 331 27.38 -13.90 -2.15
N CYS B 332 28.19 -13.85 -3.21
CA CYS B 332 29.42 -13.10 -3.10
C CYS B 332 29.18 -11.60 -2.96
N ASN B 333 28.14 -11.07 -3.60
CA ASN B 333 27.84 -9.63 -3.45
C ASN B 333 27.59 -9.39 -1.96
N CYS B 334 27.09 -10.43 -1.28
CA CYS B 334 26.80 -10.36 0.15
C CYS B 334 27.99 -10.77 1.02
N GLY B 335 29.09 -11.17 0.38
CA GLY B 335 30.28 -11.57 1.12
C GLY B 335 30.20 -12.97 1.71
N ALA B 336 29.52 -13.88 1.03
CA ALA B 336 29.37 -15.24 1.54
C ALA B 336 29.84 -16.31 0.57
N LEU B 337 30.65 -17.23 1.10
CA LEU B 337 31.18 -18.35 0.32
C LEU B 337 30.38 -19.63 0.62
N THR B 338 29.53 -19.57 1.64
CA THR B 338 28.70 -20.73 2.02
C THR B 338 27.33 -20.26 2.47
N ILE B 339 26.38 -21.18 2.47
CA ILE B 339 25.02 -20.85 2.89
C ILE B 339 24.98 -20.36 4.34
N PRO B 340 25.69 -21.05 5.25
CA PRO B 340 25.65 -20.57 6.64
C PRO B 340 26.21 -19.14 6.72
N GLN B 341 27.24 -18.85 5.93
CA GLN B 341 27.82 -17.51 5.90
C GLN B 341 26.77 -16.50 5.44
N LEU B 342 26.01 -16.87 4.41
CA LEU B 342 24.98 -16.00 3.87
C LEU B 342 23.92 -15.70 4.93
N GLN B 343 23.44 -16.74 5.60
CA GLN B 343 22.41 -16.62 6.62
C GLN B 343 22.87 -15.69 7.75
N SER B 344 24.17 -15.63 7.95
CA SER B 344 24.72 -14.78 8.99
C SER B 344 24.96 -13.33 8.54
N LYS B 345 25.55 -13.16 7.36
CA LYS B 345 25.89 -11.82 6.86
C LYS B 345 24.86 -11.08 6.01
N ALA B 346 23.88 -11.80 5.48
CA ALA B 346 22.87 -11.17 4.63
C ALA B 346 22.19 -9.96 5.24
N LYS B 347 22.05 -8.91 4.43
CA LYS B 347 21.38 -7.69 4.85
C LYS B 347 20.12 -7.65 4.00
N ILE B 348 18.96 -7.81 4.64
CA ILE B 348 17.69 -7.88 3.94
C ILE B 348 16.74 -6.73 4.25
N THR B 349 16.25 -6.06 3.19
CA THR B 349 15.33 -4.95 3.39
C THR B 349 13.97 -5.22 2.77
N LEU B 350 12.95 -4.65 3.39
CA LEU B 350 11.57 -4.74 2.91
C LEU B 350 11.53 -3.64 1.85
N VAL B 351 10.63 -3.78 0.89
CA VAL B 351 10.50 -2.79 -0.18
C VAL B 351 9.05 -2.27 -0.11
N SER B 352 8.87 -0.98 -0.36
CA SER B 352 7.53 -0.38 -0.29
C SER B 352 6.60 -0.95 -1.36
N SER B 353 5.31 -0.97 -1.06
CA SER B 353 4.32 -1.50 -2.01
C SER B 353 4.39 -0.72 -3.31
N VAL B 354 4.62 0.58 -3.23
CA VAL B 354 4.72 1.42 -4.43
C VAL B 354 5.92 0.99 -5.28
N SER B 355 7.01 0.63 -4.62
CA SER B 355 8.21 0.20 -5.35
C SER B 355 7.92 -1.06 -6.17
N ILE B 356 7.15 -1.97 -5.60
CA ILE B 356 6.80 -3.21 -6.29
C ILE B 356 5.82 -2.89 -7.40
N VAL B 357 4.80 -2.11 -7.07
CA VAL B 357 3.79 -1.70 -8.05
C VAL B 357 4.51 -0.87 -9.11
N GLU B 358 5.82 -0.76 -8.93
CA GLU B 358 6.71 -0.02 -9.82
C GLU B 358 6.16 1.32 -10.27
N ALA C 1 -10.87 17.19 16.91
CA ALA C 1 -11.29 15.90 16.40
C ALA C 1 -10.43 14.77 16.96
N LYS C 2 -10.99 13.55 16.97
CA LYS C 2 -10.25 12.40 17.48
C LYS C 2 -9.76 11.54 16.32
N TYR C 3 -8.49 11.14 16.38
CA TYR C 3 -7.91 10.33 15.33
C TYR C 3 -7.44 8.98 15.88
N TYR C 4 -7.25 8.01 14.99
CA TYR C 4 -6.82 6.69 15.43
C TYR C 4 -5.39 6.35 15.00
N ASN C 5 -4.69 5.62 15.85
CA ASN C 5 -3.31 5.22 15.59
C ASN C 5 -3.12 4.30 14.40
N GLU C 6 -4.19 3.66 13.95
CA GLU C 6 -4.07 2.73 12.84
C GLU C 6 -5.25 2.73 11.88
N PRO C 7 -5.00 2.45 10.59
CA PRO C 7 -6.09 2.42 9.62
C PRO C 7 -6.96 1.17 9.80
N CYS C 8 -8.24 1.28 9.47
CA CYS C 8 -9.16 0.16 9.60
C CYS C 8 -8.97 -0.79 8.41
N HIS C 9 -9.24 -2.07 8.62
CA HIS C 9 -9.07 -3.07 7.58
C HIS C 9 -10.31 -3.92 7.29
N THR C 10 -10.32 -4.54 6.12
CA THR C 10 -11.42 -5.42 5.70
C THR C 10 -11.03 -6.88 5.95
N PHE C 11 -11.99 -7.78 5.76
CA PHE C 11 -11.74 -9.21 5.98
C PHE C 11 -10.68 -9.76 5.01
N ASN C 12 -10.59 -9.19 3.81
CA ASN C 12 -9.61 -9.67 2.84
C ASN C 12 -8.17 -9.43 3.25
N GLU C 13 -7.95 -8.66 4.31
CA GLU C 13 -6.60 -8.35 4.76
C GLU C 13 -6.08 -9.29 5.83
N TYR C 14 -6.86 -10.32 6.16
CA TYR C 14 -6.46 -11.27 7.19
C TYR C 14 -6.42 -12.73 6.77
N LEU C 15 -5.59 -13.50 7.48
CA LEU C 15 -5.45 -14.93 7.28
C LEU C 15 -5.32 -15.59 8.65
N LEU C 16 -5.71 -16.85 8.72
CA LEU C 16 -5.63 -17.60 9.97
C LEU C 16 -4.37 -18.48 9.92
N ILE C 17 -3.64 -18.54 11.03
CA ILE C 17 -2.45 -19.37 11.12
C ILE C 17 -2.84 -20.60 11.94
N PRO C 18 -2.64 -21.80 11.36
CA PRO C 18 -2.99 -23.05 12.05
C PRO C 18 -2.46 -23.23 13.47
N GLY C 19 -3.26 -23.93 14.27
CA GLY C 19 -2.89 -24.23 15.64
C GLY C 19 -2.82 -25.75 15.71
N LEU C 20 -2.76 -26.32 16.91
CA LEU C 20 -2.67 -27.78 17.06
C LEU C 20 -4.00 -28.48 16.81
N SER C 21 -4.02 -29.34 15.79
CA SER C 21 -5.22 -30.07 15.46
C SER C 21 -5.12 -31.46 16.09
N THR C 22 -5.95 -31.70 17.11
CA THR C 22 -5.97 -32.99 17.78
C THR C 22 -6.75 -34.00 16.94
N VAL C 23 -6.38 -35.27 17.05
CA VAL C 23 -7.02 -36.34 16.30
C VAL C 23 -8.55 -36.32 16.31
N ASP C 24 -9.14 -35.87 17.41
CA ASP C 24 -10.61 -35.85 17.48
C ASP C 24 -11.26 -34.62 16.84
N CYS C 25 -10.47 -33.68 16.34
CA CYS C 25 -11.08 -32.52 15.69
C CYS C 25 -11.28 -32.79 14.21
N ILE C 26 -12.45 -33.31 13.87
CA ILE C 26 -12.81 -33.58 12.48
C ILE C 26 -14.13 -32.87 12.28
N PRO C 27 -14.35 -32.34 11.07
CA PRO C 27 -15.58 -31.61 10.72
C PRO C 27 -16.90 -32.13 11.31
N SER C 28 -17.01 -33.44 11.47
CA SER C 28 -18.24 -34.03 12.01
C SER C 28 -18.41 -33.84 13.51
N ASN C 29 -17.36 -33.40 14.18
CA ASN C 29 -17.43 -33.20 15.63
C ASN C 29 -17.52 -31.73 16.02
N VAL C 30 -17.43 -30.83 15.04
CA VAL C 30 -17.48 -29.41 15.32
C VAL C 30 -18.90 -28.93 15.63
N ASN C 31 -19.05 -28.26 16.78
CA ASN C 31 -20.33 -27.73 17.21
C ASN C 31 -20.36 -26.26 16.78
N LEU C 32 -21.33 -25.91 15.94
CA LEU C 32 -21.45 -24.55 15.42
C LEU C 32 -22.55 -23.74 16.10
N SER C 33 -23.09 -24.26 17.20
CA SER C 33 -24.14 -23.54 17.90
C SER C 33 -23.55 -22.27 18.52
N THR C 34 -24.38 -21.24 18.66
CA THR C 34 -23.90 -19.99 19.22
C THR C 34 -25.09 -19.25 19.85
N PRO C 35 -24.81 -18.40 20.87
CA PRO C 35 -25.87 -17.65 21.54
C PRO C 35 -26.37 -16.44 20.75
N LEU C 36 -27.66 -16.15 20.89
CA LEU C 36 -28.27 -15.05 20.18
C LEU C 36 -28.53 -13.84 21.09
N VAL C 37 -28.81 -14.10 22.36
CA VAL C 37 -29.08 -13.01 23.29
C VAL C 37 -28.28 -13.08 24.59
N LYS C 38 -28.07 -11.92 25.20
CA LYS C 38 -27.28 -11.81 26.42
C LYS C 38 -27.73 -12.71 27.56
N PHE C 39 -26.74 -13.18 28.30
CA PHE C 39 -26.96 -14.05 29.44
C PHE C 39 -25.89 -13.77 30.48
N GLN C 40 -26.00 -14.44 31.63
CA GLN C 40 -25.07 -14.23 32.73
C GLN C 40 -23.89 -15.22 32.72
N LYS C 41 -22.75 -14.76 33.22
CA LYS C 41 -21.56 -15.60 33.29
C LYS C 41 -21.90 -16.92 33.97
N GLY C 42 -21.39 -18.01 33.41
CA GLY C 42 -21.64 -19.32 33.96
C GLY C 42 -22.91 -19.97 33.43
N GLN C 43 -23.83 -19.17 32.93
CA GLN C 43 -25.07 -19.70 32.41
C GLN C 43 -25.10 -19.80 30.89
N GLN C 44 -26.27 -20.09 30.35
CA GLN C 44 -26.44 -20.26 28.92
C GLN C 44 -27.48 -19.27 28.41
N SER C 45 -27.41 -18.93 27.13
CA SER C 45 -28.36 -17.99 26.54
C SER C 45 -29.73 -18.65 26.40
N GLU C 46 -30.78 -17.85 26.52
CA GLU C 46 -32.13 -18.38 26.38
C GLU C 46 -32.37 -18.82 24.93
N ILE C 47 -31.66 -18.20 24.00
CA ILE C 47 -31.79 -18.55 22.60
C ILE C 47 -30.42 -18.89 22.03
N ASN C 48 -30.30 -20.10 21.51
CA ASN C 48 -29.04 -20.58 20.93
C ASN C 48 -29.28 -21.14 19.53
N LEU C 49 -28.56 -20.61 18.54
CA LEU C 49 -28.71 -21.10 17.18
C LEU C 49 -27.85 -22.34 17.01
N LYS C 50 -28.20 -23.18 16.05
CA LYS C 50 -27.40 -24.37 15.79
C LYS C 50 -26.27 -24.00 14.84
N ILE C 51 -26.45 -22.91 14.10
CA ILE C 51 -25.43 -22.39 13.20
C ILE C 51 -25.45 -20.87 13.34
N PRO C 52 -24.28 -20.23 13.25
CA PRO C 52 -24.09 -18.78 13.37
C PRO C 52 -24.44 -17.89 12.18
N LEU C 53 -25.43 -18.28 11.38
CA LEU C 53 -25.81 -17.47 10.23
C LEU C 53 -27.25 -16.95 10.35
N VAL C 54 -27.44 -15.65 10.10
CA VAL C 54 -28.76 -15.04 10.13
C VAL C 54 -28.89 -14.20 8.86
N SER C 55 -30.10 -14.17 8.29
CA SER C 55 -30.31 -13.41 7.07
C SER C 55 -30.65 -11.95 7.35
N ALA C 56 -30.21 -11.08 6.46
CA ALA C 56 -30.38 -9.63 6.57
C ALA C 56 -31.82 -9.11 6.63
N ILE C 57 -31.99 -7.98 7.29
CA ILE C 57 -33.29 -7.33 7.44
C ILE C 57 -33.54 -6.54 6.14
N MET C 58 -33.80 -7.26 5.06
CA MET C 58 -33.98 -6.64 3.75
C MET C 58 -35.15 -7.23 2.98
N GLN C 59 -35.82 -6.40 2.19
CA GLN C 59 -36.96 -6.84 1.38
C GLN C 59 -36.52 -7.91 0.39
N SER C 60 -35.31 -7.78 -0.14
CA SER C 60 -34.81 -8.74 -1.12
C SER C 60 -34.22 -10.03 -0.56
N VAL C 61 -34.27 -10.23 0.75
CA VAL C 61 -33.71 -11.48 1.27
C VAL C 61 -34.51 -12.21 2.35
N SER C 62 -34.96 -11.53 3.39
CA SER C 62 -35.68 -12.22 4.46
C SER C 62 -37.20 -12.27 4.40
N GLY C 63 -37.72 -13.17 3.57
CA GLY C 63 -39.16 -13.32 3.45
C GLY C 63 -39.58 -14.58 4.19
N GLU C 64 -40.81 -15.03 3.98
CA GLU C 64 -41.32 -16.23 4.65
C GLU C 64 -40.52 -17.49 4.31
N LYS C 65 -40.26 -17.70 3.02
CA LYS C 65 -39.52 -18.87 2.57
C LYS C 65 -38.10 -18.90 3.13
N MET C 66 -37.46 -17.75 3.17
CA MET C 66 -36.11 -17.66 3.69
C MET C 66 -36.13 -18.05 5.18
N ALA C 67 -37.04 -17.43 5.93
CA ALA C 67 -37.17 -17.67 7.36
C ALA C 67 -37.31 -19.15 7.71
N ILE C 68 -38.11 -19.87 6.93
CA ILE C 68 -38.33 -21.30 7.16
C ILE C 68 -37.12 -22.11 6.73
N ALA C 69 -36.60 -21.83 5.54
CA ALA C 69 -35.45 -22.57 5.02
C ALA C 69 -34.25 -22.44 5.94
N LEU C 70 -33.92 -21.20 6.33
CA LEU C 70 -32.79 -20.96 7.20
C LEU C 70 -32.98 -21.52 8.60
N ALA C 71 -34.19 -21.39 9.15
CA ALA C 71 -34.47 -21.90 10.49
C ALA C 71 -34.27 -23.41 10.50
N ARG C 72 -34.63 -24.06 9.39
CA ARG C 72 -34.48 -25.50 9.27
C ARG C 72 -33.02 -25.88 9.39
N GLU C 73 -32.15 -25.09 8.78
CA GLU C 73 -30.72 -25.37 8.82
C GLU C 73 -30.11 -25.01 10.18
N GLY C 74 -30.89 -24.34 11.03
CA GLY C 74 -30.38 -24.01 12.35
C GLY C 74 -30.06 -22.54 12.62
N GLY C 75 -30.35 -21.68 11.66
CA GLY C 75 -30.10 -20.27 11.83
C GLY C 75 -31.41 -19.54 12.08
N ILE C 76 -31.45 -18.25 11.76
CA ILE C 76 -32.68 -17.50 11.94
C ILE C 76 -32.69 -16.29 11.01
N SER C 77 -33.89 -15.90 10.58
CA SER C 77 -34.06 -14.76 9.68
C SER C 77 -34.72 -13.61 10.43
N PHE C 78 -34.42 -12.39 10.02
CA PHE C 78 -35.06 -11.23 10.64
C PHE C 78 -35.94 -10.62 9.56
N ILE C 79 -37.22 -10.99 9.59
CA ILE C 79 -38.19 -10.51 8.61
C ILE C 79 -38.05 -9.02 8.42
N PHE C 80 -37.90 -8.59 7.17
CA PHE C 80 -37.74 -7.17 6.87
C PHE C 80 -38.89 -6.36 7.43
N GLY C 81 -38.59 -5.12 7.83
CA GLY C 81 -39.61 -4.27 8.40
C GLY C 81 -40.02 -3.09 7.53
N SER C 82 -39.55 -3.07 6.30
CA SER C 82 -39.93 -2.01 5.38
C SER C 82 -41.20 -2.48 4.67
N GLN C 83 -42.26 -2.59 5.47
CA GLN C 83 -43.58 -3.03 5.00
C GLN C 83 -44.52 -2.73 6.16
N SER C 84 -45.83 -2.76 5.90
CA SER C 84 -46.80 -2.47 6.95
C SER C 84 -46.65 -3.38 8.16
N ILE C 85 -47.04 -2.86 9.32
CA ILE C 85 -46.96 -3.63 10.55
C ILE C 85 -47.78 -4.91 10.39
N GLU C 86 -48.87 -4.80 9.65
CA GLU C 86 -49.76 -5.93 9.41
C GLU C 86 -49.12 -6.98 8.52
N SER C 87 -48.47 -6.56 7.45
CA SER C 87 -47.82 -7.51 6.55
C SER C 87 -46.72 -8.27 7.30
N GLN C 88 -45.78 -7.52 7.87
CA GLN C 88 -44.68 -8.13 8.61
C GLN C 88 -45.21 -9.10 9.66
N ALA C 89 -46.23 -8.67 10.40
CA ALA C 89 -46.81 -9.52 11.43
C ALA C 89 -47.35 -10.81 10.80
N ALA C 90 -47.92 -10.68 9.61
CA ALA C 90 -48.45 -11.85 8.91
C ALA C 90 -47.33 -12.87 8.66
N MET C 91 -46.24 -12.42 8.07
CA MET C 91 -45.11 -13.30 7.80
C MET C 91 -44.60 -14.00 9.05
N VAL C 92 -44.40 -13.23 10.12
CA VAL C 92 -43.93 -13.82 11.36
C VAL C 92 -44.85 -14.95 11.76
N HIS C 93 -46.16 -14.71 11.64
CA HIS C 93 -47.16 -15.71 12.00
C HIS C 93 -47.09 -16.94 11.12
N ALA C 94 -46.99 -16.73 9.81
CA ALA C 94 -46.92 -17.84 8.87
C ALA C 94 -45.77 -18.76 9.26
N VAL C 95 -44.60 -18.18 9.48
CA VAL C 95 -43.41 -18.95 9.84
C VAL C 95 -43.57 -19.70 11.16
N LYS C 96 -44.11 -19.02 12.17
CA LYS C 96 -44.30 -19.64 13.48
C LYS C 96 -45.28 -20.82 13.48
N ASN C 97 -46.34 -20.73 12.68
CA ASN C 97 -47.33 -21.80 12.61
C ASN C 97 -47.19 -22.63 11.34
N PHE C 98 -45.95 -22.95 10.98
CA PHE C 98 -45.69 -23.75 9.80
C PHE C 98 -45.58 -25.23 10.17
N LYS C 99 -44.94 -25.48 11.32
CA LYS C 99 -44.71 -26.82 11.87
C LYS C 99 -43.21 -27.11 11.99
N ARG C 104 -40.79 -25.20 17.65
CA ARG C 104 -41.11 -24.75 16.29
C ARG C 104 -40.03 -23.84 15.75
N TYR C 105 -40.10 -23.53 14.46
CA TYR C 105 -39.14 -22.65 13.80
C TYR C 105 -39.02 -21.29 14.47
N LEU C 106 -37.78 -20.86 14.68
CA LEU C 106 -37.53 -19.56 15.29
C LEU C 106 -37.53 -18.53 14.17
N VAL C 107 -38.01 -17.33 14.48
CA VAL C 107 -38.03 -16.27 13.49
C VAL C 107 -37.77 -14.93 14.17
N GLY C 108 -37.06 -14.06 13.47
CA GLY C 108 -36.78 -12.75 14.01
C GLY C 108 -37.56 -11.73 13.21
N ALA C 109 -37.46 -10.47 13.60
CA ALA C 109 -38.17 -9.41 12.88
C ALA C 109 -37.48 -8.09 13.14
N GLY C 110 -37.35 -7.29 12.09
CA GLY C 110 -36.72 -5.99 12.24
C GLY C 110 -37.74 -4.93 12.63
N ILE C 111 -37.30 -3.94 13.40
CA ILE C 111 -38.18 -2.86 13.80
C ILE C 111 -37.42 -1.57 13.60
N ASN C 112 -38.14 -0.46 13.66
CA ASN C 112 -37.53 0.84 13.47
C ASN C 112 -37.79 1.71 14.70
N THR C 113 -37.07 2.82 14.76
CA THR C 113 -37.19 3.74 15.88
C THR C 113 -38.32 4.76 15.74
N ARG C 114 -39.28 4.50 14.84
CA ARG C 114 -40.40 5.42 14.65
C ARG C 114 -41.73 4.86 15.16
N ASP C 115 -42.19 3.76 14.55
CA ASP C 115 -43.48 3.15 14.91
C ASP C 115 -43.43 1.94 15.83
N PHE C 116 -42.39 1.84 16.64
CA PHE C 116 -42.24 0.70 17.54
C PHE C 116 -43.38 0.48 18.54
N ARG C 117 -44.06 1.55 18.94
CA ARG C 117 -45.16 1.45 19.89
C ARG C 117 -46.25 0.49 19.45
N GLU C 118 -46.53 0.45 18.14
CA GLU C 118 -47.55 -0.48 17.66
C GLU C 118 -46.93 -1.66 16.93
N ARG C 119 -45.74 -1.45 16.36
CA ARG C 119 -45.06 -2.51 15.62
C ARG C 119 -44.57 -3.65 16.51
N VAL C 120 -43.99 -3.30 17.66
CA VAL C 120 -43.50 -4.31 18.57
C VAL C 120 -44.60 -5.20 19.13
N PRO C 121 -45.72 -4.61 19.60
CA PRO C 121 -46.80 -5.43 20.15
C PRO C 121 -47.35 -6.41 19.11
N ALA C 122 -47.52 -5.91 17.89
CA ALA C 122 -48.04 -6.73 16.80
C ALA C 122 -47.06 -7.86 16.52
N LEU C 123 -45.79 -7.50 16.38
CA LEU C 123 -44.75 -8.48 16.11
C LEU C 123 -44.69 -9.51 17.23
N VAL C 124 -44.72 -9.04 18.47
CA VAL C 124 -44.68 -9.93 19.62
C VAL C 124 -45.89 -10.87 19.65
N GLU C 125 -47.08 -10.30 19.47
CA GLU C 125 -48.31 -11.10 19.48
C GLU C 125 -48.28 -12.15 18.38
N ALA C 126 -47.60 -11.86 17.28
CA ALA C 126 -47.49 -12.78 16.16
C ALA C 126 -46.56 -13.95 16.49
N GLY C 127 -45.82 -13.83 17.59
CA GLY C 127 -44.92 -14.90 17.98
C GLY C 127 -43.46 -14.75 17.62
N ALA C 128 -43.04 -13.55 17.22
CA ALA C 128 -41.63 -13.34 16.89
C ALA C 128 -40.78 -13.71 18.10
N ASP C 129 -39.72 -14.46 17.88
CA ASP C 129 -38.86 -14.90 18.98
C ASP C 129 -37.84 -13.84 19.41
N VAL C 130 -37.51 -12.93 18.49
CA VAL C 130 -36.55 -11.88 18.77
C VAL C 130 -36.71 -10.73 17.77
N LEU C 131 -36.43 -9.51 18.22
CA LEU C 131 -36.55 -8.32 17.41
C LEU C 131 -35.17 -7.68 17.25
N CYS C 132 -35.05 -6.78 16.28
CA CYS C 132 -33.79 -6.09 16.08
C CYS C 132 -34.03 -4.71 15.47
N ILE C 133 -33.59 -3.67 16.17
CA ILE C 133 -33.76 -2.32 15.67
C ILE C 133 -32.84 -2.18 14.46
N ASP C 134 -33.44 -1.86 13.32
CA ASP C 134 -32.75 -1.74 12.04
C ASP C 134 -32.29 -0.32 11.68
N SER C 135 -30.97 -0.09 11.68
CA SER C 135 -30.44 1.22 11.35
C SER C 135 -29.01 1.17 10.83
N SER C 136 -28.63 2.21 10.09
CA SER C 136 -27.28 2.29 9.56
C SER C 136 -26.38 2.99 10.59
N ASP C 137 -27.02 3.54 11.63
CA ASP C 137 -26.31 4.21 12.71
C ASP C 137 -27.05 4.06 14.05
N GLY C 138 -26.81 2.95 14.74
CA GLY C 138 -27.48 2.70 16.01
C GLY C 138 -26.96 3.50 17.19
N PHE C 139 -25.96 4.34 16.98
CA PHE C 139 -25.45 5.15 18.08
C PHE C 139 -26.35 6.37 18.20
N SER C 140 -27.54 6.18 18.78
CA SER C 140 -28.49 7.29 18.92
C SER C 140 -29.45 7.12 20.09
N GLU C 141 -29.98 8.24 20.56
CA GLU C 141 -30.94 8.25 21.66
C GLU C 141 -32.21 7.48 21.28
N TRP C 142 -32.54 7.51 19.99
CA TRP C 142 -33.71 6.81 19.51
C TRP C 142 -33.67 5.31 19.77
N GLN C 143 -32.49 4.69 19.69
CA GLN C 143 -32.40 3.26 19.94
C GLN C 143 -32.54 3.04 21.45
N LYS C 144 -31.95 3.96 22.23
CA LYS C 144 -32.02 3.87 23.68
C LYS C 144 -33.47 4.03 24.14
N ILE C 145 -34.19 4.90 23.45
CA ILE C 145 -35.58 5.15 23.77
C ILE C 145 -36.41 3.92 23.43
N THR C 146 -36.19 3.38 22.23
CA THR C 146 -36.93 2.20 21.78
C THR C 146 -36.71 1.02 22.72
N ILE C 147 -35.47 0.75 23.07
CA ILE C 147 -35.19 -0.36 23.98
C ILE C 147 -35.84 -0.05 25.32
N GLY C 148 -35.78 1.21 25.73
CA GLY C 148 -36.37 1.61 27.00
C GLY C 148 -37.87 1.37 27.00
N TRP C 149 -38.52 1.56 25.85
CA TRP C 149 -39.95 1.35 25.77
C TRP C 149 -40.29 -0.13 25.87
N ILE C 150 -39.55 -0.95 25.14
CA ILE C 150 -39.79 -2.39 25.16
C ILE C 150 -39.63 -2.92 26.59
N ARG C 151 -38.59 -2.44 27.28
CA ARG C 151 -38.34 -2.87 28.66
C ARG C 151 -39.46 -2.43 29.58
N ASP C 152 -39.91 -1.19 29.39
CA ASP C 152 -40.98 -0.63 30.20
C ASP C 152 -42.23 -1.51 30.11
N LYS C 153 -42.54 -1.97 28.89
CA LYS C 153 -43.72 -2.78 28.65
C LYS C 153 -43.57 -4.30 28.83
N TYR C 154 -42.40 -4.86 28.52
CA TYR C 154 -42.23 -6.31 28.63
C TYR C 154 -41.06 -6.75 29.48
N GLY C 155 -40.27 -5.82 29.99
CA GLY C 155 -39.13 -6.21 30.80
C GLY C 155 -38.17 -7.02 29.93
N ASP C 156 -37.66 -8.12 30.47
CA ASP C 156 -36.73 -8.99 29.76
C ASP C 156 -37.40 -10.10 28.94
N LYS C 157 -38.72 -10.13 28.92
CA LYS C 157 -39.47 -11.15 28.17
C LYS C 157 -39.36 -11.01 26.64
N VAL C 158 -39.14 -9.79 26.16
CA VAL C 158 -39.01 -9.57 24.72
C VAL C 158 -37.55 -9.24 24.42
N LYS C 159 -36.93 -10.05 23.59
CA LYS C 159 -35.53 -9.87 23.24
C LYS C 159 -35.40 -8.92 22.06
N VAL C 160 -34.53 -7.94 22.19
CA VAL C 160 -34.33 -6.97 21.13
C VAL C 160 -32.86 -6.70 20.82
N GLY C 161 -32.50 -6.98 19.57
CA GLY C 161 -31.13 -6.76 19.13
C GLY C 161 -31.08 -5.28 18.81
N ALA C 162 -29.90 -4.70 18.69
CA ALA C 162 -29.88 -3.29 18.39
C ALA C 162 -28.66 -2.76 17.72
N GLY C 163 -28.84 -1.55 17.23
CA GLY C 163 -27.77 -0.78 16.63
C GLY C 163 -27.27 -0.77 15.23
N ASN C 164 -26.00 -1.13 15.21
CA ASN C 164 -25.08 -1.16 14.10
C ASN C 164 -24.17 0.00 14.41
N ILE C 165 -23.13 -0.38 15.12
CA ILE C 165 -22.10 0.50 15.55
C ILE C 165 -20.83 -0.15 15.02
N VAL C 166 -19.71 0.55 15.11
CA VAL C 166 -18.44 0.02 14.62
C VAL C 166 -17.29 0.24 15.58
N ASP C 167 -17.58 0.71 16.79
CA ASP C 167 -16.56 0.94 17.79
C ASP C 167 -17.03 0.64 19.21
N GLY C 168 -16.07 0.58 20.13
CA GLY C 168 -16.39 0.31 21.52
C GLY C 168 -17.37 1.29 22.14
N GLU C 169 -17.24 2.56 21.79
CA GLU C 169 -18.12 3.60 22.33
C GLU C 169 -19.59 3.36 21.99
N GLY C 170 -19.84 2.96 20.74
CA GLY C 170 -21.21 2.70 20.32
C GLY C 170 -21.75 1.46 20.98
N PHE C 171 -20.87 0.46 21.13
CA PHE C 171 -21.25 -0.80 21.78
C PHE C 171 -21.66 -0.55 23.22
N ARG C 172 -20.81 0.18 23.94
CA ARG C 172 -21.05 0.50 25.35
C ARG C 172 -22.41 1.19 25.53
N TYR C 173 -22.71 2.14 24.65
CA TYR C 173 -23.97 2.86 24.75
C TYR C 173 -25.17 1.93 24.62
N LEU C 174 -25.15 1.04 23.63
CA LEU C 174 -26.25 0.12 23.41
C LEU C 174 -26.32 -0.96 24.47
N ALA C 175 -25.15 -1.34 25.00
CA ALA C 175 -25.10 -2.35 26.04
C ALA C 175 -25.81 -1.76 27.26
N ASP C 176 -25.40 -0.56 27.66
CA ASP C 176 -26.02 0.12 28.80
C ASP C 176 -27.50 0.42 28.56
N ALA C 177 -27.89 0.50 27.29
CA ALA C 177 -29.28 0.77 26.95
C ALA C 177 -30.12 -0.48 27.17
N GLY C 178 -29.46 -1.64 27.22
CA GLY C 178 -30.19 -2.88 27.44
C GLY C 178 -30.32 -3.84 26.28
N ALA C 179 -29.62 -3.55 25.17
CA ALA C 179 -29.71 -4.42 24.00
C ALA C 179 -29.34 -5.87 24.34
N ASP C 180 -30.07 -6.82 23.75
CA ASP C 180 -29.81 -8.24 23.99
C ASP C 180 -28.66 -8.74 23.13
N PHE C 181 -28.47 -8.10 21.99
CA PHE C 181 -27.34 -8.42 21.11
C PHE C 181 -27.06 -7.15 20.34
N ILE C 182 -25.82 -6.96 19.95
CA ILE C 182 -25.42 -5.76 19.23
C ILE C 182 -24.80 -6.08 17.87
N LYS C 183 -25.33 -5.41 16.84
CA LYS C 183 -24.90 -5.61 15.47
C LYS C 183 -23.83 -4.62 15.02
N ILE C 184 -22.79 -5.17 14.41
CA ILE C 184 -21.63 -4.42 13.93
C ILE C 184 -21.60 -4.29 12.41
N GLY C 185 -21.32 -3.09 11.90
CA GLY C 185 -21.24 -2.93 10.47
C GLY C 185 -21.81 -1.69 9.84
N ILE C 186 -20.93 -0.84 9.33
CA ILE C 186 -21.35 0.38 8.65
C ILE C 186 -20.46 0.62 7.45
N GLY C 187 -21.06 0.55 6.26
CA GLY C 187 -20.32 0.77 5.03
C GLY C 187 -19.63 -0.46 4.45
N GLY C 188 -19.71 -1.58 5.15
CA GLY C 188 -19.07 -2.79 4.64
C GLY C 188 -19.94 -3.62 3.72
N GLY C 189 -21.25 -3.39 3.74
CA GLY C 189 -22.16 -4.15 2.89
C GLY C 189 -21.77 -4.18 1.43
N SER C 190 -22.13 -5.26 0.74
CA SER C 190 -21.81 -5.41 -0.67
C SER C 190 -22.46 -4.35 -1.54
N ILE C 191 -23.71 -4.00 -1.23
CA ILE C 191 -24.45 -3.00 -2.00
C ILE C 191 -24.34 -1.60 -1.42
N CYS C 192 -23.20 -1.28 -0.80
CA CYS C 192 -22.99 0.03 -0.22
C CYS C 192 -22.22 0.95 -1.16
N GLU C 196 -18.60 6.68 0.54
CA GLU C 196 -19.16 6.86 -0.78
C GLU C 196 -20.15 8.01 -0.81
N GLN C 197 -21.21 7.90 0.00
CA GLN C 197 -22.25 8.91 0.07
C GLN C 197 -22.03 9.88 1.23
N LYS C 198 -22.07 9.35 2.46
CA LYS C 198 -21.91 10.20 3.63
C LYS C 198 -20.52 10.14 4.24
N GLY C 199 -19.69 9.21 3.75
CA GLY C 199 -18.34 9.09 4.27
C GLY C 199 -18.25 8.55 5.69
N ILE C 200 -19.25 7.77 6.08
CA ILE C 200 -19.28 7.18 7.42
C ILE C 200 -19.10 5.68 7.32
N GLY C 201 -18.35 5.12 8.26
CA GLY C 201 -18.12 3.68 8.24
C GLY C 201 -16.78 3.27 8.79
N ARG C 202 -16.44 1.99 8.62
CA ARG C 202 -15.18 1.46 9.12
C ARG C 202 -14.96 0.08 8.50
N GLY C 203 -13.71 -0.31 8.33
CA GLY C 203 -13.43 -1.64 7.79
C GLY C 203 -14.15 -2.63 8.70
N GLN C 204 -14.85 -3.58 8.11
CA GLN C 204 -15.61 -4.56 8.88
C GLN C 204 -14.77 -5.34 9.89
N ALA C 205 -13.55 -5.71 9.50
CA ALA C 205 -12.68 -6.47 10.40
C ALA C 205 -12.30 -5.67 11.66
N THR C 206 -11.83 -4.45 11.46
CA THR C 206 -11.46 -3.60 12.56
C THR C 206 -12.68 -3.31 13.44
N ALA C 207 -13.83 -3.14 12.82
CA ALA C 207 -15.06 -2.87 13.57
C ALA C 207 -15.37 -4.04 14.49
N VAL C 208 -15.29 -5.25 13.96
CA VAL C 208 -15.59 -6.43 14.78
C VAL C 208 -14.55 -6.58 15.90
N ILE C 209 -13.27 -6.46 15.55
CA ILE C 209 -12.19 -6.59 16.53
C ILE C 209 -12.34 -5.56 17.66
N ASP C 210 -12.66 -4.32 17.29
CA ASP C 210 -12.80 -3.26 18.27
C ASP C 210 -14.03 -3.44 19.17
N VAL C 211 -15.17 -3.74 18.57
CA VAL C 211 -16.39 -3.96 19.35
C VAL C 211 -16.26 -5.18 20.28
N VAL C 212 -15.63 -6.24 19.77
CA VAL C 212 -15.44 -7.47 20.55
C VAL C 212 -14.60 -7.19 21.79
N ALA C 213 -13.53 -6.43 21.61
CA ALA C 213 -12.65 -6.09 22.74
C ALA C 213 -13.47 -5.36 23.81
N GLU C 214 -14.33 -4.45 23.38
CA GLU C 214 -15.15 -3.70 24.33
C GLU C 214 -16.17 -4.63 24.99
N ARG C 215 -16.76 -5.52 24.19
CA ARG C 215 -17.75 -6.48 24.68
C ARG C 215 -17.13 -7.36 25.76
N ASN C 216 -15.88 -7.79 25.56
CA ASN C 216 -15.22 -8.62 26.55
C ASN C 216 -14.90 -7.86 27.83
N LYS C 217 -14.58 -6.57 27.69
CA LYS C 217 -14.31 -5.74 28.87
C LYS C 217 -15.60 -5.62 29.65
N TYR C 218 -16.69 -5.40 28.93
CA TYR C 218 -18.03 -5.28 29.53
C TYR C 218 -18.37 -6.55 30.29
N PHE C 219 -18.04 -7.69 29.69
CA PHE C 219 -18.29 -8.99 30.31
C PHE C 219 -17.56 -9.10 31.64
N GLU C 220 -16.25 -8.82 31.63
CA GLU C 220 -15.42 -8.91 32.83
C GLU C 220 -15.85 -7.93 33.90
N GLU C 221 -16.49 -6.83 33.49
CA GLU C 221 -16.94 -5.82 34.43
C GLU C 221 -18.29 -6.13 35.03
N THR C 222 -19.20 -6.66 34.21
CA THR C 222 -20.56 -6.93 34.68
C THR C 222 -20.99 -8.39 34.82
N GLY C 223 -20.28 -9.30 34.16
CA GLY C 223 -20.66 -10.70 34.22
C GLY C 223 -21.78 -10.98 33.23
N ILE C 224 -22.08 -9.99 32.39
CA ILE C 224 -23.12 -10.13 31.38
C ILE C 224 -22.45 -10.24 30.02
N TYR C 225 -22.66 -11.37 29.35
CA TYR C 225 -22.08 -11.58 28.04
C TYR C 225 -23.11 -11.18 27.00
N ILE C 226 -22.77 -10.17 26.20
CA ILE C 226 -23.66 -9.72 25.14
C ILE C 226 -23.15 -10.20 23.78
N PRO C 227 -23.94 -11.04 23.11
CA PRO C 227 -23.51 -11.53 21.80
C PRO C 227 -23.46 -10.38 20.80
N VAL C 228 -22.55 -10.45 19.84
CA VAL C 228 -22.47 -9.41 18.82
C VAL C 228 -22.55 -10.05 17.45
N CYS C 229 -23.12 -9.32 16.51
CA CYS C 229 -23.31 -9.81 15.16
C CYS C 229 -22.51 -9.04 14.12
N SER C 230 -21.68 -9.75 13.35
CA SER C 230 -20.92 -9.11 12.30
C SER C 230 -21.85 -9.06 11.10
N ASP C 231 -22.28 -7.86 10.76
CA ASP C 231 -23.23 -7.65 9.66
C ASP C 231 -22.61 -7.08 8.39
N GLY C 232 -22.64 -7.86 7.32
CA GLY C 232 -22.10 -7.39 6.05
C GLY C 232 -20.61 -7.61 5.84
N GLY C 233 -20.16 -7.37 4.62
CA GLY C 233 -18.74 -7.51 4.31
C GLY C 233 -18.26 -8.93 4.01
N ILE C 234 -19.15 -9.91 4.06
CA ILE C 234 -18.76 -11.28 3.79
C ILE C 234 -18.72 -11.55 2.28
N VAL C 235 -17.53 -11.64 1.71
CA VAL C 235 -17.38 -11.90 0.29
C VAL C 235 -17.12 -13.38 0.00
N TYR C 236 -16.29 -14.01 0.83
CA TYR C 236 -15.96 -15.41 0.67
C TYR C 236 -16.32 -16.20 1.92
N ASP C 237 -16.42 -17.52 1.78
CA ASP C 237 -16.75 -18.39 2.91
C ASP C 237 -15.74 -18.26 4.05
N TYR C 238 -14.47 -18.11 3.71
CA TYR C 238 -13.45 -18.00 4.73
C TYR C 238 -13.64 -16.75 5.57
N HIS C 239 -14.33 -15.76 5.01
CA HIS C 239 -14.62 -14.54 5.75
C HIS C 239 -15.48 -14.88 6.97
N MET C 240 -16.30 -15.92 6.84
CA MET C 240 -17.16 -16.35 7.93
C MET C 240 -16.33 -16.80 9.13
N THR C 241 -15.34 -17.66 8.84
CA THR C 241 -14.46 -18.18 9.88
C THR C 241 -13.74 -17.04 10.57
N LEU C 242 -13.25 -16.08 9.79
CA LEU C 242 -12.53 -14.92 10.33
C LEU C 242 -13.41 -14.11 11.27
N ALA C 243 -14.62 -13.80 10.81
CA ALA C 243 -15.56 -13.02 11.62
C ALA C 243 -15.76 -13.72 12.97
N LEU C 244 -16.00 -15.03 12.90
CA LEU C 244 -16.19 -15.81 14.11
C LEU C 244 -14.92 -15.79 14.96
N ALA C 245 -13.77 -16.03 14.32
CA ALA C 245 -12.50 -16.05 15.03
C ALA C 245 -12.22 -14.71 15.71
N MET C 246 -12.64 -13.62 15.09
CA MET C 246 -12.42 -12.29 15.65
C MET C 246 -13.33 -11.99 16.83
N GLY C 247 -14.28 -12.88 17.12
CA GLY C 247 -15.15 -12.68 18.26
C GLY C 247 -16.64 -12.58 17.98
N ALA C 248 -17.01 -12.48 16.71
CA ALA C 248 -18.43 -12.39 16.38
C ALA C 248 -19.08 -13.71 16.76
N ASP C 249 -20.28 -13.64 17.34
CA ASP C 249 -21.01 -14.82 17.75
C ASP C 249 -21.85 -15.36 16.60
N PHE C 250 -22.34 -14.44 15.76
CA PHE C 250 -23.09 -14.83 14.58
C PHE C 250 -22.90 -13.80 13.47
N ILE C 251 -23.20 -14.21 12.25
CA ILE C 251 -23.00 -13.36 11.08
C ILE C 251 -24.28 -13.06 10.32
N MET C 252 -24.50 -11.78 9.99
CA MET C 252 -25.68 -11.42 9.21
C MET C 252 -25.26 -11.17 7.76
N LEU C 253 -25.95 -11.82 6.83
CA LEU C 253 -25.64 -11.67 5.41
C LEU C 253 -26.88 -11.37 4.58
N GLY C 254 -26.69 -10.56 3.55
CA GLY C 254 -27.79 -10.20 2.66
C GLY C 254 -27.56 -10.85 1.30
N ARG C 255 -26.53 -10.39 0.60
CA ARG C 255 -26.19 -10.90 -0.74
C ARG C 255 -26.06 -12.43 -0.78
N TYR C 256 -25.40 -12.99 0.22
CA TYR C 256 -25.20 -14.43 0.31
C TYR C 256 -26.51 -15.20 0.17
N PHE C 257 -27.53 -14.74 0.87
CA PHE C 257 -28.85 -15.37 0.85
C PHE C 257 -29.76 -14.94 -0.30
N ALA C 258 -29.53 -13.74 -0.84
CA ALA C 258 -30.36 -13.24 -1.94
C ALA C 258 -30.22 -14.13 -3.17
N ARG C 259 -29.05 -14.74 -3.33
CA ARG C 259 -28.75 -15.62 -4.45
C ARG C 259 -29.55 -16.91 -4.44
N PHE C 260 -30.12 -17.26 -3.29
CA PHE C 260 -30.85 -18.51 -3.20
C PHE C 260 -32.28 -18.53 -3.74
N GLU C 261 -32.77 -19.75 -3.94
CA GLU C 261 -34.10 -20.00 -4.45
C GLU C 261 -35.15 -19.46 -3.49
N GLU C 262 -34.86 -19.58 -2.20
CA GLU C 262 -35.78 -19.14 -1.16
C GLU C 262 -35.87 -17.63 -0.97
N SER C 263 -34.94 -16.88 -1.57
CA SER C 263 -35.01 -15.42 -1.41
C SER C 263 -36.30 -14.96 -2.09
N PRO C 264 -36.95 -13.93 -1.55
CA PRO C 264 -38.20 -13.42 -2.13
C PRO C 264 -38.08 -12.63 -3.44
N THR C 265 -36.91 -12.65 -4.07
CA THR C 265 -36.73 -11.94 -5.33
C THR C 265 -36.92 -12.87 -6.53
N ARG C 266 -37.21 -12.28 -7.69
CA ARG C 266 -37.45 -13.04 -8.90
C ARG C 266 -36.16 -13.47 -9.60
N LYS C 267 -36.20 -14.64 -10.22
CA LYS C 267 -35.05 -15.15 -10.96
C LYS C 267 -35.17 -14.64 -12.38
N VAL C 268 -34.09 -14.08 -12.90
CA VAL C 268 -34.10 -13.56 -14.26
C VAL C 268 -32.88 -14.09 -15.02
N THR C 269 -32.91 -13.94 -16.33
CA THR C 269 -31.80 -14.41 -17.16
C THR C 269 -31.14 -13.22 -17.84
N ILE C 270 -29.81 -13.15 -17.71
CA ILE C 270 -29.04 -12.07 -18.30
C ILE C 270 -27.81 -12.68 -18.98
N ASN C 271 -27.81 -12.68 -20.31
CA ASN C 271 -26.72 -13.23 -21.09
C ASN C 271 -26.56 -14.72 -20.83
N GLY C 272 -27.70 -15.42 -20.81
CA GLY C 272 -27.67 -16.85 -20.57
C GLY C 272 -27.35 -17.25 -19.14
N SER C 273 -27.13 -16.25 -18.29
CA SER C 273 -26.82 -16.51 -16.89
C SER C 273 -28.03 -16.20 -16.01
N VAL C 274 -28.47 -17.19 -15.24
CA VAL C 274 -29.61 -17.01 -14.36
C VAL C 274 -29.17 -16.14 -13.18
N MET C 275 -29.96 -15.12 -12.89
CA MET C 275 -29.64 -14.19 -11.81
C MET C 275 -30.82 -14.00 -10.87
N LYS C 276 -30.58 -13.28 -9.78
CA LYS C 276 -31.63 -12.97 -8.82
C LYS C 276 -31.51 -11.49 -8.49
N GLU C 277 -32.64 -10.82 -8.39
CA GLU C 277 -32.64 -9.40 -8.08
C GLU C 277 -32.16 -9.18 -6.65
N TYR C 278 -31.51 -8.05 -6.42
CA TYR C 278 -31.01 -7.72 -5.10
C TYR C 278 -30.80 -6.22 -5.04
N TRP C 279 -31.55 -5.57 -4.15
CA TRP C 279 -31.43 -4.13 -3.97
C TRP C 279 -31.28 -3.83 -2.48
N GLY C 280 -30.73 -2.66 -2.15
CA GLY C 280 -30.52 -2.32 -0.75
C GLY C 280 -31.71 -1.69 -0.05
N GLU C 281 -31.72 -1.78 1.28
CA GLU C 281 -32.81 -1.22 2.08
C GLU C 281 -32.69 0.29 2.15
N GLY C 282 -31.59 0.82 1.66
CA GLY C 282 -31.39 2.26 1.66
C GLY C 282 -31.73 2.81 0.29
N SER C 283 -32.24 1.94 -0.58
CA SER C 283 -32.62 2.32 -1.93
C SER C 283 -34.01 2.92 -1.99
N SER C 284 -34.21 3.83 -2.93
CA SER C 284 -35.50 4.49 -3.10
C SER C 284 -36.54 3.51 -3.63
N ARG C 285 -37.11 2.73 -2.72
CA ARG C 285 -38.14 1.75 -3.05
C ARG C 285 -38.45 1.00 -1.77
N ALA C 286 -37.41 0.75 -0.97
CA ALA C 286 -37.58 0.06 0.29
C ALA C 286 -38.01 1.09 1.33
N ARG C 287 -37.40 2.27 1.24
CA ARG C 287 -37.72 3.35 2.16
C ARG C 287 -39.12 3.87 1.88
N ASN C 288 -39.52 3.80 0.61
CA ASN C 288 -40.84 4.27 0.20
C ASN C 288 -41.91 3.17 0.16
N TRP C 289 -41.76 2.16 1.00
CA TRP C 289 -42.73 1.05 1.03
C TRP C 289 -44.16 1.56 1.28
N ASP C 307 -29.57 -1.33 -6.01
CA ASP C 307 -30.28 -2.17 -6.97
C ASP C 307 -29.28 -2.84 -7.91
N SER C 308 -29.45 -4.14 -8.13
CA SER C 308 -28.55 -4.89 -9.01
C SER C 308 -28.96 -6.36 -9.11
N TYR C 309 -28.05 -7.17 -9.67
CA TYR C 309 -28.30 -8.59 -9.82
C TYR C 309 -27.16 -9.40 -9.25
N VAL C 310 -27.50 -10.52 -8.63
CA VAL C 310 -26.49 -11.41 -8.06
C VAL C 310 -26.69 -12.78 -8.69
N PRO C 311 -25.62 -13.54 -8.90
CA PRO C 311 -25.74 -14.86 -9.51
C PRO C 311 -26.63 -15.81 -8.71
N TYR C 312 -27.45 -16.58 -9.42
CA TYR C 312 -28.35 -17.54 -8.79
C TYR C 312 -27.47 -18.70 -8.32
N ALA C 313 -27.63 -19.11 -7.07
CA ALA C 313 -26.79 -20.18 -6.52
C ALA C 313 -27.53 -21.45 -6.12
N GLY C 314 -28.85 -21.47 -6.27
CA GLY C 314 -29.60 -22.66 -5.93
C GLY C 314 -30.28 -22.64 -4.57
N LYS C 315 -30.38 -23.83 -3.97
CA LYS C 315 -31.01 -23.99 -2.68
C LYS C 315 -30.15 -23.53 -1.51
N LEU C 316 -30.80 -22.99 -0.49
CA LEU C 316 -30.10 -22.51 0.70
C LEU C 316 -29.41 -23.66 1.42
N LYS C 317 -30.13 -24.77 1.60
CA LYS C 317 -29.59 -25.94 2.27
C LYS C 317 -28.23 -26.39 1.73
N ASP C 318 -28.15 -26.59 0.43
CA ASP C 318 -26.92 -27.05 -0.20
C ASP C 318 -25.76 -26.07 -0.05
N ASN C 319 -26.04 -24.79 -0.23
CA ASN C 319 -25.01 -23.77 -0.11
C ASN C 319 -24.53 -23.63 1.33
N VAL C 320 -25.46 -23.51 2.27
CA VAL C 320 -25.10 -23.37 3.67
C VAL C 320 -24.26 -24.56 4.12
N GLU C 321 -24.59 -25.73 3.60
CA GLU C 321 -23.88 -26.95 3.94
C GLU C 321 -22.43 -26.89 3.52
N ALA C 322 -22.18 -26.43 2.30
CA ALA C 322 -20.82 -26.34 1.77
C ALA C 322 -19.98 -25.28 2.48
N SER C 323 -20.60 -24.13 2.74
CA SER C 323 -19.91 -23.03 3.42
C SER C 323 -19.48 -23.44 4.82
N LEU C 324 -20.44 -23.97 5.59
CA LEU C 324 -20.13 -24.38 6.95
C LEU C 324 -19.20 -25.57 7.04
N ASN C 325 -19.16 -26.40 5.99
CA ASN C 325 -18.24 -27.54 6.02
C ASN C 325 -16.83 -26.98 5.97
N LYS C 326 -16.67 -25.94 5.17
CA LYS C 326 -15.39 -25.27 5.03
C LYS C 326 -15.04 -24.62 6.37
N VAL C 327 -16.02 -23.99 6.98
CA VAL C 327 -15.82 -23.33 8.27
C VAL C 327 -15.39 -24.35 9.32
N LYS C 328 -16.09 -25.48 9.37
CA LYS C 328 -15.78 -26.54 10.34
C LYS C 328 -14.38 -27.07 10.12
N SER C 329 -14.06 -27.36 8.87
CA SER C 329 -12.75 -27.87 8.51
C SER C 329 -11.67 -26.89 8.95
N THR C 330 -11.87 -25.61 8.64
CA THR C 330 -10.88 -24.61 9.00
C THR C 330 -10.75 -24.50 10.51
N MET C 331 -11.88 -24.58 11.21
CA MET C 331 -11.85 -24.51 12.67
C MET C 331 -10.93 -25.59 13.22
N CYS C 332 -10.97 -26.79 12.63
CA CYS C 332 -10.10 -27.84 13.11
C CYS C 332 -8.64 -27.55 12.82
N ASN C 333 -8.36 -26.93 11.67
CA ASN C 333 -6.98 -26.55 11.36
C ASN C 333 -6.51 -25.65 12.51
N CYS C 334 -7.44 -24.89 13.08
CA CYS C 334 -7.16 -23.98 14.20
C CYS C 334 -7.27 -24.67 15.55
N GLY C 335 -7.61 -25.96 15.55
CA GLY C 335 -7.74 -26.70 16.80
C GLY C 335 -8.99 -26.40 17.64
N ALA C 336 -10.07 -25.98 17.00
CA ALA C 336 -11.30 -25.66 17.72
C ALA C 336 -12.49 -26.53 17.36
N LEU C 337 -13.16 -27.05 18.39
CA LEU C 337 -14.33 -27.90 18.18
C LEU C 337 -15.62 -27.09 18.37
N THR C 338 -15.50 -25.88 18.91
CA THR C 338 -16.66 -25.00 19.13
C THR C 338 -16.28 -23.57 18.75
N ILE C 339 -17.29 -22.71 18.60
CA ILE C 339 -17.01 -21.34 18.23
C ILE C 339 -16.25 -20.63 19.36
N PRO C 340 -16.69 -20.80 20.62
CA PRO C 340 -15.96 -20.14 21.72
C PRO C 340 -14.48 -20.57 21.72
N GLN C 341 -14.23 -21.83 21.34
CA GLN C 341 -12.86 -22.32 21.29
C GLN C 341 -12.09 -21.60 20.18
N LEU C 342 -12.75 -21.40 19.04
CA LEU C 342 -12.11 -20.72 17.93
C LEU C 342 -11.74 -19.29 18.33
N GLN C 343 -12.65 -18.60 19.00
CA GLN C 343 -12.43 -17.22 19.43
C GLN C 343 -11.28 -17.08 20.43
N SER C 344 -11.03 -18.14 21.19
CA SER C 344 -9.97 -18.11 22.17
C SER C 344 -8.60 -18.54 21.60
N LYS C 345 -8.61 -19.58 20.78
CA LYS C 345 -7.39 -20.15 20.18
C LYS C 345 -6.89 -19.54 18.86
N ALA C 346 -7.79 -18.96 18.07
CA ALA C 346 -7.44 -18.39 16.77
C ALA C 346 -6.23 -17.46 16.76
N LYS C 347 -5.33 -17.70 15.80
CA LYS C 347 -4.13 -16.89 15.61
C LYS C 347 -4.44 -16.14 14.31
N ILE C 348 -4.55 -14.83 14.40
CA ILE C 348 -4.92 -14.01 13.24
C ILE C 348 -3.86 -13.00 12.83
N THR C 349 -3.50 -13.03 11.54
CA THR C 349 -2.49 -12.12 11.04
C THR C 349 -2.98 -11.23 9.91
N LEU C 350 -2.46 -10.01 9.91
CA LEU C 350 -2.77 -9.01 8.88
C LEU C 350 -1.89 -9.44 7.71
N VAL C 351 -2.28 -9.08 6.50
CA VAL C 351 -1.53 -9.43 5.31
C VAL C 351 -1.09 -8.15 4.60
N SER C 352 0.06 -8.17 3.95
CA SER C 352 0.56 -6.98 3.25
C SER C 352 -0.28 -6.71 2.03
N SER C 353 -0.42 -5.43 1.68
CA SER C 353 -1.19 -5.03 0.53
C SER C 353 -0.65 -5.64 -0.76
N VAL C 354 0.67 -5.77 -0.84
CA VAL C 354 1.32 -6.37 -2.02
C VAL C 354 0.87 -7.83 -2.16
N SER C 355 0.74 -8.52 -1.04
CA SER C 355 0.30 -9.91 -1.05
C SER C 355 -1.08 -10.00 -1.69
N ILE C 356 -2.02 -9.22 -1.16
CA ILE C 356 -3.38 -9.19 -1.66
C ILE C 356 -3.38 -8.82 -3.13
N VAL C 357 -2.70 -7.72 -3.47
CA VAL C 357 -2.58 -7.27 -4.85
C VAL C 357 -1.98 -8.41 -5.66
N GLU C 358 -1.67 -9.50 -4.97
CA GLU C 358 -1.09 -10.72 -5.54
C GLU C 358 0.01 -10.47 -6.56
N ALA D 1 18.30 18.41 5.12
CA ALA D 1 16.87 18.51 4.86
C ALA D 1 16.06 18.04 6.06
N LYS D 2 14.75 18.31 6.02
CA LYS D 2 13.83 17.91 7.08
C LYS D 2 12.84 16.88 6.55
N TYR D 3 12.60 15.83 7.33
CA TYR D 3 11.66 14.79 6.93
C TYR D 3 10.49 14.65 7.90
N TYR D 4 9.48 13.89 7.52
CA TYR D 4 8.31 13.70 8.36
C TYR D 4 8.10 12.25 8.82
N ASN D 5 7.69 12.10 10.08
CA ASN D 5 7.45 10.78 10.68
C ASN D 5 6.31 9.97 10.04
N GLU D 6 5.63 10.55 9.07
CA GLU D 6 4.52 9.84 8.45
C GLU D 6 4.17 10.40 7.08
N PRO D 7 3.64 9.55 6.18
CA PRO D 7 3.28 10.01 4.83
C PRO D 7 1.98 10.84 4.85
N CYS D 8 1.84 11.74 3.89
CA CYS D 8 0.63 12.56 3.81
C CYS D 8 -0.51 11.76 3.16
N HIS D 9 -1.75 12.19 3.43
CA HIS D 9 -2.92 11.50 2.90
C HIS D 9 -3.93 12.43 2.24
N THR D 10 -4.78 11.86 1.39
CA THR D 10 -5.82 12.62 0.72
C THR D 10 -7.15 12.35 1.43
N PHE D 11 -8.17 13.15 1.13
CA PHE D 11 -9.48 13.00 1.74
C PHE D 11 -10.07 11.60 1.53
N ASN D 12 -9.73 10.97 0.42
CA ASN D 12 -10.24 9.63 0.11
C ASN D 12 -9.75 8.54 1.05
N GLU D 13 -8.80 8.86 1.92
CA GLU D 13 -8.27 7.86 2.83
C GLU D 13 -8.88 7.90 4.22
N TYR D 14 -9.92 8.71 4.38
CA TYR D 14 -10.56 8.82 5.67
C TYR D 14 -12.06 8.56 5.65
N LEU D 15 -12.55 8.11 6.80
CA LEU D 15 -13.97 7.85 7.02
C LEU D 15 -14.26 8.39 8.42
N LEU D 16 -15.51 8.74 8.65
CA LEU D 16 -15.95 9.25 9.94
C LEU D 16 -16.66 8.14 10.71
N ILE D 17 -16.39 8.04 12.00
CA ILE D 17 -17.03 7.04 12.86
C ILE D 17 -18.12 7.75 13.65
N PRO D 18 -19.37 7.26 13.57
CA PRO D 18 -20.49 7.88 14.29
C PRO D 18 -20.29 8.11 15.78
N GLY D 19 -20.96 9.14 16.28
CA GLY D 19 -20.94 9.48 17.68
C GLY D 19 -22.38 9.41 18.14
N LEU D 20 -22.69 9.92 19.34
CA LEU D 20 -24.07 9.87 19.83
C LEU D 20 -24.99 10.88 19.17
N SER D 21 -25.99 10.38 18.46
CA SER D 21 -26.96 11.23 17.80
C SER D 21 -28.14 11.44 18.73
N THR D 22 -28.32 12.67 19.20
CA THR D 22 -29.42 12.99 20.10
C THR D 22 -30.67 13.23 19.26
N VAL D 23 -31.85 13.09 19.85
CA VAL D 23 -33.10 13.27 19.11
C VAL D 23 -33.24 14.63 18.44
N ASP D 24 -32.68 15.67 19.06
CA ASP D 24 -32.78 17.01 18.49
C ASP D 24 -31.79 17.29 17.35
N CYS D 25 -30.84 16.39 17.11
CA CYS D 25 -29.89 16.62 16.03
C CYS D 25 -30.48 16.18 14.70
N ILE D 26 -31.17 17.10 14.04
CA ILE D 26 -31.76 16.83 12.75
C ILE D 26 -31.20 17.87 11.77
N PRO D 27 -31.18 17.54 10.48
CA PRO D 27 -30.66 18.46 9.45
C PRO D 27 -31.16 19.90 9.57
N SER D 28 -32.46 20.06 9.76
CA SER D 28 -33.06 21.39 9.86
C SER D 28 -32.64 22.19 11.10
N ASN D 29 -31.92 21.55 12.01
CA ASN D 29 -31.46 22.22 13.22
C ASN D 29 -29.96 22.52 13.18
N VAL D 30 -29.28 22.03 12.14
CA VAL D 30 -27.84 22.24 12.00
C VAL D 30 -27.50 23.65 11.53
N ASN D 31 -26.48 24.24 12.16
CA ASN D 31 -26.05 25.57 11.77
C ASN D 31 -24.73 25.46 11.01
N LEU D 32 -24.74 25.88 9.75
CA LEU D 32 -23.57 25.83 8.88
C LEU D 32 -22.85 27.17 8.72
N SER D 33 -23.20 28.15 9.54
CA SER D 33 -22.53 29.45 9.43
C SER D 33 -21.08 29.30 9.90
N THR D 34 -20.21 30.16 9.40
CA THR D 34 -18.80 30.07 9.76
C THR D 34 -18.08 31.40 9.53
N PRO D 35 -17.08 31.71 10.37
CA PRO D 35 -16.32 32.96 10.23
C PRO D 35 -15.45 32.97 8.97
N LEU D 36 -15.37 34.13 8.33
CA LEU D 36 -14.59 34.29 7.11
C LEU D 36 -13.24 34.97 7.35
N VAL D 37 -13.21 35.89 8.33
CA VAL D 37 -12.00 36.63 8.63
C VAL D 37 -11.67 36.57 10.12
N LYS D 38 -10.38 36.72 10.44
CA LYS D 38 -9.91 36.65 11.82
C LYS D 38 -10.59 37.59 12.79
N PHE D 39 -10.72 37.13 14.04
CA PHE D 39 -11.34 37.91 15.09
C PHE D 39 -10.63 37.60 16.40
N GLN D 40 -10.84 38.44 17.41
CA GLN D 40 -10.23 38.25 18.72
C GLN D 40 -11.13 37.41 19.59
N LYS D 41 -10.52 36.65 20.51
CA LYS D 41 -11.28 35.78 21.40
C LYS D 41 -12.44 36.50 22.10
N GLY D 42 -13.56 35.81 22.23
CA GLY D 42 -14.71 36.39 22.89
C GLY D 42 -15.45 37.37 22.01
N GLN D 43 -14.97 37.55 20.79
CA GLN D 43 -15.61 38.46 19.85
C GLN D 43 -16.15 37.64 18.67
N GLN D 44 -16.73 38.33 17.70
CA GLN D 44 -17.28 37.68 16.53
C GLN D 44 -16.65 38.25 15.26
N SER D 45 -16.53 37.41 14.24
CA SER D 45 -15.95 37.83 12.98
C SER D 45 -16.80 38.89 12.31
N GLU D 46 -16.15 39.86 11.68
CA GLU D 46 -16.86 40.93 11.00
C GLU D 46 -17.59 40.38 9.77
N ILE D 47 -17.22 39.19 9.34
CA ILE D 47 -17.87 38.57 8.18
C ILE D 47 -18.13 37.09 8.42
N ASN D 48 -19.40 36.71 8.41
CA ASN D 48 -19.81 35.33 8.62
C ASN D 48 -20.64 34.82 7.46
N LEU D 49 -20.33 33.62 6.98
CA LEU D 49 -21.06 33.03 5.87
C LEU D 49 -22.17 32.15 6.42
N LYS D 50 -23.25 31.97 5.66
CA LYS D 50 -24.34 31.11 6.10
C LYS D 50 -24.00 29.65 5.78
N ILE D 51 -23.12 29.45 4.81
CA ILE D 51 -22.67 28.13 4.40
C ILE D 51 -21.17 28.21 4.13
N PRO D 52 -20.41 27.19 4.55
CA PRO D 52 -18.95 27.12 4.38
C PRO D 52 -18.42 26.88 2.97
N LEU D 53 -19.12 27.39 1.95
CA LEU D 53 -18.67 27.19 0.58
C LEU D 53 -18.28 28.47 -0.15
N VAL D 54 -17.08 28.50 -0.72
CA VAL D 54 -16.63 29.66 -1.49
C VAL D 54 -16.12 29.15 -2.84
N SER D 55 -16.30 29.93 -3.90
CA SER D 55 -15.86 29.49 -5.22
C SER D 55 -14.45 29.93 -5.56
N ALA D 56 -13.75 29.08 -6.31
CA ALA D 56 -12.36 29.30 -6.69
C ALA D 56 -12.08 30.61 -7.41
N ILE D 57 -10.85 31.09 -7.28
CA ILE D 57 -10.43 32.33 -7.94
C ILE D 57 -9.95 31.91 -9.33
N MET D 58 -10.91 31.62 -10.19
CA MET D 58 -10.58 31.14 -11.54
C MET D 58 -11.54 31.69 -12.58
N GLN D 59 -11.00 32.00 -13.76
CA GLN D 59 -11.80 32.51 -14.85
C GLN D 59 -12.95 31.56 -15.15
N SER D 60 -12.68 30.26 -15.07
CA SER D 60 -13.70 29.25 -15.37
C SER D 60 -14.76 29.00 -14.30
N VAL D 61 -14.70 29.70 -13.18
CA VAL D 61 -15.74 29.46 -12.17
C VAL D 61 -16.34 30.72 -11.54
N SER D 62 -15.51 31.66 -11.09
CA SER D 62 -16.04 32.84 -10.41
C SER D 62 -16.27 34.10 -11.23
N GLY D 63 -17.39 34.12 -11.95
CA GLY D 63 -17.75 35.26 -12.73
C GLY D 63 -18.92 35.92 -12.01
N GLU D 64 -19.53 36.91 -12.64
CA GLU D 64 -20.66 37.62 -12.05
C GLU D 64 -21.82 36.71 -11.66
N LYS D 65 -22.27 35.88 -12.60
CA LYS D 65 -23.38 34.96 -12.34
C LYS D 65 -23.09 34.04 -11.16
N MET D 66 -21.88 33.50 -11.11
CA MET D 66 -21.49 32.61 -10.02
C MET D 66 -21.59 33.35 -8.70
N ALA D 67 -20.94 34.52 -8.65
CA ALA D 67 -20.91 35.36 -7.46
C ALA D 67 -22.28 35.68 -6.88
N ILE D 68 -23.25 35.95 -7.75
CA ILE D 68 -24.61 36.27 -7.30
C ILE D 68 -25.32 35.02 -6.80
N ALA D 69 -25.27 33.96 -7.61
CA ALA D 69 -25.93 32.70 -7.26
C ALA D 69 -25.44 32.12 -5.93
N LEU D 70 -24.14 32.08 -5.73
CA LEU D 70 -23.58 31.54 -4.50
C LEU D 70 -23.84 32.43 -3.28
N ALA D 71 -23.76 33.74 -3.47
CA ALA D 71 -24.01 34.67 -2.37
C ALA D 71 -25.44 34.50 -1.87
N ARG D 72 -26.36 34.19 -2.79
CA ARG D 72 -27.76 34.00 -2.44
C ARG D 72 -27.91 32.78 -1.54
N GLU D 73 -27.07 31.78 -1.75
CA GLU D 73 -27.13 30.56 -0.95
C GLU D 73 -26.38 30.68 0.37
N GLY D 74 -25.84 31.85 0.67
CA GLY D 74 -25.13 32.03 1.92
C GLY D 74 -23.62 31.92 1.87
N GLY D 75 -23.06 31.80 0.67
CA GLY D 75 -21.61 31.71 0.53
C GLY D 75 -21.02 32.95 -0.13
N ILE D 76 -19.85 32.81 -0.74
CA ILE D 76 -19.21 33.95 -1.38
C ILE D 76 -18.24 33.48 -2.46
N SER D 77 -18.09 34.30 -3.50
CA SER D 77 -17.20 33.97 -4.61
C SER D 77 -16.04 34.96 -4.64
N PHE D 78 -14.90 34.52 -5.15
CA PHE D 78 -13.74 35.40 -5.26
C PHE D 78 -13.47 35.65 -6.75
N ILE D 79 -14.03 36.76 -7.26
CA ILE D 79 -13.87 37.13 -8.66
C ILE D 79 -12.42 36.94 -9.08
N PHE D 80 -12.21 36.19 -10.16
CA PHE D 80 -10.85 35.92 -10.62
C PHE D 80 -10.07 37.19 -10.96
N GLY D 81 -8.78 37.18 -10.64
CA GLY D 81 -7.95 38.34 -10.90
C GLY D 81 -7.10 38.25 -12.16
N SER D 82 -7.26 37.17 -12.92
CA SER D 82 -6.50 37.01 -14.16
C SER D 82 -7.22 37.74 -15.28
N GLN D 83 -7.42 39.04 -15.08
CA GLN D 83 -8.08 39.92 -16.03
C GLN D 83 -7.63 41.33 -15.67
N SER D 84 -8.00 42.32 -16.48
CA SER D 84 -7.59 43.69 -16.21
C SER D 84 -8.22 44.21 -14.92
N ILE D 85 -7.55 45.18 -14.30
CA ILE D 85 -8.05 45.78 -13.07
C ILE D 85 -9.44 46.38 -13.30
N GLU D 86 -9.65 47.02 -14.44
CA GLU D 86 -10.93 47.63 -14.73
C GLU D 86 -12.02 46.58 -14.92
N SER D 87 -11.69 45.47 -15.59
CA SER D 87 -12.67 44.41 -15.79
C SER D 87 -13.09 43.82 -14.44
N GLN D 88 -12.12 43.34 -13.68
CA GLN D 88 -12.42 42.76 -12.37
C GLN D 88 -13.21 43.73 -11.53
N ALA D 89 -12.79 44.99 -11.51
CA ALA D 89 -13.49 46.00 -10.72
C ALA D 89 -14.94 46.13 -11.18
N ALA D 90 -15.16 46.09 -12.49
CA ALA D 90 -16.51 46.20 -13.04
C ALA D 90 -17.37 45.04 -12.54
N MET D 91 -16.84 43.82 -12.62
CA MET D 91 -17.57 42.64 -12.16
C MET D 91 -17.98 42.77 -10.70
N VAL D 92 -17.05 43.21 -9.87
CA VAL D 92 -17.33 43.38 -8.45
C VAL D 92 -18.48 44.36 -8.29
N HIS D 93 -18.36 45.51 -8.95
CA HIS D 93 -19.38 46.54 -8.87
C HIS D 93 -20.75 45.98 -9.29
N ALA D 94 -20.77 45.22 -10.38
CA ALA D 94 -22.02 44.62 -10.86
C ALA D 94 -22.69 43.77 -9.80
N VAL D 95 -21.91 42.93 -9.12
CA VAL D 95 -22.46 42.05 -8.09
C VAL D 95 -22.95 42.83 -6.88
N LYS D 96 -22.17 43.82 -6.44
CA LYS D 96 -22.52 44.64 -5.29
C LYS D 96 -23.80 45.45 -5.50
N ASN D 97 -24.02 45.91 -6.73
CA ASN D 97 -25.19 46.71 -7.03
C ASN D 97 -26.27 45.91 -7.76
N PHE D 98 -26.29 44.60 -7.59
CA PHE D 98 -27.29 43.78 -8.25
C PHE D 98 -28.64 44.04 -7.59
N LYS D 99 -28.70 43.76 -6.30
CA LYS D 99 -29.89 43.91 -5.44
C LYS D 99 -30.05 42.71 -4.52
N ARG D 104 -27.03 43.69 1.07
CA ARG D 104 -26.71 43.40 -0.31
C ARG D 104 -25.73 42.23 -0.40
N TYR D 105 -25.57 41.69 -1.60
CA TYR D 105 -24.69 40.55 -1.84
C TYR D 105 -23.23 40.78 -1.51
N LEU D 106 -22.64 39.84 -0.77
CA LEU D 106 -21.23 39.93 -0.41
C LEU D 106 -20.45 39.37 -1.59
N VAL D 107 -19.27 39.91 -1.83
CA VAL D 107 -18.46 39.43 -2.93
C VAL D 107 -16.99 39.61 -2.63
N GLY D 108 -16.18 38.68 -3.12
CA GLY D 108 -14.75 38.74 -2.91
C GLY D 108 -14.02 38.91 -4.22
N ALA D 109 -12.73 39.23 -4.14
CA ALA D 109 -11.92 39.40 -5.34
C ALA D 109 -10.49 38.93 -5.13
N GLY D 110 -9.95 38.25 -6.13
CA GLY D 110 -8.60 37.77 -6.04
C GLY D 110 -7.63 38.87 -6.44
N ILE D 111 -6.42 38.85 -5.87
CA ILE D 111 -5.42 39.84 -6.21
C ILE D 111 -4.08 39.15 -6.34
N ASN D 112 -3.10 39.82 -6.93
CA ASN D 112 -1.79 39.23 -7.08
C ASN D 112 -0.75 40.09 -6.38
N THR D 113 0.45 39.57 -6.24
CA THR D 113 1.52 40.29 -5.56
C THR D 113 2.27 41.23 -6.50
N ARG D 114 1.74 41.44 -7.70
CA ARG D 114 2.39 42.32 -8.67
C ARG D 114 1.81 43.73 -8.82
N ASP D 115 0.54 43.83 -9.21
CA ASP D 115 -0.10 45.12 -9.42
C ASP D 115 -1.06 45.55 -8.31
N PHE D 116 -0.85 45.06 -7.10
CA PHE D 116 -1.75 45.39 -5.99
C PHE D 116 -1.89 46.88 -5.65
N ARG D 117 -0.85 47.68 -5.87
CA ARG D 117 -0.91 49.11 -5.56
C ARG D 117 -2.01 49.81 -6.34
N GLU D 118 -2.28 49.33 -7.54
CA GLU D 118 -3.32 49.91 -8.38
C GLU D 118 -4.58 49.04 -8.39
N ARG D 119 -4.41 47.75 -8.14
CA ARG D 119 -5.55 46.85 -8.14
C ARG D 119 -6.39 46.91 -6.87
N VAL D 120 -5.75 46.98 -5.71
CA VAL D 120 -6.49 47.05 -4.46
C VAL D 120 -7.41 48.26 -4.36
N PRO D 121 -6.89 49.47 -4.62
CA PRO D 121 -7.72 50.67 -4.53
C PRO D 121 -8.96 50.56 -5.42
N ALA D 122 -8.77 50.04 -6.63
CA ALA D 122 -9.88 49.89 -7.56
C ALA D 122 -10.92 48.92 -7.03
N LEU D 123 -10.46 47.77 -6.54
CA LEU D 123 -11.36 46.76 -6.00
C LEU D 123 -12.09 47.27 -4.76
N VAL D 124 -11.39 47.95 -3.87
CA VAL D 124 -12.02 48.51 -2.67
C VAL D 124 -13.10 49.51 -3.07
N GLU D 125 -12.77 50.38 -4.02
CA GLU D 125 -13.71 51.40 -4.49
C GLU D 125 -14.96 50.76 -5.09
N ALA D 126 -14.77 49.63 -5.77
CA ALA D 126 -15.88 48.92 -6.38
C ALA D 126 -16.79 48.30 -5.33
N GLY D 127 -16.30 48.22 -4.10
CA GLY D 127 -17.11 47.66 -3.02
C GLY D 127 -16.83 46.22 -2.63
N ALA D 128 -15.66 45.69 -2.99
CA ALA D 128 -15.32 44.32 -2.63
C ALA D 128 -15.36 44.19 -1.10
N ASP D 129 -15.98 43.13 -0.61
CA ASP D 129 -16.07 42.93 0.82
C ASP D 129 -14.80 42.29 1.39
N VAL D 130 -14.09 41.55 0.55
CA VAL D 130 -12.87 40.89 1.00
C VAL D 130 -12.00 40.49 -0.19
N LEU D 131 -10.69 40.60 -0.01
CA LEU D 131 -9.73 40.27 -1.05
C LEU D 131 -8.97 39.01 -0.63
N CYS D 132 -8.26 38.40 -1.58
CA CYS D 132 -7.46 37.22 -1.29
C CYS D 132 -6.29 37.11 -2.27
N ILE D 133 -5.08 37.05 -1.73
CA ILE D 133 -3.91 36.92 -2.58
C ILE D 133 -3.96 35.53 -3.19
N ASP D 134 -3.94 35.48 -4.52
CA ASP D 134 -4.02 34.25 -5.28
C ASP D 134 -2.65 33.75 -5.74
N SER D 135 -2.22 32.61 -5.20
CA SER D 135 -0.92 32.03 -5.53
C SER D 135 -0.86 30.53 -5.24
N SER D 136 0.02 29.83 -5.97
CA SER D 136 0.20 28.40 -5.77
C SER D 136 1.16 28.14 -4.60
N ASP D 137 1.95 29.15 -4.25
CA ASP D 137 2.91 29.05 -3.15
C ASP D 137 2.90 30.38 -2.39
N GLY D 138 1.99 30.48 -1.42
CA GLY D 138 1.86 31.70 -0.64
C GLY D 138 2.93 31.92 0.40
N PHE D 139 3.88 30.99 0.52
CA PHE D 139 4.94 31.13 1.51
C PHE D 139 6.05 31.98 0.89
N SER D 140 5.84 33.28 0.81
CA SER D 140 6.85 34.18 0.23
C SER D 140 6.78 35.60 0.76
N GLU D 141 7.88 36.32 0.61
CA GLU D 141 7.99 37.70 1.05
C GLU D 141 6.98 38.58 0.30
N TRP D 142 6.74 38.26 -0.97
CA TRP D 142 5.81 39.03 -1.77
C TRP D 142 4.42 39.13 -1.16
N GLN D 143 3.94 38.06 -0.51
CA GLN D 143 2.62 38.08 0.10
C GLN D 143 2.66 38.94 1.36
N LYS D 144 3.75 38.84 2.11
CA LYS D 144 3.89 39.63 3.33
C LYS D 144 3.96 41.12 2.95
N ILE D 145 4.67 41.41 1.87
CA ILE D 145 4.81 42.79 1.40
C ILE D 145 3.45 43.32 0.95
N THR D 146 2.71 42.51 0.22
CA THR D 146 1.38 42.88 -0.26
C THR D 146 0.46 43.17 0.91
N ILE D 147 0.43 42.26 1.88
CA ILE D 147 -0.42 42.43 3.05
C ILE D 147 0.04 43.65 3.85
N GLY D 148 1.35 43.85 3.91
CA GLY D 148 1.91 44.98 4.65
C GLY D 148 1.50 46.32 4.04
N TRP D 149 1.35 46.34 2.72
CA TRP D 149 0.97 47.56 2.02
C TRP D 149 -0.50 47.83 2.32
N ILE D 150 -1.30 46.77 2.28
CA ILE D 150 -2.73 46.89 2.54
C ILE D 150 -2.99 47.41 3.95
N ARG D 151 -2.22 46.92 4.92
CA ARG D 151 -2.37 47.34 6.30
C ARG D 151 -1.96 48.79 6.46
N ASP D 152 -0.87 49.16 5.80
CA ASP D 152 -0.36 50.53 5.85
C ASP D 152 -1.45 51.49 5.36
N LYS D 153 -1.99 51.21 4.17
CA LYS D 153 -3.01 52.07 3.56
C LYS D 153 -4.42 52.01 4.14
N TYR D 154 -4.90 50.83 4.53
CA TYR D 154 -6.25 50.73 5.06
C TYR D 154 -6.40 50.12 6.44
N GLY D 155 -5.29 49.89 7.13
CA GLY D 155 -5.39 49.28 8.43
C GLY D 155 -6.18 47.97 8.33
N ASP D 156 -7.01 47.70 9.34
CA ASP D 156 -7.82 46.49 9.39
C ASP D 156 -9.16 46.67 8.69
N LYS D 157 -9.33 47.80 8.01
CA LYS D 157 -10.57 48.09 7.31
C LYS D 157 -10.74 47.21 6.06
N VAL D 158 -9.62 46.86 5.43
CA VAL D 158 -9.66 46.02 4.25
C VAL D 158 -9.21 44.61 4.61
N LYS D 159 -10.09 43.65 4.38
CA LYS D 159 -9.83 42.25 4.68
C LYS D 159 -9.15 41.55 3.50
N VAL D 160 -8.11 40.79 3.79
CA VAL D 160 -7.39 40.09 2.74
C VAL D 160 -6.94 38.68 3.16
N GLY D 161 -7.37 37.69 2.41
CA GLY D 161 -7.00 36.30 2.67
C GLY D 161 -5.61 36.11 2.07
N ALA D 162 -4.94 35.02 2.38
CA ALA D 162 -3.61 34.87 1.83
C ALA D 162 -3.05 33.49 1.56
N GLY D 163 -1.96 33.55 0.81
CA GLY D 163 -1.15 32.42 0.43
C GLY D 163 -1.51 31.20 -0.36
N ASN D 164 -1.63 30.14 0.42
CA ASN D 164 -1.87 28.76 0.02
C ASN D 164 -0.59 28.11 0.44
N ILE D 165 -0.68 27.57 1.64
CA ILE D 165 0.42 26.88 2.28
C ILE D 165 -0.15 25.52 2.63
N VAL D 166 0.70 24.61 3.09
CA VAL D 166 0.25 23.28 3.45
C VAL D 166 0.84 22.82 4.78
N ASP D 167 1.46 23.73 5.53
CA ASP D 167 2.02 23.34 6.82
C ASP D 167 2.04 24.48 7.84
N GLY D 168 2.26 24.13 9.10
CA GLY D 168 2.29 25.12 10.16
C GLY D 168 3.25 26.28 9.95
N GLU D 169 4.41 26.00 9.37
CA GLU D 169 5.39 27.04 9.12
C GLU D 169 4.84 28.11 8.17
N GLY D 170 4.28 27.66 7.06
CA GLY D 170 3.71 28.59 6.10
C GLY D 170 2.56 29.36 6.71
N PHE D 171 1.75 28.67 7.49
CA PHE D 171 0.61 29.30 8.16
C PHE D 171 1.12 30.44 9.04
N ARG D 172 1.96 30.09 10.02
CA ARG D 172 2.54 31.04 10.97
C ARG D 172 3.08 32.29 10.30
N TYR D 173 3.85 32.10 9.23
CA TYR D 173 4.41 33.23 8.50
C TYR D 173 3.32 34.18 8.01
N LEU D 174 2.32 33.63 7.33
CA LEU D 174 1.23 34.44 6.82
C LEU D 174 0.40 35.02 7.95
N ALA D 175 0.32 34.28 9.05
CA ALA D 175 -0.44 34.74 10.20
C ALA D 175 0.26 35.98 10.77
N ASP D 176 1.58 35.94 10.85
CA ASP D 176 2.33 37.07 11.37
C ASP D 176 2.33 38.25 10.40
N ALA D 177 2.20 37.97 9.10
CA ALA D 177 2.18 39.03 8.11
C ALA D 177 0.89 39.85 8.23
N GLY D 178 -0.14 39.26 8.87
CA GLY D 178 -1.39 39.95 9.07
C GLY D 178 -2.60 39.45 8.28
N ALA D 179 -2.49 38.28 7.66
CA ALA D 179 -3.60 37.72 6.88
C ALA D 179 -4.88 37.53 7.69
N ASP D 180 -6.03 37.85 7.08
CA ASP D 180 -7.32 37.70 7.76
C ASP D 180 -7.83 36.26 7.73
N PHE D 181 -7.39 35.49 6.73
CA PHE D 181 -7.72 34.07 6.65
C PHE D 181 -6.63 33.42 5.81
N ILE D 182 -6.38 32.13 6.02
CA ILE D 182 -5.33 31.46 5.27
C ILE D 182 -5.82 30.24 4.51
N LYS D 183 -5.46 30.20 3.22
CA LYS D 183 -5.88 29.16 2.30
C LYS D 183 -4.87 28.00 2.23
N ILE D 184 -5.40 26.79 2.36
CA ILE D 184 -4.59 25.58 2.36
C ILE D 184 -4.77 24.73 1.10
N GLY D 185 -3.66 24.35 0.48
CA GLY D 185 -3.78 23.51 -0.70
C GLY D 185 -2.79 23.70 -1.83
N ILE D 186 -1.92 22.71 -2.03
CA ILE D 186 -0.94 22.73 -3.09
C ILE D 186 -0.82 21.33 -3.68
N GLY D 187 -1.26 21.17 -4.93
CA GLY D 187 -1.18 19.88 -5.59
C GLY D 187 -2.41 19.02 -5.42
N GLY D 188 -3.44 19.55 -4.76
CA GLY D 188 -4.65 18.76 -4.54
C GLY D 188 -5.78 19.03 -5.51
N GLY D 189 -5.71 20.15 -6.23
CA GLY D 189 -6.75 20.47 -7.19
C GLY D 189 -6.93 19.38 -8.21
N SER D 190 -8.11 19.33 -8.84
CA SER D 190 -8.39 18.32 -9.85
C SER D 190 -7.64 18.56 -11.16
N ILE D 191 -7.63 19.82 -11.61
CA ILE D 191 -6.94 20.18 -12.85
C ILE D 191 -5.43 20.30 -12.66
N CYS D 192 -4.91 19.61 -11.65
CA CYS D 192 -3.48 19.63 -11.38
C CYS D 192 -2.87 18.26 -11.53
N ILE D 193 -1.64 18.21 -11.99
CA ILE D 193 -0.94 16.95 -12.16
C ILE D 193 -0.02 16.77 -10.95
N THR D 194 -0.59 16.99 -9.77
CA THR D 194 0.08 16.89 -8.47
C THR D 194 1.60 17.01 -8.58
N ARG D 195 2.04 17.94 -9.40
CA ARG D 195 3.46 18.21 -9.60
C ARG D 195 4.29 17.18 -10.32
N GLU D 196 3.85 16.80 -11.51
CA GLU D 196 4.63 15.89 -12.31
C GLU D 196 5.51 16.91 -13.00
N GLN D 197 5.29 18.16 -12.61
CA GLN D 197 6.04 19.30 -13.10
C GLN D 197 7.11 19.64 -12.06
N LYS D 198 6.68 20.17 -10.91
CA LYS D 198 7.63 20.58 -9.88
C LYS D 198 7.86 19.67 -8.67
N GLY D 199 6.94 18.73 -8.42
CA GLY D 199 7.12 17.84 -7.28
C GLY D 199 6.89 18.55 -5.96
N ILE D 200 6.04 19.56 -5.97
CA ILE D 200 5.70 20.32 -4.78
C ILE D 200 4.26 20.05 -4.37
N GLY D 201 4.03 19.87 -3.07
CA GLY D 201 2.68 19.62 -2.61
C GLY D 201 2.57 18.81 -1.33
N ARG D 202 1.33 18.46 -0.98
CA ARG D 202 1.07 17.67 0.21
C ARG D 202 -0.37 17.18 0.15
N GLY D 203 -0.62 15.97 0.65
CA GLY D 203 -1.99 15.46 0.65
C GLY D 203 -2.88 16.49 1.34
N GLN D 204 -4.03 16.78 0.75
CA GLN D 204 -4.96 17.78 1.30
C GLN D 204 -5.39 17.55 2.75
N ALA D 205 -5.75 16.32 3.10
CA ALA D 205 -6.17 16.03 4.47
C ALA D 205 -5.06 16.35 5.49
N THR D 206 -3.86 15.84 5.24
CA THR D 206 -2.71 16.08 6.11
C THR D 206 -2.38 17.58 6.18
N ALA D 207 -2.51 18.27 5.05
CA ALA D 207 -2.24 19.70 5.00
C ALA D 207 -3.23 20.44 5.91
N VAL D 208 -4.51 20.10 5.81
CA VAL D 208 -5.52 20.74 6.63
C VAL D 208 -5.29 20.43 8.11
N ILE D 209 -5.05 19.15 8.41
CA ILE D 209 -4.84 18.72 9.79
C ILE D 209 -3.66 19.42 10.45
N ASP D 210 -2.55 19.50 9.72
CA ASP D 210 -1.34 20.14 10.23
C ASP D 210 -1.52 21.64 10.40
N VAL D 211 -2.07 22.30 9.38
CA VAL D 211 -2.27 23.74 9.43
C VAL D 211 -3.24 24.10 10.57
N VAL D 212 -4.29 23.29 10.73
CA VAL D 212 -5.28 23.52 11.78
C VAL D 212 -4.67 23.46 13.18
N ALA D 213 -3.79 22.48 13.39
CA ALA D 213 -3.15 22.32 14.70
C ALA D 213 -2.36 23.59 15.03
N GLU D 214 -1.61 24.10 14.06
CA GLU D 214 -0.81 25.31 14.25
C GLU D 214 -1.71 26.51 14.49
N ARG D 215 -2.83 26.55 13.77
CA ARG D 215 -3.80 27.65 13.89
C ARG D 215 -4.32 27.70 15.32
N ASN D 216 -4.59 26.53 15.90
CA ASN D 216 -5.11 26.47 17.25
C ASN D 216 -4.05 26.90 18.27
N LYS D 217 -2.79 26.62 17.96
CA LYS D 217 -1.69 27.01 18.84
C LYS D 217 -1.54 28.53 18.77
N TYR D 218 -1.60 29.07 17.56
CA TYR D 218 -1.49 30.51 17.33
C TYR D 218 -2.58 31.23 18.11
N PHE D 219 -3.75 30.60 18.18
CA PHE D 219 -4.89 31.17 18.88
C PHE D 219 -4.63 31.25 20.39
N GLU D 220 -4.18 30.14 20.98
CA GLU D 220 -3.90 30.11 22.41
C GLU D 220 -2.79 31.08 22.76
N GLU D 221 -1.86 31.28 21.82
CA GLU D 221 -0.74 32.17 22.01
C GLU D 221 -1.11 33.64 21.89
N THR D 222 -1.96 33.97 20.92
CA THR D 222 -2.31 35.36 20.66
C THR D 222 -3.74 35.79 20.95
N GLY D 223 -4.65 34.84 21.11
CA GLY D 223 -6.04 35.20 21.35
C GLY D 223 -6.74 35.56 20.06
N ILE D 224 -6.00 35.48 18.95
CA ILE D 224 -6.56 35.79 17.64
C ILE D 224 -6.89 34.51 16.88
N TYR D 225 -8.15 34.35 16.50
CA TYR D 225 -8.57 33.17 15.75
C TYR D 225 -8.53 33.49 14.26
N ILE D 226 -7.70 32.77 13.51
CA ILE D 226 -7.59 32.97 12.07
C ILE D 226 -8.28 31.85 11.32
N PRO D 227 -9.36 32.17 10.59
CA PRO D 227 -10.05 31.11 9.87
C PRO D 227 -9.15 30.53 8.78
N VAL D 228 -9.29 29.24 8.48
CA VAL D 228 -8.48 28.64 7.42
C VAL D 228 -9.41 28.01 6.37
N CYS D 229 -8.96 28.01 5.13
CA CYS D 229 -9.74 27.49 4.01
C CYS D 229 -9.09 26.31 3.33
N SER D 230 -9.82 25.21 3.23
CA SER D 230 -9.30 24.03 2.54
C SER D 230 -9.66 24.26 1.08
N ASP D 231 -8.64 24.52 0.28
CA ASP D 231 -8.81 24.81 -1.13
C ASP D 231 -8.40 23.67 -2.06
N GLY D 232 -9.39 23.07 -2.72
CA GLY D 232 -9.12 22.00 -3.65
C GLY D 232 -9.17 20.59 -3.08
N GLY D 233 -9.26 19.60 -3.97
CA GLY D 233 -9.29 18.21 -3.53
C GLY D 233 -10.66 17.63 -3.23
N ILE D 234 -11.69 18.46 -3.29
CA ILE D 234 -13.04 17.97 -3.01
C ILE D 234 -13.62 17.27 -4.24
N VAL D 235 -13.84 15.97 -4.13
CA VAL D 235 -14.41 15.19 -5.22
C VAL D 235 -15.84 14.79 -4.87
N TYR D 236 -16.01 14.22 -3.69
CA TYR D 236 -17.32 13.79 -3.23
C TYR D 236 -17.84 14.76 -2.17
N ASP D 237 -19.15 14.81 -2.00
CA ASP D 237 -19.75 15.69 -1.01
C ASP D 237 -19.20 15.39 0.40
N TYR D 238 -18.99 14.12 0.70
CA TYR D 238 -18.51 13.76 2.03
C TYR D 238 -17.11 14.32 2.31
N HIS D 239 -16.37 14.69 1.27
CA HIS D 239 -15.06 15.29 1.46
C HIS D 239 -15.28 16.64 2.13
N MET D 240 -16.43 17.23 1.86
CA MET D 240 -16.76 18.51 2.46
C MET D 240 -16.84 18.33 3.98
N THR D 241 -17.59 17.31 4.39
CA THR D 241 -17.77 17.02 5.81
C THR D 241 -16.41 16.71 6.46
N LEU D 242 -15.55 15.97 5.76
CA LEU D 242 -14.23 15.64 6.28
C LEU D 242 -13.38 16.89 6.51
N ALA D 243 -13.30 17.73 5.48
CA ALA D 243 -12.52 18.97 5.57
C ALA D 243 -12.92 19.84 6.76
N LEU D 244 -14.22 19.99 6.94
CA LEU D 244 -14.74 20.80 8.04
C LEU D 244 -14.39 20.14 9.38
N ALA D 245 -14.63 18.84 9.46
CA ALA D 245 -14.36 18.09 10.68
C ALA D 245 -12.87 18.15 11.05
N MET D 246 -12.01 18.22 10.04
CA MET D 246 -10.57 18.28 10.27
C MET D 246 -10.12 19.67 10.74
N GLY D 247 -11.06 20.61 10.80
CA GLY D 247 -10.73 21.94 11.28
C GLY D 247 -10.91 23.10 10.31
N ALA D 248 -11.22 22.82 9.06
CA ALA D 248 -11.40 23.89 8.08
C ALA D 248 -12.68 24.66 8.38
N ASP D 249 -12.58 25.99 8.38
CA ASP D 249 -13.72 26.86 8.63
C ASP D 249 -14.60 26.96 7.38
N PHE D 250 -13.96 26.99 6.21
CA PHE D 250 -14.69 27.00 4.95
C PHE D 250 -13.89 26.33 3.86
N ILE D 251 -14.58 25.99 2.77
CA ILE D 251 -13.98 25.27 1.66
C ILE D 251 -14.02 26.02 0.34
N MET D 252 -12.91 26.01 -0.39
CA MET D 252 -12.87 26.64 -1.71
C MET D 252 -12.87 25.53 -2.75
N LEU D 253 -13.80 25.61 -3.69
CA LEU D 253 -13.90 24.60 -4.74
C LEU D 253 -13.91 25.20 -6.14
N GLY D 254 -13.31 24.47 -7.08
CA GLY D 254 -13.29 24.92 -8.45
C GLY D 254 -14.20 24.04 -9.30
N ARG D 255 -13.78 22.80 -9.51
CA ARG D 255 -14.53 21.83 -10.31
C ARG D 255 -16.00 21.74 -9.90
N TYR D 256 -16.26 21.69 -8.60
CA TYR D 256 -17.61 21.58 -8.07
C TYR D 256 -18.57 22.63 -8.65
N PHE D 257 -18.11 23.88 -8.68
CA PHE D 257 -18.93 24.99 -9.19
C PHE D 257 -18.90 25.14 -10.71
N ALA D 258 -17.77 24.80 -11.32
CA ALA D 258 -17.62 24.92 -12.77
C ALA D 258 -18.71 24.15 -13.52
N ARG D 259 -19.14 23.05 -12.92
CA ARG D 259 -20.17 22.20 -13.52
C ARG D 259 -21.55 22.85 -13.62
N PHE D 260 -21.77 23.91 -12.85
CA PHE D 260 -23.08 24.57 -12.83
C PHE D 260 -23.36 25.58 -13.93
N GLU D 261 -24.65 25.76 -14.18
CA GLU D 261 -25.16 26.69 -15.18
C GLU D 261 -24.60 28.09 -14.96
N GLU D 262 -24.44 28.48 -13.71
CA GLU D 262 -23.93 29.81 -13.41
C GLU D 262 -22.44 30.04 -13.67
N SER D 263 -21.68 28.97 -13.88
CA SER D 263 -20.25 29.15 -14.13
C SER D 263 -20.10 29.84 -15.49
N PRO D 264 -19.08 30.70 -15.64
CA PRO D 264 -18.84 31.43 -16.90
C PRO D 264 -18.39 30.65 -18.13
N THR D 265 -18.37 29.33 -18.06
CA THR D 265 -17.94 28.55 -19.21
C THR D 265 -19.11 28.03 -20.07
N ARG D 266 -18.78 27.55 -21.26
CA ARG D 266 -19.79 27.05 -22.19
C ARG D 266 -20.14 25.59 -21.93
N LYS D 267 -21.38 25.22 -22.28
CA LYS D 267 -21.81 23.84 -22.15
C LYS D 267 -21.52 23.24 -23.51
N VAL D 268 -20.92 22.05 -23.54
CA VAL D 268 -20.60 21.41 -24.79
C VAL D 268 -20.95 19.92 -24.73
N THR D 269 -21.53 19.40 -25.80
CA THR D 269 -21.92 18.00 -25.85
C THR D 269 -20.73 17.14 -26.24
N ILE D 270 -20.45 16.12 -25.43
CA ILE D 270 -19.35 15.22 -25.69
C ILE D 270 -19.83 13.78 -25.56
N ASN D 271 -19.97 13.11 -26.69
CA ASN D 271 -20.44 11.73 -26.72
C ASN D 271 -21.84 11.62 -26.13
N GLY D 272 -22.67 12.60 -26.44
CA GLY D 272 -24.04 12.60 -25.95
C GLY D 272 -24.15 13.19 -24.55
N SER D 273 -23.01 13.37 -23.89
CA SER D 273 -22.99 13.93 -22.54
C SER D 273 -22.80 15.44 -22.56
N VAL D 274 -23.67 16.14 -21.85
CA VAL D 274 -23.57 17.60 -21.77
C VAL D 274 -22.49 17.93 -20.75
N MET D 275 -21.42 18.58 -21.23
CA MET D 275 -20.30 18.95 -20.37
C MET D 275 -20.12 20.47 -20.30
N LYS D 276 -19.21 20.89 -19.43
CA LYS D 276 -18.89 22.31 -19.27
C LYS D 276 -17.37 22.40 -19.27
N GLU D 277 -16.84 23.50 -19.79
CA GLU D 277 -15.39 23.70 -19.84
C GLU D 277 -14.84 24.03 -18.47
N TYR D 278 -13.56 23.69 -18.27
CA TYR D 278 -12.90 23.95 -17.00
C TYR D 278 -11.40 23.86 -17.21
N TRP D 279 -10.70 24.95 -16.95
CA TRP D 279 -9.26 24.98 -17.10
C TRP D 279 -8.64 25.65 -15.88
N GLY D 280 -7.39 25.31 -15.59
CA GLY D 280 -6.73 25.90 -14.45
C GLY D 280 -6.21 27.31 -14.70
N GLU D 281 -5.90 28.02 -13.62
CA GLU D 281 -5.40 29.38 -13.70
C GLU D 281 -3.91 29.37 -14.06
N GLY D 282 -3.30 28.19 -13.96
CA GLY D 282 -1.89 28.07 -14.29
C GLY D 282 -1.73 27.50 -15.68
N SER D 283 -2.83 27.42 -16.42
CA SER D 283 -2.81 26.88 -17.79
C SER D 283 -2.53 28.02 -18.77
N SER D 284 -1.97 27.66 -19.93
CA SER D 284 -1.65 28.64 -20.95
C SER D 284 -2.92 29.16 -21.59
N ARG D 285 -3.37 30.32 -21.13
CA ARG D 285 -4.57 30.99 -21.63
C ARG D 285 -5.07 31.91 -20.51
N ALA D 286 -4.93 31.44 -19.28
CA ALA D 286 -5.33 32.22 -18.12
C ALA D 286 -4.13 33.07 -17.70
N ARG D 287 -2.93 32.52 -17.84
CA ARG D 287 -1.70 33.22 -17.48
C ARG D 287 -1.41 34.30 -18.52
N ASN D 288 -2.07 34.19 -19.68
CA ASN D 288 -1.88 35.13 -20.76
C ASN D 288 -3.12 35.97 -21.02
N TRP D 289 -3.83 36.35 -19.95
CA TRP D 289 -5.03 37.16 -20.09
C TRP D 289 -4.68 38.50 -20.72
N GLU D 304 1.41 24.61 -14.87
CA GLU D 304 0.80 24.50 -13.55
C GLU D 304 -0.50 23.71 -13.61
N GLY D 305 -1.29 23.94 -14.65
CA GLY D 305 -2.56 23.25 -14.79
C GLY D 305 -2.89 22.77 -16.18
N VAL D 306 -4.09 22.23 -16.35
CA VAL D 306 -4.53 21.70 -17.64
C VAL D 306 -5.88 22.28 -18.07
N ASP D 307 -6.39 21.79 -19.20
CA ASP D 307 -7.68 22.20 -19.74
C ASP D 307 -8.53 20.93 -19.80
N SER D 308 -9.85 21.06 -19.63
CA SER D 308 -10.71 19.89 -19.66
C SER D 308 -12.21 20.19 -19.59
N TYR D 309 -12.99 19.13 -19.40
CA TYR D 309 -14.44 19.26 -19.28
C TYR D 309 -14.91 18.56 -18.02
N VAL D 310 -16.04 19.00 -17.52
CA VAL D 310 -16.64 18.40 -16.33
C VAL D 310 -18.10 18.21 -16.70
N PRO D 311 -18.78 17.29 -16.02
CA PRO D 311 -20.20 17.08 -16.35
C PRO D 311 -21.08 18.25 -15.93
N TYR D 312 -22.06 18.58 -16.77
CA TYR D 312 -22.99 19.65 -16.46
C TYR D 312 -23.88 19.16 -15.34
N ALA D 313 -23.98 19.93 -14.27
CA ALA D 313 -24.78 19.51 -13.11
C ALA D 313 -26.06 20.29 -12.88
N GLY D 314 -26.30 21.34 -13.68
CA GLY D 314 -27.51 22.12 -13.51
C GLY D 314 -27.35 23.37 -12.67
N LYS D 315 -28.41 23.76 -11.96
CA LYS D 315 -28.39 24.96 -11.15
C LYS D 315 -27.64 24.79 -9.82
N LEU D 316 -26.89 25.82 -9.46
CA LEU D 316 -26.11 25.82 -8.23
C LEU D 316 -26.96 25.57 -7.00
N LYS D 317 -28.08 26.27 -6.89
CA LYS D 317 -28.96 26.13 -5.75
C LYS D 317 -29.36 24.68 -5.46
N ASP D 318 -29.76 23.94 -6.50
CA ASP D 318 -30.16 22.56 -6.31
C ASP D 318 -29.00 21.67 -5.86
N ASN D 319 -27.84 21.88 -6.46
CA ASN D 319 -26.67 21.08 -6.10
C ASN D 319 -26.17 21.36 -4.69
N VAL D 320 -25.99 22.63 -4.37
CA VAL D 320 -25.52 23.02 -3.04
C VAL D 320 -26.50 22.57 -1.95
N GLU D 321 -27.79 22.54 -2.28
CA GLU D 321 -28.81 22.13 -1.33
C GLU D 321 -28.63 20.64 -1.01
N ALA D 322 -28.51 19.83 -2.06
CA ALA D 322 -28.32 18.39 -1.89
C ALA D 322 -27.02 18.09 -1.13
N SER D 323 -25.92 18.68 -1.57
CA SER D 323 -24.63 18.47 -0.90
C SER D 323 -24.70 18.81 0.59
N LEU D 324 -25.17 20.01 0.90
CA LEU D 324 -25.26 20.46 2.27
C LEU D 324 -26.27 19.69 3.12
N ASN D 325 -27.31 19.14 2.49
CA ASN D 325 -28.26 18.35 3.26
C ASN D 325 -27.49 17.11 3.71
N LYS D 326 -26.71 16.54 2.80
CA LYS D 326 -25.92 15.36 3.11
C LYS D 326 -24.91 15.70 4.21
N VAL D 327 -24.28 16.86 4.12
CA VAL D 327 -23.31 17.28 5.12
C VAL D 327 -23.96 17.44 6.50
N LYS D 328 -25.12 18.08 6.54
CA LYS D 328 -25.83 18.31 7.80
C LYS D 328 -26.23 16.98 8.42
N SER D 329 -26.77 16.11 7.57
CA SER D 329 -27.20 14.80 8.01
C SER D 329 -26.02 14.06 8.64
N THR D 330 -24.90 14.02 7.94
CA THR D 330 -23.71 13.35 8.43
C THR D 330 -23.24 13.98 9.74
N MET D 331 -23.31 15.30 9.83
CA MET D 331 -22.89 15.96 11.05
C MET D 331 -23.67 15.41 12.23
N CYS D 332 -24.95 15.14 12.03
CA CYS D 332 -25.75 14.59 13.13
C CYS D 332 -25.38 13.15 13.45
N ASN D 333 -24.91 12.40 12.46
CA ASN D 333 -24.48 11.03 12.73
C ASN D 333 -23.31 11.16 13.72
N CYS D 334 -22.57 12.26 13.58
CA CYS D 334 -21.43 12.52 14.45
C CYS D 334 -21.84 13.28 15.71
N GLY D 335 -23.13 13.56 15.82
CA GLY D 335 -23.65 14.26 16.99
C GLY D 335 -23.31 15.74 17.06
N ALA D 336 -23.31 16.42 15.91
CA ALA D 336 -22.96 17.84 15.90
C ALA D 336 -24.02 18.71 15.23
N LEU D 337 -24.38 19.82 15.89
CA LEU D 337 -25.36 20.76 15.37
C LEU D 337 -24.70 21.99 14.75
N THR D 338 -23.39 22.13 14.98
CA THR D 338 -22.64 23.26 14.41
C THR D 338 -21.27 22.78 13.91
N ILE D 339 -20.65 23.60 13.06
CA ILE D 339 -19.36 23.23 12.53
C ILE D 339 -18.33 23.14 13.66
N PRO D 340 -18.33 24.10 14.60
CA PRO D 340 -17.36 24.02 15.71
C PRO D 340 -17.55 22.74 16.53
N GLN D 341 -18.80 22.30 16.67
CA GLN D 341 -19.06 21.07 17.40
C GLN D 341 -18.49 19.88 16.64
N LEU D 342 -18.69 19.87 15.32
CA LEU D 342 -18.19 18.79 14.48
C LEU D 342 -16.68 18.65 14.61
N GLN D 343 -15.99 19.79 14.54
CA GLN D 343 -14.54 19.82 14.63
C GLN D 343 -14.06 19.31 15.98
N SER D 344 -14.92 19.41 16.99
CA SER D 344 -14.56 18.96 18.33
C SER D 344 -14.89 17.49 18.59
N LYS D 345 -16.07 17.05 18.13
CA LYS D 345 -16.52 15.68 18.37
C LYS D 345 -16.21 14.61 17.31
N ALA D 346 -15.85 15.03 16.10
CA ALA D 346 -15.57 14.09 15.02
C ALA D 346 -14.53 13.03 15.31
N LYS D 347 -14.86 11.79 14.95
CA LYS D 347 -13.96 10.66 15.13
C LYS D 347 -13.57 10.28 13.70
N ILE D 348 -12.31 10.55 13.36
CA ILE D 348 -11.79 10.32 12.02
C ILE D 348 -10.77 9.19 11.93
N THR D 349 -11.02 8.24 11.02
CA THR D 349 -10.13 7.11 10.85
C THR D 349 -9.54 7.00 9.44
N LEU D 350 -8.29 6.58 9.38
CA LEU D 350 -7.65 6.36 8.08
C LEU D 350 -8.17 5.00 7.64
N VAL D 351 -8.16 4.76 6.35
CA VAL D 351 -8.62 3.49 5.81
C VAL D 351 -7.40 2.87 5.12
N SER D 352 -7.27 1.56 5.19
CA SER D 352 -6.15 0.87 4.55
C SER D 352 -6.19 1.06 3.05
N SER D 353 -5.03 1.02 2.41
CA SER D 353 -4.94 1.18 0.97
C SER D 353 -5.70 0.08 0.25
N VAL D 354 -5.67 -1.12 0.82
CA VAL D 354 -6.39 -2.26 0.23
C VAL D 354 -7.88 -1.96 0.20
N SER D 355 -8.40 -1.41 1.28
CA SER D 355 -9.82 -1.05 1.38
C SER D 355 -10.21 -0.12 0.24
N ILE D 356 -9.37 0.89 0.00
CA ILE D 356 -9.63 1.86 -1.07
C ILE D 356 -9.61 1.17 -2.42
N VAL D 357 -8.59 0.35 -2.67
CA VAL D 357 -8.50 -0.38 -3.92
C VAL D 357 -9.68 -1.34 -3.95
N GLU D 358 -10.54 -1.20 -2.94
CA GLU D 358 -11.74 -2.01 -2.75
C GLU D 358 -11.53 -3.51 -2.95
#